data_3S6J
#
_entry.id   3S6J
#
_cell.length_a   69.535
_cell.length_b   74.887
_cell.length_c   75.113
_cell.angle_alpha   59.77
_cell.angle_beta   67.49
_cell.angle_gamma   88.00
#
_symmetry.space_group_name_H-M   'P 1'
#
loop_
_entity.id
_entity.type
_entity.pdbx_description
1 polymer 'Hydrolase, haloacid dehalogenase-like family'
2 non-polymer 'CALCIUM ION'
3 water water
#
_entity_poly.entity_id   1
_entity_poly.type   'polypeptide(L)'
_entity_poly.pdbx_seq_one_letter_code
;(MSE)SLRPQTSFIFDLDGTLTDSVYQNVAAWKEALDAENIPLA(MSE)WRIHRKIG(MSE)SGGL(MSE)LKSLSRETG
(MSE)SITDEQAERLSEKHAQAYERLQHQIIALPGAVELLETLDKENLKWCIATSGGIDTATINLKALKLDINKINIVTR
DDVSYGKPDPDLFLAAAKKIGAPIDECLVIGDAIWD(MSE)LAARRCKATGVGLLSGGYDIGELERAGALRVYEDPLDLL
NHLDEIASREGHHHHHH
;
_entity_poly.pdbx_strand_id   A,B,C,D,E,F
#
loop_
_chem_comp.id
_chem_comp.type
_chem_comp.name
_chem_comp.formula
CA non-polymer 'CALCIUM ION' 'Ca 2'
#
# COMPACT_ATOMS: atom_id res chain seq x y z
N PRO A 5 -12.55 -51.98 -14.16
CA PRO A 5 -12.54 -50.52 -14.28
C PRO A 5 -11.14 -49.97 -14.58
N GLN A 6 -10.97 -49.39 -15.76
CA GLN A 6 -9.71 -48.73 -16.12
C GLN A 6 -9.56 -47.36 -15.44
N THR A 7 -8.33 -47.06 -15.06
CA THR A 7 -7.98 -45.79 -14.43
C THR A 7 -8.13 -44.58 -15.36
N SER A 8 -8.62 -43.47 -14.80
CA SER A 8 -8.58 -42.19 -15.49
C SER A 8 -7.63 -41.27 -14.72
N PHE A 9 -7.02 -40.32 -15.44
CA PHE A 9 -5.91 -39.55 -14.90
C PHE A 9 -6.19 -38.05 -14.87
N ILE A 10 -5.99 -37.45 -13.70
CA ILE A 10 -6.07 -36.01 -13.54
C ILE A 10 -4.68 -35.50 -13.17
N PHE A 11 -4.10 -34.70 -14.06
CA PHE A 11 -2.74 -34.20 -13.93
C PHE A 11 -2.78 -32.75 -13.51
N ASP A 12 -1.96 -32.45 -12.52
CA ASP A 12 -1.48 -31.10 -12.31
C ASP A 12 -0.58 -30.76 -13.50
N LEU A 13 -0.38 -29.48 -13.75
CA LEU A 13 0.39 -29.05 -14.92
C LEU A 13 1.75 -28.49 -14.54
N ASP A 14 1.68 -27.37 -13.84
CA ASP A 14 2.82 -26.60 -13.40
C ASP A 14 3.68 -27.38 -12.38
N GLY A 15 4.79 -27.99 -12.82
CA GLY A 15 5.67 -28.74 -11.92
C GLY A 15 5.48 -30.26 -11.97
N THR A 16 4.44 -30.68 -12.69
CA THR A 16 4.07 -32.08 -12.78
C THR A 16 4.40 -32.56 -14.19
N LEU A 17 3.96 -31.81 -15.20
CA LEU A 17 4.24 -32.09 -16.60
C LEU A 17 5.26 -31.10 -17.18
N THR A 18 5.25 -29.86 -16.69
CA THR A 18 6.24 -28.87 -17.08
C THR A 18 7.09 -28.46 -15.89
N ASP A 19 8.33 -28.11 -16.16
CA ASP A 19 9.26 -27.70 -15.13
C ASP A 19 9.17 -26.19 -15.01
N SER A 20 8.16 -25.73 -14.27
CA SER A 20 7.84 -24.30 -14.18
C SER A 20 7.65 -23.81 -12.76
N VAL A 21 7.74 -24.71 -11.78
CA VAL A 21 7.52 -24.27 -10.41
C VAL A 21 8.53 -23.19 -10.00
N TYR A 22 9.79 -23.34 -10.41
CA TYR A 22 10.77 -22.32 -10.08
C TYR A 22 10.54 -20.98 -10.80
N GLN A 23 9.94 -21.02 -11.99
CA GLN A 23 9.66 -19.76 -12.67
C GLN A 23 8.48 -19.12 -11.96
N ASN A 24 7.57 -19.95 -11.47
CA ASN A 24 6.40 -19.48 -10.78
C ASN A 24 6.81 -18.80 -9.48
N VAL A 25 7.70 -19.44 -8.73
CA VAL A 25 8.28 -18.85 -7.52
C VAL A 25 8.93 -17.50 -7.83
N ALA A 26 9.71 -17.45 -8.91
CA ALA A 26 10.46 -16.25 -9.27
C ALA A 26 9.55 -15.10 -9.70
N ALA A 27 8.42 -15.43 -10.32
CA ALA A 27 7.46 -14.41 -10.74
C ALA A 27 6.69 -13.85 -9.54
N TRP A 28 6.47 -14.70 -8.55
CA TRP A 28 5.80 -14.26 -7.32
C TRP A 28 6.71 -13.32 -6.54
N LYS A 29 7.98 -13.66 -6.49
CA LYS A 29 8.96 -12.86 -5.77
C LYS A 29 9.14 -11.49 -6.41
N GLU A 30 9.12 -11.45 -7.74
CA GLU A 30 9.26 -10.19 -8.48
C GLU A 30 8.08 -9.28 -8.16
N ALA A 31 6.90 -9.88 -8.13
CA ALA A 31 5.65 -9.20 -7.84
C ALA A 31 5.58 -8.70 -6.39
N LEU A 32 6.03 -9.55 -5.47
CA LEU A 32 6.07 -9.18 -4.05
C LEU A 32 7.02 -8.01 -3.80
N ASP A 33 8.22 -8.06 -4.34
CA ASP A 33 9.17 -6.98 -4.08
C ASP A 33 8.70 -5.63 -4.64
N ALA A 34 8.07 -5.66 -5.81
CA ALA A 34 7.52 -4.47 -6.41
C ALA A 34 6.51 -3.81 -5.46
N GLU A 35 5.87 -4.62 -4.63
CA GLU A 35 4.91 -4.11 -3.67
C GLU A 35 5.57 -3.98 -2.31
N ASN A 36 6.89 -4.08 -2.30
CA ASN A 36 7.68 -4.02 -1.07
C ASN A 36 7.08 -4.89 0.02
N ILE A 37 6.76 -6.13 -0.34
CA ILE A 37 6.35 -7.14 0.63
C ILE A 37 7.44 -8.19 0.75
N PRO A 38 8.25 -8.13 1.80
CA PRO A 38 9.36 -9.08 1.96
C PRO A 38 8.86 -10.49 2.25
N LEU A 39 9.42 -11.49 1.58
CA LEU A 39 9.06 -12.88 1.85
C LEU A 39 10.11 -13.85 1.30
N ALA A 40 10.58 -14.77 2.14
CA ALA A 40 11.60 -15.72 1.70
C ALA A 40 11.10 -16.63 0.57
N MSE A 41 12.01 -17.01 -0.34
CA MSE A 41 11.65 -17.86 -1.49
C MSE A 41 11.00 -19.20 -1.07
O MSE A 41 10.04 -19.64 -1.69
CB MSE A 41 12.87 -18.18 -2.36
CG MSE A 41 13.68 -17.01 -2.85
SE MSE A 41 12.77 -16.09 -4.30
CE MSE A 41 13.06 -17.30 -5.79
N TRP A 42 11.58 -19.86 -0.07
CA TRP A 42 11.06 -21.15 0.39
C TRP A 42 9.56 -21.04 0.78
N ARG A 43 9.18 -19.95 1.43
CA ARG A 43 7.78 -19.75 1.83
C ARG A 43 6.87 -19.63 0.61
N ILE A 44 7.32 -18.86 -0.37
CA ILE A 44 6.60 -18.77 -1.63
C ILE A 44 6.47 -20.16 -2.25
N HIS A 45 7.57 -20.87 -2.31
CA HIS A 45 7.63 -22.20 -2.93
C HIS A 45 6.62 -23.16 -2.30
N ARG A 46 6.56 -23.15 -0.97
CA ARG A 46 5.63 -24.01 -0.24
C ARG A 46 4.18 -23.84 -0.70
N LYS A 47 3.87 -22.68 -1.25
CA LYS A 47 2.48 -22.38 -1.61
C LYS A 47 2.11 -22.66 -3.07
N ILE A 48 3.09 -22.69 -3.95
CA ILE A 48 2.80 -22.89 -5.36
C ILE A 48 1.90 -24.11 -5.54
N GLY A 49 0.78 -23.90 -6.22
CA GLY A 49 -0.24 -24.93 -6.34
C GLY A 49 -1.57 -24.56 -5.70
N MSE A 50 -1.56 -23.62 -4.74
CA MSE A 50 -2.81 -23.03 -4.25
C MSE A 50 -3.30 -22.02 -5.26
O MSE A 50 -2.54 -21.63 -6.15
CB MSE A 50 -2.61 -22.32 -2.92
CG MSE A 50 -1.97 -23.15 -1.83
SE MSE A 50 -1.99 -22.20 -0.10
CE MSE A 50 -0.83 -20.76 -0.57
N SER A 51 -4.54 -21.56 -5.12
CA SER A 51 -4.98 -20.46 -5.98
C SER A 51 -4.28 -19.20 -5.50
N GLY A 52 -4.10 -18.24 -6.40
CA GLY A 52 -3.59 -16.93 -6.01
C GLY A 52 -4.26 -16.29 -4.78
N GLY A 53 -5.56 -16.54 -4.58
CA GLY A 53 -6.29 -15.94 -3.48
C GLY A 53 -5.97 -16.54 -2.12
N LEU A 54 -6.02 -17.86 -2.06
CA LEU A 54 -5.58 -18.63 -0.91
C LEU A 54 -4.11 -18.34 -0.63
N MSE A 55 -3.33 -18.33 -1.69
CA MSE A 55 -1.90 -18.10 -1.57
C MSE A 55 -1.59 -16.87 -0.74
O MSE A 55 -0.97 -16.94 0.31
CB MSE A 55 -1.26 -17.99 -2.94
CG MSE A 55 -0.72 -19.30 -3.45
SE MSE A 55 0.89 -19.01 -4.52
CE MSE A 55 1.37 -17.26 -3.77
N LEU A 56 -2.04 -15.73 -1.24
CA LEU A 56 -1.76 -14.45 -0.62
C LEU A 56 -2.38 -14.36 0.76
N LYS A 57 -3.60 -14.87 0.87
CA LYS A 57 -4.30 -14.96 2.15
C LYS A 57 -3.42 -15.71 3.15
N SER A 58 -3.13 -16.97 2.83
CA SER A 58 -2.27 -17.83 3.63
C SER A 58 -0.91 -17.17 3.93
N LEU A 59 -0.41 -16.40 2.96
CA LEU A 59 0.86 -15.69 3.10
C LEU A 59 0.86 -14.71 4.26
N SER A 60 -0.17 -13.85 4.30
CA SER A 60 -0.31 -12.84 5.34
C SER A 60 -0.21 -13.42 6.74
N ARG A 61 -1.04 -14.41 7.01
CA ARG A 61 -0.99 -15.09 8.30
C ARG A 61 0.44 -15.37 8.71
N GLU A 62 1.20 -16.01 7.84
CA GLU A 62 2.55 -16.44 8.17
C GLU A 62 3.48 -15.26 8.51
N ILE A 67 -2.94 -8.27 3.47
CA ILE A 67 -2.88 -7.92 2.04
C ILE A 67 -4.25 -7.49 1.51
N THR A 68 -4.33 -6.22 1.17
CA THR A 68 -5.53 -5.63 0.63
C THR A 68 -5.99 -6.33 -0.65
N ASP A 69 -7.26 -6.15 -1.03
CA ASP A 69 -7.77 -6.66 -2.31
C ASP A 69 -7.19 -5.91 -3.49
N GLU A 70 -7.16 -4.58 -3.36
CA GLU A 70 -6.47 -3.70 -4.28
C GLU A 70 -5.04 -4.22 -4.51
N GLN A 71 -4.28 -4.28 -3.42
CA GLN A 71 -2.94 -4.88 -3.40
C GLN A 71 -2.91 -6.28 -4.02
N ALA A 72 -3.86 -7.13 -3.65
CA ALA A 72 -3.93 -8.50 -4.14
C ALA A 72 -4.04 -8.56 -5.66
N GLU A 73 -4.81 -7.65 -6.24
CA GLU A 73 -5.06 -7.67 -7.66
C GLU A 73 -3.83 -7.16 -8.43
N ARG A 74 -3.10 -6.24 -7.82
CA ARG A 74 -1.87 -5.74 -8.41
C ARG A 74 -0.85 -6.87 -8.50
N LEU A 75 -0.78 -7.66 -7.42
CA LEU A 75 0.13 -8.79 -7.30
C LEU A 75 -0.21 -9.89 -8.30
N SER A 76 -1.50 -10.18 -8.45
CA SER A 76 -1.95 -11.19 -9.40
C SER A 76 -1.55 -10.83 -10.84
N GLU A 77 -1.73 -9.56 -11.20
CA GLU A 77 -1.39 -9.05 -12.53
C GLU A 77 0.11 -8.93 -12.73
N LYS A 78 0.81 -8.57 -11.66
CA LYS A 78 2.26 -8.41 -11.73
C LYS A 78 2.90 -9.79 -11.89
N HIS A 79 2.35 -10.76 -11.17
CA HIS A 79 2.81 -12.14 -11.26
C HIS A 79 2.58 -12.69 -12.67
N ALA A 80 1.41 -12.41 -13.24
CA ALA A 80 1.06 -12.94 -14.56
C ALA A 80 1.95 -12.37 -15.65
N GLN A 81 2.32 -11.09 -15.50
CA GLN A 81 3.23 -10.45 -16.45
C GLN A 81 4.64 -10.99 -16.30
N ALA A 82 5.09 -11.16 -15.06
CA ALA A 82 6.42 -11.68 -14.78
C ALA A 82 6.55 -13.14 -15.24
N TYR A 83 5.49 -13.92 -15.05
CA TYR A 83 5.48 -15.31 -15.50
C TYR A 83 5.53 -15.43 -17.01
N GLU A 84 4.88 -14.50 -17.70
CA GLU A 84 4.94 -14.45 -19.14
C GLU A 84 6.37 -14.21 -19.60
N ARG A 85 7.05 -13.27 -18.96
CA ARG A 85 8.42 -12.96 -19.36
C ARG A 85 9.33 -14.18 -19.27
N LEU A 86 8.92 -15.16 -18.45
CA LEU A 86 9.75 -16.34 -18.21
C LEU A 86 9.32 -17.54 -19.04
N GLN A 87 8.35 -17.35 -19.92
CA GLN A 87 7.81 -18.50 -20.65
C GLN A 87 8.85 -19.31 -21.42
N HIS A 88 9.85 -18.64 -22.00
CA HIS A 88 10.84 -19.34 -22.82
C HIS A 88 11.73 -20.27 -22.01
N GLN A 89 11.78 -20.04 -20.71
CA GLN A 89 12.64 -20.84 -19.86
C GLN A 89 11.99 -22.17 -19.49
N ILE A 90 10.67 -22.29 -19.72
CA ILE A 90 9.92 -23.48 -19.35
C ILE A 90 10.02 -24.64 -20.37
N ILE A 91 10.35 -25.84 -19.91
CA ILE A 91 10.28 -27.02 -20.79
C ILE A 91 9.61 -28.23 -20.14
N ALA A 92 9.06 -29.10 -20.98
CA ALA A 92 8.51 -30.36 -20.55
C ALA A 92 9.47 -31.08 -19.60
N LEU A 93 8.90 -31.78 -18.62
CA LEU A 93 9.69 -32.63 -17.75
C LEU A 93 9.87 -33.98 -18.43
N PRO A 94 10.98 -34.68 -18.16
CA PRO A 94 11.22 -35.94 -18.86
C PRO A 94 10.02 -36.88 -18.78
N GLY A 95 9.68 -37.55 -19.89
CA GLY A 95 8.59 -38.51 -19.89
C GLY A 95 7.18 -37.94 -19.95
N ALA A 96 7.02 -36.63 -19.73
CA ALA A 96 5.68 -36.05 -19.72
C ALA A 96 4.96 -36.26 -21.07
N VAL A 97 5.61 -35.91 -22.17
CA VAL A 97 4.99 -36.10 -23.48
C VAL A 97 4.70 -37.57 -23.78
N GLU A 98 5.67 -38.43 -23.49
CA GLU A 98 5.53 -39.86 -23.72
C GLU A 98 4.41 -40.48 -22.90
N LEU A 99 4.31 -40.06 -21.63
CA LEU A 99 3.24 -40.51 -20.72
C LEU A 99 1.83 -40.16 -21.25
N LEU A 100 1.62 -38.90 -21.61
CA LEU A 100 0.35 -38.53 -22.19
C LEU A 100 0.04 -39.33 -23.47
N GLU A 101 1.06 -39.56 -24.31
CA GLU A 101 0.89 -40.30 -25.58
C GLU A 101 0.62 -41.77 -25.34
N THR A 102 1.32 -42.34 -24.37
CA THR A 102 1.07 -43.70 -23.90
C THR A 102 -0.37 -43.92 -23.39
N LEU A 103 -0.87 -42.97 -22.60
CA LEU A 103 -2.27 -42.94 -22.18
C LEU A 103 -3.24 -42.90 -23.38
N ASP A 104 -3.00 -41.99 -24.32
CA ASP A 104 -3.81 -41.92 -25.53
C ASP A 104 -3.79 -43.25 -26.26
N LYS A 105 -2.60 -43.72 -26.57
CA LYS A 105 -2.40 -45.00 -27.25
C LYS A 105 -3.22 -46.10 -26.58
N GLU A 106 -3.23 -46.11 -25.24
CA GLU A 106 -3.98 -47.11 -24.50
C GLU A 106 -5.43 -46.76 -24.23
N ASN A 107 -5.92 -45.70 -24.85
CA ASN A 107 -7.31 -45.26 -24.65
C ASN A 107 -7.69 -44.98 -23.16
N LEU A 108 -6.70 -44.61 -22.37
CA LEU A 108 -6.93 -44.16 -20.99
C LEU A 108 -7.21 -42.65 -20.93
N LYS A 109 -8.34 -42.27 -20.34
CA LYS A 109 -8.75 -40.86 -20.34
C LYS A 109 -7.89 -40.06 -19.39
N TRP A 110 -7.55 -38.84 -19.77
CA TRP A 110 -6.88 -37.91 -18.86
C TRP A 110 -7.39 -36.48 -18.99
N CYS A 111 -7.19 -35.69 -17.94
CA CYS A 111 -7.54 -34.28 -17.92
C CYS A 111 -6.52 -33.51 -17.09
N ILE A 112 -6.20 -32.30 -17.51
CA ILE A 112 -5.29 -31.45 -16.77
C ILE A 112 -6.13 -30.53 -15.93
N ALA A 113 -5.63 -30.22 -14.73
CA ALA A 113 -6.37 -29.45 -13.75
C ALA A 113 -5.38 -28.58 -13.01
N THR A 114 -5.46 -27.27 -13.22
CA THR A 114 -4.48 -26.33 -12.66
C THR A 114 -5.16 -25.22 -11.86
N SER A 115 -4.48 -24.75 -10.81
CA SER A 115 -4.96 -23.61 -9.98
C SER A 115 -4.70 -22.29 -10.66
N GLY A 116 -3.95 -22.30 -11.75
CA GLY A 116 -3.66 -21.07 -12.46
C GLY A 116 -4.79 -20.75 -13.41
N GLY A 117 -4.76 -19.57 -14.00
CA GLY A 117 -5.75 -19.19 -15.01
C GLY A 117 -5.35 -19.68 -16.39
N ILE A 118 -6.10 -19.27 -17.39
CA ILE A 118 -5.87 -19.63 -18.78
C ILE A 118 -4.52 -19.16 -19.28
N ASP A 119 -4.06 -18.01 -18.79
CA ASP A 119 -2.83 -17.39 -19.26
C ASP A 119 -1.58 -18.17 -18.85
N THR A 120 -1.44 -18.50 -17.57
CA THR A 120 -0.31 -19.34 -17.17
C THR A 120 -0.44 -20.75 -17.78
N ALA A 121 -1.65 -21.29 -17.81
CA ALA A 121 -1.85 -22.62 -18.37
C ALA A 121 -1.34 -22.68 -19.82
N THR A 122 -1.77 -21.72 -20.63
CA THR A 122 -1.41 -21.69 -22.06
C THR A 122 0.09 -21.71 -22.25
N ILE A 123 0.79 -20.83 -21.52
CA ILE A 123 2.24 -20.82 -21.51
C ILE A 123 2.84 -22.18 -21.18
N ASN A 124 2.27 -22.86 -20.19
CA ASN A 124 2.82 -24.16 -19.80
C ASN A 124 2.52 -25.23 -20.86
N LEU A 125 1.35 -25.15 -21.48
CA LEU A 125 0.93 -26.14 -22.48
C LEU A 125 1.76 -26.06 -23.75
N LYS A 126 2.28 -24.87 -24.05
CA LYS A 126 3.14 -24.67 -25.21
C LYS A 126 4.38 -25.56 -25.13
N ALA A 127 4.87 -25.79 -23.91
CA ALA A 127 6.07 -26.62 -23.70
C ALA A 127 5.78 -28.08 -23.97
N LEU A 128 4.50 -28.44 -23.90
CA LEU A 128 4.06 -29.79 -24.19
C LEU A 128 3.61 -29.84 -25.65
N LYS A 129 3.63 -28.67 -26.28
CA LYS A 129 3.03 -28.50 -27.58
C LYS A 129 1.57 -28.98 -27.60
N LEU A 130 0.80 -28.52 -26.62
CA LEU A 130 -0.60 -28.89 -26.54
C LEU A 130 -1.45 -27.68 -26.90
N ASP A 131 -2.56 -27.92 -27.58
CA ASP A 131 -3.51 -26.86 -27.88
C ASP A 131 -4.57 -26.85 -26.78
N ILE A 132 -4.64 -25.76 -26.02
CA ILE A 132 -5.55 -25.71 -24.86
C ILE A 132 -6.99 -26.02 -25.25
N ASN A 133 -7.34 -25.73 -26.50
CA ASN A 133 -8.70 -25.94 -27.01
C ASN A 133 -8.84 -27.30 -27.67
N LYS A 134 -7.76 -28.05 -27.70
CA LYS A 134 -7.77 -29.38 -28.30
C LYS A 134 -7.57 -30.50 -27.29
N ILE A 135 -7.60 -30.17 -26.01
CA ILE A 135 -7.38 -31.15 -24.93
C ILE A 135 -8.38 -30.97 -23.77
N ASN A 136 -8.47 -31.97 -22.91
CA ASN A 136 -9.23 -31.84 -21.67
C ASN A 136 -8.42 -31.10 -20.61
N ILE A 137 -8.88 -29.89 -20.25
CA ILE A 137 -8.20 -29.12 -19.22
C ILE A 137 -9.21 -28.30 -18.43
N VAL A 138 -8.87 -28.07 -17.17
CA VAL A 138 -9.68 -27.28 -16.28
C VAL A 138 -8.75 -26.33 -15.55
N THR A 139 -9.11 -25.05 -15.54
CA THR A 139 -8.31 -24.03 -14.88
C THR A 139 -9.06 -23.31 -13.77
N ARG A 140 -8.35 -22.45 -13.07
CA ARG A 140 -8.92 -21.61 -12.00
C ARG A 140 -10.08 -20.74 -12.50
N ASP A 141 -10.13 -20.52 -13.80
CA ASP A 141 -11.20 -19.74 -14.41
C ASP A 141 -12.50 -20.53 -14.56
N ASP A 142 -12.45 -21.84 -14.35
CA ASP A 142 -13.62 -22.72 -14.47
C ASP A 142 -14.24 -23.16 -13.14
N VAL A 143 -13.68 -22.71 -12.02
CA VAL A 143 -14.23 -23.09 -10.71
C VAL A 143 -14.27 -21.94 -9.70
N SER A 144 -14.84 -22.20 -8.54
CA SER A 144 -14.89 -21.19 -7.48
C SER A 144 -13.59 -21.09 -6.69
N TYR A 145 -13.01 -22.23 -6.33
CA TYR A 145 -11.80 -22.27 -5.52
C TYR A 145 -10.76 -23.18 -6.10
N GLY A 146 -9.49 -22.81 -5.92
CA GLY A 146 -8.39 -23.65 -6.34
C GLY A 146 -7.97 -24.59 -5.22
N LYS A 147 -6.89 -25.32 -5.47
CA LYS A 147 -6.40 -26.28 -4.50
C LYS A 147 -6.03 -25.60 -3.19
N PRO A 148 -6.16 -26.31 -2.06
CA PRO A 148 -6.47 -27.74 -1.89
C PRO A 148 -7.94 -28.04 -1.92
N ASP A 149 -8.79 -27.07 -2.24
CA ASP A 149 -10.19 -27.38 -2.43
C ASP A 149 -10.26 -28.36 -3.59
N PRO A 150 -11.11 -29.39 -3.47
CA PRO A 150 -11.35 -30.45 -4.46
C PRO A 150 -12.07 -30.00 -5.73
N ASP A 151 -12.36 -28.71 -5.87
CA ASP A 151 -13.21 -28.23 -6.98
C ASP A 151 -12.69 -28.62 -8.34
N LEU A 152 -11.42 -28.31 -8.60
CA LEU A 152 -10.79 -28.54 -9.91
C LEU A 152 -10.82 -30.01 -10.30
N PHE A 153 -10.48 -30.87 -9.34
CA PHE A 153 -10.40 -32.31 -9.59
C PHE A 153 -11.79 -32.87 -9.86
N LEU A 154 -12.77 -32.31 -9.18
CA LEU A 154 -14.16 -32.66 -9.44
C LEU A 154 -14.60 -32.18 -10.81
N ALA A 155 -14.18 -30.99 -11.18
CA ALA A 155 -14.46 -30.49 -12.52
C ALA A 155 -13.85 -31.43 -13.54
N ALA A 156 -12.58 -31.76 -13.32
CA ALA A 156 -11.80 -32.60 -14.23
C ALA A 156 -12.41 -33.99 -14.45
N ALA A 157 -12.84 -34.61 -13.35
CA ALA A 157 -13.49 -35.92 -13.45
C ALA A 157 -14.77 -35.82 -14.26
N LYS A 158 -15.52 -34.74 -14.05
CA LYS A 158 -16.76 -34.51 -14.78
C LYS A 158 -16.52 -34.34 -16.28
N LYS A 159 -15.46 -33.60 -16.60
CA LYS A 159 -15.14 -33.29 -17.98
C LYS A 159 -14.74 -34.53 -18.77
N ILE A 160 -14.22 -35.55 -18.10
CA ILE A 160 -13.87 -36.79 -18.79
C ILE A 160 -14.87 -37.92 -18.54
N GLY A 161 -15.96 -37.62 -17.86
CA GLY A 161 -17.02 -38.58 -17.63
C GLY A 161 -16.59 -39.79 -16.81
N ALA A 162 -15.85 -39.56 -15.74
CA ALA A 162 -15.41 -40.65 -14.86
C ALA A 162 -15.69 -40.30 -13.41
N PRO A 163 -16.01 -41.33 -12.59
CA PRO A 163 -16.22 -41.12 -11.16
C PRO A 163 -14.89 -40.70 -10.55
N ILE A 164 -14.92 -39.70 -9.66
CA ILE A 164 -13.70 -39.16 -9.06
C ILE A 164 -13.00 -40.28 -8.30
N ASP A 165 -13.79 -41.30 -7.99
CA ASP A 165 -13.34 -42.45 -7.22
C ASP A 165 -12.50 -43.43 -8.00
N GLU A 166 -12.49 -43.27 -9.31
CA GLU A 166 -11.73 -44.16 -10.16
C GLU A 166 -10.63 -43.35 -10.80
N CYS A 167 -10.33 -42.20 -10.22
CA CYS A 167 -9.29 -41.35 -10.76
C CYS A 167 -8.01 -41.38 -9.94
N LEU A 168 -6.90 -41.34 -10.67
CA LEU A 168 -5.56 -41.03 -10.15
C LEU A 168 -5.31 -39.55 -10.27
N VAL A 169 -5.11 -38.87 -9.15
CA VAL A 169 -4.59 -37.51 -9.23
C VAL A 169 -3.06 -37.53 -9.23
N ILE A 170 -2.46 -36.92 -10.24
CA ILE A 170 -1.01 -36.85 -10.34
C ILE A 170 -0.56 -35.41 -10.14
N GLY A 171 0.11 -35.16 -9.02
CA GLY A 171 0.55 -33.82 -8.70
C GLY A 171 1.91 -33.80 -8.07
N ASP A 172 2.45 -32.60 -7.90
CA ASP A 172 3.79 -32.44 -7.38
C ASP A 172 3.75 -31.74 -6.04
N ALA A 173 2.57 -31.23 -5.67
CA ALA A 173 2.50 -30.40 -4.48
C ALA A 173 1.64 -31.03 -3.39
N ILE A 174 1.89 -30.60 -2.18
CA ILE A 174 1.07 -30.95 -1.04
C ILE A 174 -0.40 -30.62 -1.30
N TRP A 175 -0.67 -29.49 -1.93
CA TRP A 175 -2.04 -29.05 -2.26
C TRP A 175 -2.79 -29.99 -3.22
N ASP A 176 -2.06 -30.59 -4.17
CA ASP A 176 -2.63 -31.61 -5.03
C ASP A 176 -3.05 -32.81 -4.21
N MSE A 177 -2.16 -33.25 -3.33
CA MSE A 177 -2.36 -34.47 -2.55
C MSE A 177 -3.53 -34.29 -1.60
O MSE A 177 -4.36 -35.17 -1.46
CB MSE A 177 -1.08 -34.87 -1.78
CG MSE A 177 0.12 -35.18 -2.68
SE MSE A 177 -0.13 -36.72 -3.91
CE MSE A 177 -0.84 -35.77 -5.48
N LEU A 178 -3.57 -33.11 -0.96
CA LEU A 178 -4.65 -32.74 -0.04
C LEU A 178 -6.00 -32.76 -0.75
N ALA A 179 -6.11 -32.04 -1.87
CA ALA A 179 -7.33 -32.03 -2.68
C ALA A 179 -7.76 -33.44 -3.13
N ALA A 180 -6.79 -34.27 -3.54
CA ALA A 180 -7.08 -35.65 -3.94
C ALA A 180 -7.78 -36.41 -2.81
N ARG A 181 -7.19 -36.37 -1.62
CA ARG A 181 -7.77 -37.10 -0.49
C ARG A 181 -9.12 -36.49 -0.11
N ARG A 182 -9.22 -35.17 -0.22
CA ARG A 182 -10.46 -34.50 0.14
C ARG A 182 -11.65 -34.90 -0.75
N CYS A 183 -11.37 -35.40 -1.96
CA CYS A 183 -12.43 -35.97 -2.78
C CYS A 183 -12.30 -37.49 -2.96
N LYS A 184 -11.56 -38.12 -2.06
CA LYS A 184 -11.43 -39.57 -2.03
C LYS A 184 -10.77 -40.15 -3.31
N ALA A 185 -9.95 -39.36 -4.00
CA ALA A 185 -9.19 -39.86 -5.14
C ALA A 185 -7.87 -40.46 -4.67
N THR A 186 -7.30 -41.36 -5.48
CA THR A 186 -5.99 -41.88 -5.16
C THR A 186 -4.93 -40.86 -5.66
N GLY A 187 -3.98 -40.49 -4.80
CA GLY A 187 -3.04 -39.44 -5.12
C GLY A 187 -1.62 -39.96 -5.31
N VAL A 188 -0.93 -39.47 -6.34
CA VAL A 188 0.46 -39.85 -6.59
C VAL A 188 1.32 -38.62 -6.68
N GLY A 189 2.42 -38.61 -5.95
CA GLY A 189 3.23 -37.42 -5.86
C GLY A 189 4.45 -37.48 -6.74
N LEU A 190 4.80 -36.35 -7.36
CA LEU A 190 6.03 -36.22 -8.15
C LEU A 190 7.00 -35.25 -7.48
N LEU A 191 8.29 -35.60 -7.48
CA LEU A 191 9.32 -34.80 -6.82
C LEU A 191 9.71 -33.56 -7.65
N SER A 192 9.20 -33.49 -8.88
CA SER A 192 9.69 -32.54 -9.89
C SER A 192 9.22 -31.12 -9.62
N GLY A 193 8.45 -30.96 -8.54
CA GLY A 193 7.97 -29.64 -8.13
C GLY A 193 8.82 -29.11 -6.98
N GLY A 194 9.80 -29.89 -6.57
CA GLY A 194 10.62 -29.53 -5.43
C GLY A 194 10.02 -29.83 -4.05
N TYR A 195 8.86 -30.47 -3.94
CA TYR A 195 8.40 -30.96 -2.62
C TYR A 195 9.10 -32.30 -2.30
N ASP A 196 9.35 -32.61 -1.02
CA ASP A 196 10.01 -33.89 -0.69
C ASP A 196 9.03 -35.04 -0.53
N ILE A 197 9.56 -36.26 -0.52
CA ILE A 197 8.74 -37.45 -0.41
C ILE A 197 7.95 -37.46 0.90
N GLY A 198 8.60 -37.02 1.99
CA GLY A 198 7.94 -36.92 3.28
C GLY A 198 6.71 -36.00 3.26
N GLU A 199 6.87 -34.79 2.72
CA GLU A 199 5.75 -33.85 2.54
C GLU A 199 4.61 -34.45 1.74
N LEU A 200 4.93 -34.95 0.54
CA LEU A 200 3.91 -35.53 -0.32
C LEU A 200 3.13 -36.67 0.35
N GLU A 201 3.85 -37.59 1.01
CA GLU A 201 3.21 -38.69 1.74
C GLU A 201 2.34 -38.23 2.93
N ARG A 202 2.81 -37.26 3.70
CA ARG A 202 2.02 -36.78 4.81
C ARG A 202 0.78 -36.01 4.36
N ALA A 203 0.77 -35.52 3.12
CA ALA A 203 -0.43 -34.89 2.54
C ALA A 203 -1.32 -35.91 1.81
N GLY A 204 -0.94 -37.18 1.81
CA GLY A 204 -1.81 -38.21 1.28
C GLY A 204 -1.32 -39.00 0.07
N ALA A 205 -0.14 -38.71 -0.44
CA ALA A 205 0.35 -39.44 -1.62
C ALA A 205 0.51 -40.93 -1.29
N LEU A 206 0.03 -41.78 -2.20
CA LEU A 206 0.03 -43.22 -2.00
C LEU A 206 1.35 -43.73 -2.49
N ARG A 207 1.81 -43.13 -3.59
CA ARG A 207 3.13 -43.41 -4.15
C ARG A 207 3.79 -42.08 -4.49
N VAL A 208 5.11 -42.01 -4.45
CA VAL A 208 5.81 -40.82 -4.89
C VAL A 208 6.88 -41.22 -5.90
N TYR A 209 6.88 -40.58 -7.07
CA TYR A 209 7.89 -40.80 -8.09
C TYR A 209 8.68 -39.53 -8.38
N GLU A 210 9.78 -39.69 -9.12
CA GLU A 210 10.67 -38.58 -9.39
C GLU A 210 10.03 -37.56 -10.33
N ASP A 211 9.44 -38.06 -11.42
CA ASP A 211 8.97 -37.22 -12.51
C ASP A 211 8.10 -38.09 -13.44
N PRO A 212 7.52 -37.50 -14.51
CA PRO A 212 6.62 -38.32 -15.33
C PRO A 212 7.28 -39.60 -15.92
N LEU A 213 8.59 -39.56 -16.17
CA LEU A 213 9.30 -40.74 -16.67
C LEU A 213 9.39 -41.85 -15.63
N ASP A 214 9.74 -41.51 -14.41
CA ASP A 214 9.72 -42.46 -13.30
C ASP A 214 8.33 -43.08 -13.10
N LEU A 215 7.30 -42.23 -13.14
CA LEU A 215 5.91 -42.68 -13.03
C LEU A 215 5.53 -43.65 -14.16
N LEU A 216 5.81 -43.24 -15.41
CA LEU A 216 5.50 -44.06 -16.58
C LEU A 216 6.16 -45.43 -16.46
N ASN A 217 7.42 -45.44 -16.02
CA ASN A 217 8.16 -46.67 -15.75
C ASN A 217 7.55 -47.56 -14.66
N HIS A 218 6.77 -46.98 -13.76
CA HIS A 218 6.15 -47.74 -12.69
C HIS A 218 4.64 -47.76 -12.81
N LEU A 219 4.14 -47.50 -14.01
CA LEU A 219 2.71 -47.24 -14.21
C LEU A 219 1.82 -48.36 -13.68
N ASP A 220 2.32 -49.59 -13.69
CA ASP A 220 1.55 -50.76 -13.27
C ASP A 220 1.34 -50.89 -11.77
N GLU A 221 2.22 -50.32 -10.96
CA GLU A 221 2.04 -50.33 -9.51
C GLU A 221 0.82 -49.55 -9.15
N ILE A 222 0.35 -48.75 -10.09
CA ILE A 222 -0.46 -47.60 -9.71
C ILE A 222 -1.72 -47.43 -10.54
N ALA A 223 -1.72 -47.89 -11.78
CA ALA A 223 -2.88 -47.74 -12.65
C ALA A 223 -3.36 -49.06 -13.22
N SER A 224 -4.67 -49.18 -13.41
CA SER A 224 -5.27 -50.36 -14.01
C SER A 224 -5.40 -50.15 -15.51
N GLN B 6 -21.52 28.53 -48.76
CA GLN B 6 -21.16 29.04 -47.43
C GLN B 6 -20.93 27.93 -46.41
N THR B 7 -20.03 28.20 -45.47
CA THR B 7 -19.61 27.24 -44.47
C THR B 7 -20.51 27.24 -43.25
N SER B 8 -20.82 26.05 -42.76
CA SER B 8 -21.43 25.90 -41.43
C SER B 8 -20.35 25.39 -40.48
N PHE B 9 -20.55 25.68 -39.19
CA PHE B 9 -19.53 25.43 -38.18
C PHE B 9 -19.99 24.51 -37.07
N ILE B 10 -19.16 23.53 -36.74
CA ILE B 10 -19.44 22.64 -35.64
C ILE B 10 -18.26 22.83 -34.69
N PHE B 11 -18.56 23.27 -33.47
CA PHE B 11 -17.52 23.58 -32.51
C PHE B 11 -17.52 22.57 -31.40
N ASP B 12 -16.30 22.14 -31.05
CA ASP B 12 -16.06 21.56 -29.75
C ASP B 12 -16.24 22.68 -28.71
N LEU B 13 -16.47 22.33 -27.46
CA LEU B 13 -16.77 23.35 -26.45
C LEU B 13 -15.60 23.47 -25.50
N ASP B 14 -15.40 22.41 -24.76
CA ASP B 14 -14.42 22.29 -23.68
C ASP B 14 -12.98 22.29 -24.20
N GLY B 15 -12.30 23.44 -24.22
CA GLY B 15 -10.95 23.50 -24.73
C GLY B 15 -10.86 24.23 -26.05
N THR B 16 -12.03 24.47 -26.61
CA THR B 16 -12.15 25.13 -27.90
C THR B 16 -12.76 26.53 -27.75
N LEU B 17 -13.91 26.63 -27.10
CA LEU B 17 -14.52 27.93 -26.76
C LEU B 17 -14.27 28.32 -25.30
N THR B 18 -14.27 27.35 -24.42
CA THR B 18 -13.93 27.61 -23.03
C THR B 18 -12.59 26.99 -22.67
N ASP B 19 -11.85 27.70 -21.82
CA ASP B 19 -10.60 27.21 -21.26
C ASP B 19 -10.94 26.36 -20.07
N SER B 20 -11.37 25.13 -20.35
CA SER B 20 -11.81 24.23 -19.29
C SER B 20 -11.11 22.85 -19.25
N VAL B 21 -10.31 22.54 -20.26
CA VAL B 21 -9.66 21.22 -20.33
C VAL B 21 -8.87 20.82 -19.07
N TYR B 22 -8.11 21.75 -18.51
CA TYR B 22 -7.28 21.46 -17.35
C TYR B 22 -8.12 21.17 -16.08
N GLN B 23 -9.26 21.87 -15.95
CA GLN B 23 -10.17 21.60 -14.82
C GLN B 23 -10.80 20.24 -15.04
N ASN B 24 -11.01 19.91 -16.31
CA ASN B 24 -11.57 18.63 -16.66
C ASN B 24 -10.59 17.51 -16.27
N VAL B 25 -9.31 17.74 -16.55
CA VAL B 25 -8.26 16.82 -16.14
C VAL B 25 -8.24 16.71 -14.62
N ALA B 26 -8.23 17.85 -13.95
CA ALA B 26 -8.26 17.91 -12.48
C ALA B 26 -9.42 17.07 -11.93
N ALA B 27 -10.63 17.36 -12.39
CA ALA B 27 -11.81 16.65 -11.91
C ALA B 27 -11.66 15.14 -12.12
N TRP B 28 -11.12 14.74 -13.28
CA TRP B 28 -10.91 13.32 -13.53
C TRP B 28 -9.88 12.71 -12.59
N LYS B 29 -8.79 13.42 -12.39
CA LYS B 29 -7.73 12.97 -11.50
C LYS B 29 -8.23 12.84 -10.07
N GLU B 30 -9.19 13.67 -9.71
CA GLU B 30 -9.75 13.70 -8.36
C GLU B 30 -10.77 12.59 -8.18
N ALA B 31 -11.48 12.25 -9.24
CA ALA B 31 -12.37 11.09 -9.29
C ALA B 31 -11.61 9.78 -9.30
N LEU B 32 -10.49 9.74 -10.02
CA LEU B 32 -9.69 8.51 -10.13
C LEU B 32 -8.94 8.19 -8.84
N ASP B 33 -8.44 9.24 -8.19
CA ASP B 33 -7.71 9.10 -6.93
C ASP B 33 -8.65 8.70 -5.81
N ALA B 34 -9.89 9.17 -5.86
CA ALA B 34 -10.83 8.82 -4.83
C ALA B 34 -11.23 7.35 -4.98
N GLU B 35 -10.87 6.77 -6.11
CA GLU B 35 -11.16 5.38 -6.38
C GLU B 35 -9.88 4.54 -6.42
N ASN B 36 -8.85 5.06 -5.77
CA ASN B 36 -7.55 4.38 -5.75
C ASN B 36 -7.20 3.83 -7.11
N ILE B 37 -7.36 4.64 -8.15
CA ILE B 37 -6.91 4.26 -9.47
C ILE B 37 -5.79 5.20 -9.90
N PRO B 38 -4.55 4.67 -9.96
CA PRO B 38 -3.41 5.55 -10.25
C PRO B 38 -3.38 5.81 -11.75
N LEU B 39 -3.12 7.05 -12.14
CA LEU B 39 -3.00 7.39 -13.55
C LEU B 39 -2.37 8.76 -13.66
N ALA B 40 -1.28 8.83 -14.44
CA ALA B 40 -0.53 10.05 -14.60
C ALA B 40 -1.43 11.09 -15.28
N MSE B 41 -1.23 12.33 -14.92
CA MSE B 41 -2.06 13.39 -15.46
C MSE B 41 -2.05 13.45 -17.01
O MSE B 41 -3.11 13.62 -17.64
CB MSE B 41 -1.57 14.72 -14.91
CG MSE B 41 -2.70 15.59 -14.49
SE MSE B 41 -3.21 15.10 -12.67
CE MSE B 41 -1.90 16.17 -11.74
N TRP B 42 -0.88 13.32 -17.61
CA TRP B 42 -0.75 13.48 -19.06
C TRP B 42 -1.58 12.45 -19.83
N ARG B 43 -1.69 11.24 -19.29
CA ARG B 43 -2.52 10.19 -19.89
C ARG B 43 -3.99 10.57 -19.89
N ILE B 44 -4.46 11.18 -18.80
CA ILE B 44 -5.84 11.68 -18.74
C ILE B 44 -6.07 12.79 -19.76
N HIS B 45 -5.24 13.82 -19.70
CA HIS B 45 -5.30 14.94 -20.63
C HIS B 45 -5.35 14.49 -22.11
N ARG B 46 -4.60 13.43 -22.42
CA ARG B 46 -4.59 12.85 -23.77
C ARG B 46 -5.97 12.37 -24.18
N LYS B 47 -6.81 12.08 -23.21
CA LYS B 47 -8.11 11.48 -23.52
C LYS B 47 -9.27 12.48 -23.55
N ILE B 48 -9.07 13.67 -23.00
CA ILE B 48 -10.14 14.64 -22.93
C ILE B 48 -10.70 14.94 -24.32
N GLY B 49 -12.01 14.77 -24.46
CA GLY B 49 -12.71 14.95 -25.72
C GLY B 49 -13.33 13.62 -26.09
N MSE B 50 -12.85 12.55 -25.46
CA MSE B 50 -13.45 11.24 -25.64
C MSE B 50 -14.65 11.08 -24.72
O MSE B 50 -14.69 11.64 -23.63
CB MSE B 50 -12.47 10.17 -25.22
CG MSE B 50 -11.73 9.48 -26.32
SE MSE B 50 -10.62 8.08 -25.48
CE MSE B 50 -10.91 6.69 -26.82
N SER B 51 -15.62 10.27 -25.17
CA SER B 51 -16.70 9.83 -24.31
C SER B 51 -16.14 9.34 -22.98
N GLY B 52 -16.74 9.75 -21.87
CA GLY B 52 -16.32 9.26 -20.57
C GLY B 52 -16.10 7.76 -20.56
N GLY B 53 -17.03 7.02 -21.17
CA GLY B 53 -16.96 5.57 -21.19
C GLY B 53 -15.79 5.05 -22.01
N LEU B 54 -15.60 5.68 -23.16
CA LEU B 54 -14.50 5.37 -24.06
C LEU B 54 -13.22 5.56 -23.26
N MSE B 55 -13.11 6.72 -22.64
CA MSE B 55 -12.10 6.93 -21.62
C MSE B 55 -12.09 5.77 -20.64
O MSE B 55 -12.97 5.65 -19.78
CB MSE B 55 -12.39 8.24 -20.89
CG MSE B 55 -11.63 9.41 -21.44
SE MSE B 55 -11.28 10.68 -20.00
CE MSE B 55 -12.60 12.06 -20.47
N LEU B 56 -11.11 4.89 -20.79
CA LEU B 56 -11.03 3.66 -19.99
C LEU B 56 -9.64 3.05 -20.23
N ILE B 67 -11.24 -1.83 -15.10
CA ILE B 67 -12.28 -0.95 -14.58
C ILE B 67 -13.67 -1.53 -14.84
N THR B 68 -14.43 -1.72 -13.78
CA THR B 68 -15.74 -2.35 -13.88
C THR B 68 -16.81 -1.36 -14.33
N ASP B 69 -18.03 -1.89 -14.47
CA ASP B 69 -19.18 -1.15 -14.93
C ASP B 69 -19.93 -0.61 -13.70
N GLU B 70 -19.17 -0.30 -12.67
CA GLU B 70 -19.75 0.03 -11.37
C GLU B 70 -18.97 1.17 -10.73
N GLN B 71 -17.65 1.02 -10.68
CA GLN B 71 -16.77 2.14 -10.40
C GLN B 71 -16.83 3.08 -11.61
N ALA B 72 -17.07 2.51 -12.78
CA ALA B 72 -17.24 3.29 -14.00
C ALA B 72 -18.23 4.43 -13.81
N GLU B 73 -19.49 4.08 -13.59
CA GLU B 73 -20.54 5.07 -13.42
C GLU B 73 -20.29 5.94 -12.20
N ARG B 74 -19.63 5.36 -11.21
CA ARG B 74 -19.31 6.07 -9.97
C ARG B 74 -18.23 7.12 -10.19
N LEU B 75 -17.20 6.77 -10.96
CA LEU B 75 -16.18 7.71 -11.37
C LEU B 75 -16.83 8.82 -12.18
N SER B 76 -17.79 8.43 -13.00
CA SER B 76 -18.54 9.39 -13.78
C SER B 76 -19.17 10.45 -12.86
N GLU B 77 -19.77 10.00 -11.75
CA GLU B 77 -20.42 10.91 -10.81
C GLU B 77 -19.43 11.75 -10.03
N LYS B 78 -18.30 11.17 -9.65
CA LYS B 78 -17.26 11.91 -8.94
C LYS B 78 -16.63 12.96 -9.85
N HIS B 79 -16.49 12.65 -11.14
CA HIS B 79 -15.91 13.62 -12.06
C HIS B 79 -16.81 14.84 -12.12
N ALA B 80 -18.12 14.59 -12.22
CA ALA B 80 -19.11 15.67 -12.37
C ALA B 80 -19.19 16.60 -11.18
N GLN B 81 -19.04 16.06 -9.97
CA GLN B 81 -19.07 16.90 -8.76
C GLN B 81 -17.79 17.70 -8.63
N ALA B 82 -16.66 17.05 -8.83
CA ALA B 82 -15.38 17.72 -8.81
C ALA B 82 -15.41 18.85 -9.84
N TYR B 83 -15.97 18.57 -11.00
CA TYR B 83 -16.01 19.58 -12.04
C TYR B 83 -16.82 20.79 -11.56
N GLU B 84 -18.01 20.53 -11.04
CA GLU B 84 -18.91 21.57 -10.52
C GLU B 84 -18.25 22.50 -9.51
N ARG B 85 -17.46 21.94 -8.60
CA ARG B 85 -16.70 22.72 -7.65
C ARG B 85 -15.75 23.69 -8.36
N LEU B 86 -15.33 23.33 -9.57
CA LEU B 86 -14.29 24.08 -10.24
C LEU B 86 -14.88 25.08 -11.22
N GLN B 87 -16.20 25.18 -11.24
CA GLN B 87 -16.90 25.95 -12.27
C GLN B 87 -16.54 27.42 -12.35
N HIS B 88 -16.06 28.00 -11.25
CA HIS B 88 -15.77 29.44 -11.28
C HIS B 88 -14.41 29.73 -11.87
N GLN B 89 -13.64 28.68 -12.06
CA GLN B 89 -12.32 28.78 -12.66
C GLN B 89 -12.40 28.83 -14.19
N ILE B 90 -13.57 28.52 -14.73
CA ILE B 90 -13.73 28.35 -16.17
C ILE B 90 -14.11 29.65 -16.88
N ILE B 91 -13.27 30.06 -17.81
CA ILE B 91 -13.46 31.32 -18.52
C ILE B 91 -13.38 31.14 -20.04
N ALA B 92 -13.99 32.05 -20.78
CA ALA B 92 -13.97 31.99 -22.22
C ALA B 92 -12.55 32.16 -22.75
N LEU B 93 -12.26 31.44 -23.83
CA LEU B 93 -10.96 31.56 -24.48
C LEU B 93 -10.99 32.87 -25.25
N PRO B 94 -9.84 33.53 -25.42
CA PRO B 94 -9.76 34.72 -26.27
C PRO B 94 -10.46 34.49 -27.61
N GLY B 95 -11.32 35.43 -28.01
CA GLY B 95 -11.92 35.43 -29.34
C GLY B 95 -13.14 34.55 -29.45
N ALA B 96 -13.35 33.68 -28.46
CA ALA B 96 -14.49 32.78 -28.49
C ALA B 96 -15.82 33.54 -28.71
N VAL B 97 -16.15 34.47 -27.84
CA VAL B 97 -17.45 35.12 -27.96
C VAL B 97 -17.53 35.93 -29.26
N GLU B 98 -16.46 36.65 -29.58
CA GLU B 98 -16.44 37.41 -30.81
C GLU B 98 -16.54 36.56 -32.08
N LEU B 99 -15.99 35.33 -32.04
CA LEU B 99 -16.09 34.45 -33.20
C LEU B 99 -17.56 34.07 -33.44
N LEU B 100 -18.22 33.60 -32.40
CA LEU B 100 -19.64 33.25 -32.49
C LEU B 100 -20.48 34.45 -32.93
N GLU B 101 -20.22 35.60 -32.32
CA GLU B 101 -20.95 36.82 -32.69
C GLU B 101 -20.72 37.22 -34.14
N THR B 102 -19.49 37.03 -34.61
CA THR B 102 -19.17 37.30 -36.01
C THR B 102 -19.93 36.33 -36.92
N LEU B 103 -19.87 35.05 -36.59
CA LEU B 103 -20.69 34.06 -37.28
C LEU B 103 -22.16 34.46 -37.35
N ASP B 104 -22.72 34.83 -36.21
CA ASP B 104 -24.11 35.22 -36.12
C ASP B 104 -24.42 36.47 -36.97
N LYS B 105 -23.50 37.42 -36.94
CA LYS B 105 -23.62 38.64 -37.72
C LYS B 105 -23.67 38.36 -39.20
N GLU B 106 -23.02 37.28 -39.63
CA GLU B 106 -22.89 37.00 -41.05
C GLU B 106 -23.81 35.89 -41.52
N ASN B 107 -24.72 35.49 -40.63
CA ASN B 107 -25.67 34.43 -40.92
C ASN B 107 -25.02 33.09 -41.26
N LEU B 108 -23.84 32.84 -40.69
CA LEU B 108 -23.21 31.54 -40.84
C LEU B 108 -23.68 30.70 -39.66
N LYS B 109 -24.17 29.50 -39.94
CA LYS B 109 -24.76 28.67 -38.89
C LYS B 109 -23.69 27.89 -38.11
N TRP B 110 -23.93 27.73 -36.81
CA TRP B 110 -23.02 26.96 -35.99
C TRP B 110 -23.75 26.11 -34.96
N CYS B 111 -23.07 25.06 -34.53
CA CYS B 111 -23.61 24.16 -33.53
C CYS B 111 -22.46 23.70 -32.66
N ILE B 112 -22.68 23.60 -31.35
CA ILE B 112 -21.69 23.08 -30.45
C ILE B 112 -21.87 21.59 -30.30
N ALA B 113 -20.77 20.85 -30.20
CA ALA B 113 -20.82 19.41 -30.08
C ALA B 113 -19.78 18.90 -29.09
N THR B 114 -20.25 18.33 -27.98
CA THR B 114 -19.39 17.97 -26.88
C THR B 114 -19.64 16.54 -26.43
N SER B 115 -18.58 15.90 -25.94
CA SER B 115 -18.66 14.54 -25.47
C SER B 115 -19.18 14.55 -24.05
N GLY B 116 -19.18 15.73 -23.45
CA GLY B 116 -19.65 15.86 -22.09
C GLY B 116 -21.16 15.77 -22.03
N GLY B 117 -21.69 15.74 -20.81
CA GLY B 117 -23.12 15.70 -20.58
C GLY B 117 -23.69 17.08 -20.30
N ILE B 118 -25.02 17.15 -20.23
CA ILE B 118 -25.68 18.41 -19.92
C ILE B 118 -24.97 19.15 -18.82
N ASP B 119 -24.56 18.45 -17.77
CA ASP B 119 -24.01 19.13 -16.60
C ASP B 119 -22.76 19.96 -16.89
N THR B 120 -21.68 19.28 -17.32
CA THR B 120 -20.44 19.98 -17.70
C THR B 120 -20.72 21.02 -18.77
N ALA B 121 -21.57 20.68 -19.74
CA ALA B 121 -21.85 21.61 -20.84
C ALA B 121 -22.49 22.90 -20.32
N THR B 122 -23.43 22.73 -19.41
CA THR B 122 -24.17 23.88 -18.89
C THR B 122 -23.21 24.83 -18.20
N ILE B 123 -22.32 24.25 -17.41
CA ILE B 123 -21.29 25.01 -16.72
C ILE B 123 -20.38 25.75 -17.68
N ASN B 124 -19.97 25.06 -18.74
CA ASN B 124 -19.09 25.68 -19.72
C ASN B 124 -19.83 26.79 -20.50
N LEU B 125 -21.09 26.54 -20.83
CA LEU B 125 -21.88 27.57 -21.49
C LEU B 125 -21.96 28.87 -20.68
N LYS B 126 -22.20 28.76 -19.38
CA LYS B 126 -22.25 29.94 -18.51
C LYS B 126 -21.07 30.86 -18.80
N ALA B 127 -19.90 30.26 -19.03
CA ALA B 127 -18.69 31.04 -19.23
C ALA B 127 -18.81 31.88 -20.49
N LEU B 128 -19.62 31.40 -21.43
CA LEU B 128 -19.90 32.15 -22.65
C LEU B 128 -21.17 33.01 -22.52
N LYS B 129 -21.85 32.88 -21.37
CA LYS B 129 -23.14 33.55 -21.17
C LYS B 129 -24.10 33.04 -22.21
N LEU B 130 -24.22 31.73 -22.31
CA LEU B 130 -25.10 31.12 -23.29
C LEU B 130 -26.09 30.17 -22.64
N ASP B 131 -27.31 30.17 -23.17
CA ASP B 131 -28.40 29.36 -22.66
C ASP B 131 -28.45 28.04 -23.42
N ILE B 132 -28.21 26.93 -22.72
CA ILE B 132 -28.15 25.61 -23.33
C ILE B 132 -29.42 25.27 -24.10
N ASN B 133 -30.51 25.94 -23.74
CA ASN B 133 -31.81 25.73 -24.37
C ASN B 133 -32.19 26.79 -25.41
N LYS B 134 -31.35 27.81 -25.57
CA LYS B 134 -31.55 28.81 -26.60
C LYS B 134 -30.53 28.73 -27.76
N ILE B 135 -29.57 27.81 -27.68
CA ILE B 135 -28.58 27.66 -28.74
C ILE B 135 -28.57 26.26 -29.34
N ASN B 136 -27.98 26.15 -30.53
CA ASN B 136 -27.75 24.85 -31.15
C ASN B 136 -26.61 24.13 -30.45
N ILE B 137 -26.94 23.01 -29.81
CA ILE B 137 -25.92 22.18 -29.19
C ILE B 137 -26.38 20.75 -29.12
N VAL B 138 -25.43 19.84 -29.33
CA VAL B 138 -25.63 18.45 -29.04
C VAL B 138 -24.60 18.00 -28.01
N THR B 139 -25.02 17.17 -27.06
CA THR B 139 -24.12 16.65 -26.05
C THR B 139 -24.19 15.14 -26.04
N ARG B 140 -23.53 14.53 -25.06
CA ARG B 140 -23.46 13.09 -24.91
C ARG B 140 -24.84 12.48 -24.69
N ASP B 141 -25.72 13.25 -24.07
CA ASP B 141 -27.07 12.79 -23.79
C ASP B 141 -27.92 12.70 -25.06
N ASP B 142 -27.43 13.27 -26.15
CA ASP B 142 -28.16 13.29 -27.42
C ASP B 142 -27.83 12.12 -28.34
N VAL B 143 -26.72 11.42 -28.10
CA VAL B 143 -26.26 10.37 -29.01
C VAL B 143 -25.95 9.07 -28.27
N SER B 144 -25.56 8.05 -29.02
CA SER B 144 -25.14 6.75 -28.49
C SER B 144 -23.65 6.64 -28.14
N TYR B 145 -22.79 7.36 -28.84
CA TYR B 145 -21.35 7.26 -28.59
C TYR B 145 -20.67 8.61 -28.82
N GLY B 146 -19.79 9.00 -27.90
CA GLY B 146 -19.04 10.23 -28.04
C GLY B 146 -17.90 10.18 -29.06
N LYS B 147 -17.07 11.21 -29.06
CA LYS B 147 -15.93 11.23 -29.97
C LYS B 147 -15.00 10.10 -29.58
N PRO B 148 -14.24 9.55 -30.55
CA PRO B 148 -14.06 9.91 -31.96
C PRO B 148 -15.13 9.37 -32.91
N ASP B 149 -16.19 8.77 -32.40
CA ASP B 149 -17.34 8.41 -33.24
C ASP B 149 -17.88 9.71 -33.84
N PRO B 150 -18.35 9.64 -35.09
CA PRO B 150 -18.87 10.83 -35.77
C PRO B 150 -20.32 11.20 -35.36
N ASP B 151 -20.93 10.38 -34.52
CA ASP B 151 -22.29 10.62 -34.04
C ASP B 151 -22.56 12.09 -33.79
N LEU B 152 -21.79 12.64 -32.85
CA LEU B 152 -21.96 14.01 -32.45
C LEU B 152 -22.03 14.96 -33.64
N PHE B 153 -21.08 14.83 -34.57
CA PHE B 153 -20.96 15.81 -35.62
C PHE B 153 -22.05 15.64 -36.66
N LEU B 154 -22.48 14.40 -36.87
CA LEU B 154 -23.59 14.13 -37.75
C LEU B 154 -24.85 14.77 -37.16
N ALA B 155 -25.04 14.60 -35.86
CA ALA B 155 -26.15 15.22 -35.17
C ALA B 155 -26.04 16.74 -35.26
N ALA B 156 -24.84 17.27 -35.05
CA ALA B 156 -24.62 18.71 -35.12
C ALA B 156 -24.99 19.27 -36.50
N ALA B 157 -24.52 18.61 -37.55
CA ALA B 157 -24.82 19.04 -38.91
C ALA B 157 -26.33 18.99 -39.19
N LYS B 158 -27.00 18.02 -38.60
CA LYS B 158 -28.44 17.84 -38.72
C LYS B 158 -29.19 19.01 -38.06
N LYS B 159 -28.81 19.32 -36.83
CA LYS B 159 -29.33 20.48 -36.13
C LYS B 159 -29.31 21.78 -36.93
N ILE B 160 -28.23 22.04 -37.64
CA ILE B 160 -28.16 23.28 -38.40
C ILE B 160 -28.42 23.08 -39.87
N GLY B 161 -28.95 21.92 -40.24
CA GLY B 161 -29.38 21.68 -41.61
C GLY B 161 -28.29 21.73 -42.67
N ALA B 162 -27.07 21.34 -42.31
CA ALA B 162 -26.01 21.36 -43.32
C ALA B 162 -25.48 19.98 -43.67
N PRO B 163 -25.30 19.72 -44.97
CA PRO B 163 -24.61 18.50 -45.40
C PRO B 163 -23.22 18.50 -44.74
N ILE B 164 -22.80 17.34 -44.25
CA ILE B 164 -21.51 17.26 -43.55
C ILE B 164 -20.35 17.79 -44.40
N ASP B 165 -20.44 17.59 -45.71
CA ASP B 165 -19.39 18.01 -46.64
C ASP B 165 -19.30 19.53 -46.75
N GLU B 166 -20.23 20.23 -46.12
CA GLU B 166 -20.12 21.67 -46.09
C GLU B 166 -19.69 22.15 -44.71
N CYS B 167 -19.29 21.22 -43.84
CA CYS B 167 -19.02 21.55 -42.44
C CYS B 167 -17.54 21.74 -42.08
N LEU B 168 -17.28 22.80 -41.33
CA LEU B 168 -15.98 22.98 -40.71
C LEU B 168 -16.05 22.54 -39.24
N VAL B 169 -15.37 21.45 -38.89
CA VAL B 169 -15.29 21.05 -37.48
C VAL B 169 -14.12 21.77 -36.83
N ILE B 170 -14.39 22.56 -35.78
CA ILE B 170 -13.33 23.21 -34.99
C ILE B 170 -13.25 22.55 -33.61
N GLY B 171 -12.08 21.98 -33.30
CA GLY B 171 -11.84 21.38 -31.99
C GLY B 171 -10.38 21.48 -31.59
N ASP B 172 -10.07 20.98 -30.40
CA ASP B 172 -8.75 21.14 -29.82
C ASP B 172 -8.12 19.79 -29.54
N ALA B 173 -8.83 18.71 -29.85
CA ALA B 173 -8.33 17.40 -29.49
C ALA B 173 -8.21 16.49 -30.72
N ILE B 174 -7.26 15.56 -30.61
CA ILE B 174 -7.08 14.46 -31.54
C ILE B 174 -8.44 13.85 -31.86
N TRP B 175 -9.28 13.68 -30.83
CA TRP B 175 -10.62 13.09 -30.97
C TRP B 175 -11.60 13.89 -31.83
N ASP B 176 -11.48 15.22 -31.84
CA ASP B 176 -12.28 16.05 -32.76
C ASP B 176 -11.88 15.86 -34.21
N MSE B 177 -10.57 15.86 -34.43
CA MSE B 177 -10.00 15.70 -35.76
C MSE B 177 -10.33 14.32 -36.32
O MSE B 177 -10.80 14.19 -37.45
CB MSE B 177 -8.49 15.95 -35.70
CG MSE B 177 -8.13 17.33 -35.16
SE MSE B 177 -8.91 18.75 -36.24
CE MSE B 177 -10.62 19.00 -35.26
N LEU B 178 -10.12 13.28 -35.50
CA LEU B 178 -10.50 11.92 -35.87
C LEU B 178 -11.98 11.80 -36.25
N ALA B 179 -12.88 12.27 -35.38
CA ALA B 179 -14.30 12.25 -35.69
C ALA B 179 -14.58 13.00 -36.99
N ALA B 180 -13.94 14.16 -37.16
CA ALA B 180 -14.14 14.96 -38.37
C ALA B 180 -13.78 14.18 -39.63
N ARG B 181 -12.58 13.60 -39.65
CA ARG B 181 -12.12 12.89 -40.82
C ARG B 181 -13.00 11.68 -41.08
N ARG B 182 -13.44 11.02 -40.01
CA ARG B 182 -14.32 9.87 -40.16
C ARG B 182 -15.70 10.16 -40.78
N CYS B 183 -16.28 11.33 -40.55
CA CYS B 183 -17.48 11.65 -41.31
C CYS B 183 -17.17 12.45 -42.58
N LYS B 184 -15.90 12.57 -42.91
CA LYS B 184 -15.50 13.20 -44.16
C LYS B 184 -15.63 14.72 -44.12
N ALA B 185 -15.56 15.28 -42.91
CA ALA B 185 -15.63 16.73 -42.77
C ALA B 185 -14.22 17.30 -42.74
N THR B 186 -14.10 18.57 -43.09
CA THR B 186 -12.83 19.27 -42.97
C THR B 186 -12.60 19.60 -41.51
N GLY B 187 -11.42 19.32 -40.98
CA GLY B 187 -11.15 19.63 -39.59
C GLY B 187 -10.15 20.75 -39.40
N VAL B 188 -10.34 21.54 -38.34
CA VAL B 188 -9.39 22.57 -37.96
C VAL B 188 -9.09 22.48 -36.45
N GLY B 189 -7.82 22.49 -36.08
CA GLY B 189 -7.46 22.31 -34.68
C GLY B 189 -7.01 23.57 -33.98
N LEU B 190 -7.30 23.66 -32.67
CA LEU B 190 -6.85 24.77 -31.83
C LEU B 190 -5.87 24.22 -30.80
N LEU B 191 -4.91 25.05 -30.38
CA LEU B 191 -3.88 24.62 -29.42
C LEU B 191 -4.37 24.78 -27.99
N SER B 192 -5.59 25.31 -27.85
CA SER B 192 -6.08 25.76 -26.54
C SER B 192 -6.51 24.63 -25.61
N GLY B 193 -6.51 23.42 -26.14
CA GLY B 193 -6.79 22.23 -25.34
C GLY B 193 -5.52 21.59 -24.80
N GLY B 194 -4.38 22.19 -25.10
CA GLY B 194 -3.10 21.62 -24.72
C GLY B 194 -2.56 20.56 -25.69
N TYR B 195 -3.28 20.24 -26.77
CA TYR B 195 -2.72 19.29 -27.73
C TYR B 195 -1.82 20.11 -28.68
N ASP B 196 -0.86 19.46 -29.29
CA ASP B 196 0.12 20.19 -30.07
C ASP B 196 -0.17 20.12 -31.58
N ILE B 197 0.41 21.04 -32.34
CA ILE B 197 0.17 21.08 -33.77
C ILE B 197 0.38 19.70 -34.47
N GLY B 198 1.49 19.03 -34.15
CA GLY B 198 1.82 17.71 -34.71
C GLY B 198 0.78 16.63 -34.46
N GLU B 199 0.31 16.55 -33.22
CA GLU B 199 -0.74 15.61 -32.83
C GLU B 199 -2.01 15.87 -33.62
N LEU B 200 -2.45 17.14 -33.62
CA LEU B 200 -3.67 17.55 -34.34
C LEU B 200 -3.58 17.27 -35.84
N GLU B 201 -2.48 17.68 -36.46
CA GLU B 201 -2.25 17.35 -37.87
C GLU B 201 -2.27 15.85 -38.18
N ARG B 202 -1.53 15.04 -37.42
CA ARG B 202 -1.53 13.61 -37.67
C ARG B 202 -2.93 13.00 -37.48
N ALA B 203 -3.78 13.69 -36.71
CA ALA B 203 -5.16 13.28 -36.54
C ALA B 203 -6.11 13.83 -37.62
N GLY B 204 -5.58 14.60 -38.57
CA GLY B 204 -6.43 15.05 -39.67
C GLY B 204 -6.72 16.52 -39.78
N ALA B 205 -6.28 17.32 -38.81
CA ALA B 205 -6.44 18.76 -38.91
C ALA B 205 -5.90 19.27 -40.25
N LEU B 206 -6.69 20.10 -40.92
CA LEU B 206 -6.29 20.70 -42.18
C LEU B 206 -5.47 21.98 -41.93
N ARG B 207 -5.83 22.69 -40.87
CA ARG B 207 -5.09 23.86 -40.39
C ARG B 207 -5.11 23.77 -38.89
N VAL B 208 -4.19 24.45 -38.23
CA VAL B 208 -4.19 24.53 -36.79
C VAL B 208 -3.95 25.97 -36.35
N TYR B 209 -4.83 26.49 -35.49
CA TYR B 209 -4.66 27.83 -34.95
C TYR B 209 -4.51 27.77 -33.42
N GLU B 210 -4.07 28.88 -32.83
CA GLU B 210 -3.75 28.93 -31.41
C GLU B 210 -4.97 28.82 -30.52
N ASP B 211 -5.99 29.60 -30.87
CA ASP B 211 -7.21 29.71 -30.09
C ASP B 211 -8.25 30.38 -31.01
N PRO B 212 -9.50 30.57 -30.53
CA PRO B 212 -10.52 31.09 -31.44
C PRO B 212 -10.17 32.46 -32.03
N LEU B 213 -9.43 33.29 -31.30
CA LEU B 213 -9.04 34.60 -31.81
C LEU B 213 -8.12 34.51 -33.03
N ASP B 214 -7.19 33.57 -32.98
CA ASP B 214 -6.25 33.36 -34.06
C ASP B 214 -7.05 32.81 -35.21
N LEU B 215 -7.95 31.89 -34.91
CA LEU B 215 -8.82 31.37 -35.97
C LEU B 215 -9.64 32.47 -36.64
N LEU B 216 -10.25 33.33 -35.82
CA LEU B 216 -11.06 34.44 -36.33
C LEU B 216 -10.20 35.29 -37.28
N ASN B 217 -8.95 35.52 -36.88
CA ASN B 217 -8.07 36.36 -37.66
C ASN B 217 -7.70 35.71 -38.99
N HIS B 218 -8.02 34.43 -39.14
CA HIS B 218 -7.60 33.69 -40.32
C HIS B 218 -8.76 33.03 -41.01
N LEU B 219 -9.97 33.45 -40.64
CA LEU B 219 -11.18 32.78 -41.08
C LEU B 219 -11.22 32.53 -42.61
N ASP B 220 -10.72 33.49 -43.38
CA ASP B 220 -10.77 33.36 -44.83
C ASP B 220 -9.91 32.23 -45.38
N GLU B 221 -8.88 31.83 -44.65
CA GLU B 221 -8.04 30.73 -45.09
C GLU B 221 -8.85 29.44 -45.16
N ILE B 222 -9.91 29.37 -44.39
CA ILE B 222 -10.47 28.08 -44.03
C ILE B 222 -11.99 27.99 -44.22
N ALA B 223 -12.66 29.13 -44.33
CA ALA B 223 -14.12 29.17 -44.46
C ALA B 223 -14.56 30.09 -45.57
N SER B 224 -15.72 29.78 -46.17
CA SER B 224 -16.34 30.64 -47.16
C SER B 224 -17.55 31.34 -46.52
N GLN C 6 15.39 28.22 27.74
CA GLN C 6 15.26 27.17 26.72
C GLN C 6 14.60 25.89 27.25
N THR C 7 13.64 25.37 26.51
CA THR C 7 12.74 24.32 27.02
C THR C 7 13.33 22.91 26.96
N SER C 8 13.09 22.14 28.01
CA SER C 8 13.35 20.71 28.03
C SER C 8 12.01 19.99 28.06
N PHE C 9 11.98 18.77 27.54
CA PHE C 9 10.71 18.11 27.29
C PHE C 9 10.62 16.82 28.07
N ILE C 10 9.54 16.65 28.81
CA ILE C 10 9.24 15.37 29.42
C ILE C 10 8.00 14.78 28.74
N PHE C 11 8.15 13.59 28.18
CA PHE C 11 7.12 12.98 27.37
C PHE C 11 6.50 11.81 28.10
N ASP C 12 5.18 11.81 28.18
CA ASP C 12 4.48 10.61 28.53
C ASP C 12 4.66 9.65 27.35
N LEU C 13 4.52 8.34 27.59
CA LEU C 13 4.73 7.39 26.50
C LEU C 13 3.44 6.90 25.83
N ASP C 14 2.64 6.09 26.52
CA ASP C 14 1.54 5.56 25.74
C ASP C 14 0.32 6.45 25.70
N GLY C 15 -0.21 6.62 24.49
CA GLY C 15 -1.28 7.55 24.24
C GLY C 15 -0.73 8.93 23.94
N THR C 16 0.59 9.08 24.09
CA THR C 16 1.23 10.35 23.80
C THR C 16 2.17 10.25 22.60
N LEU C 17 3.06 9.26 22.64
CA LEU C 17 3.94 8.95 21.51
C LEU C 17 3.45 7.72 20.75
N THR C 18 2.88 6.76 21.46
CA THR C 18 2.39 5.53 20.81
C THR C 18 0.88 5.41 20.98
N ASP C 19 0.23 4.80 20.00
CA ASP C 19 -1.19 4.62 20.10
C ASP C 19 -1.50 3.32 20.81
N SER C 20 -1.49 3.37 22.13
CA SER C 20 -1.58 2.16 22.93
C SER C 20 -2.47 2.24 24.16
N VAL C 21 -3.08 3.40 24.41
CA VAL C 21 -4.00 3.54 25.56
C VAL C 21 -5.14 2.50 25.48
N TYR C 22 -5.64 2.24 24.28
CA TYR C 22 -6.75 1.32 24.13
C TYR C 22 -6.37 -0.14 24.42
N GLN C 23 -5.12 -0.50 24.13
CA GLN C 23 -4.61 -1.82 24.44
C GLN C 23 -4.29 -1.91 25.93
N ASN C 24 -3.83 -0.80 26.50
CA ASN C 24 -3.60 -0.74 27.94
C ASN C 24 -4.93 -0.98 28.67
N VAL C 25 -5.98 -0.28 28.24
CA VAL C 25 -7.31 -0.51 28.78
C VAL C 25 -7.78 -1.95 28.61
N ALA C 26 -7.56 -2.53 27.43
CA ALA C 26 -7.96 -3.92 27.20
C ALA C 26 -7.16 -4.88 28.10
N ALA C 27 -5.88 -4.58 28.29
CA ALA C 27 -5.06 -5.39 29.20
C ALA C 27 -5.52 -5.35 30.66
N TRP C 28 -5.93 -4.17 31.14
CA TRP C 28 -6.45 -4.04 32.50
C TRP C 28 -7.76 -4.77 32.67
N LYS C 29 -8.58 -4.78 31.63
CA LYS C 29 -9.84 -5.47 31.68
C LYS C 29 -9.59 -6.96 31.85
N GLU C 30 -8.56 -7.46 31.18
CA GLU C 30 -8.22 -8.87 31.25
C GLU C 30 -7.71 -9.24 32.64
N ALA C 31 -6.82 -8.42 33.20
CA ALA C 31 -6.34 -8.68 34.54
C ALA C 31 -7.48 -8.65 35.56
N LEU C 32 -8.36 -7.67 35.47
CA LEU C 32 -9.45 -7.51 36.43
C LEU C 32 -10.49 -8.64 36.34
N ASP C 33 -10.90 -9.01 35.13
CA ASP C 33 -11.74 -10.20 34.97
C ASP C 33 -11.11 -11.41 35.67
N ALA C 34 -9.85 -11.68 35.37
CA ALA C 34 -9.11 -12.76 36.01
C ALA C 34 -9.28 -12.78 37.54
N GLU C 35 -9.43 -11.62 38.17
CA GLU C 35 -9.56 -11.57 39.62
C GLU C 35 -11.00 -11.33 40.07
N ASN C 36 -11.93 -11.47 39.13
CA ASN C 36 -13.33 -11.17 39.40
C ASN C 36 -13.52 -9.81 40.05
N ILE C 37 -12.86 -8.79 39.49
CA ILE C 37 -13.17 -7.42 39.87
C ILE C 37 -13.78 -6.72 38.66
N PRO C 38 -15.11 -6.59 38.64
CA PRO C 38 -15.88 -6.09 37.50
C PRO C 38 -15.76 -4.58 37.41
N LEU C 39 -15.43 -4.07 36.24
CA LEU C 39 -15.22 -2.64 36.08
C LEU C 39 -15.56 -2.23 34.66
N ALA C 40 -16.51 -1.31 34.51
CA ALA C 40 -16.86 -0.80 33.20
C ALA C 40 -15.61 -0.23 32.54
N MSE C 41 -15.50 -0.43 31.23
CA MSE C 41 -14.33 -0.01 30.48
C MSE C 41 -13.98 1.48 30.55
O MSE C 41 -12.79 1.85 30.66
CB MSE C 41 -14.50 -0.41 29.04
CG MSE C 41 -13.24 -0.82 28.41
SE MSE C 41 -12.82 -2.71 28.72
CE MSE C 41 -11.95 -2.96 26.98
N TRP C 42 -14.98 2.35 30.46
CA TRP C 42 -14.76 3.81 30.55
C TRP C 42 -14.08 4.21 31.86
N ARG C 43 -14.46 3.55 32.95
CA ARG C 43 -13.77 3.71 34.24
C ARG C 43 -12.29 3.31 34.24
N ILE C 44 -11.95 2.18 33.64
CA ILE C 44 -10.55 1.84 33.44
C ILE C 44 -9.82 2.92 32.63
N HIS C 45 -10.44 3.31 31.52
CA HIS C 45 -9.88 4.35 30.65
C HIS C 45 -9.54 5.66 31.40
N ARG C 46 -10.52 6.21 32.12
CA ARG C 46 -10.33 7.43 32.95
C ARG C 46 -9.14 7.39 33.88
N LYS C 47 -8.56 6.21 34.08
CA LYS C 47 -7.48 6.04 35.06
C LYS C 47 -6.16 5.64 34.44
N ILE C 48 -6.17 5.38 33.15
CA ILE C 48 -4.94 5.11 32.43
C ILE C 48 -4.05 6.36 32.42
N GLY C 49 -2.80 6.18 32.82
CA GLY C 49 -1.88 7.28 33.01
C GLY C 49 -1.46 7.24 34.46
N MSE C 50 -2.28 6.61 35.28
CA MSE C 50 -1.95 6.31 36.68
C MSE C 50 -1.01 5.11 36.82
O MSE C 50 -0.95 4.22 35.95
CB MSE C 50 -3.20 6.06 37.49
CG MSE C 50 -3.84 7.31 38.08
SE MSE C 50 -5.09 6.88 39.54
CE MSE C 50 -4.92 8.51 40.58
N SER C 51 -0.27 5.10 37.92
CA SER C 51 0.53 3.95 38.30
C SER C 51 -0.41 2.79 38.63
N GLY C 52 -0.10 1.60 38.15
CA GLY C 52 -0.94 0.43 38.39
C GLY C 52 -1.52 0.31 39.79
N GLY C 53 -0.72 0.68 40.79
CA GLY C 53 -1.13 0.55 42.18
C GLY C 53 -2.02 1.68 42.64
N LEU C 54 -1.55 2.91 42.42
CA LEU C 54 -2.34 4.08 42.75
C LEU C 54 -3.71 3.92 42.10
N MSE C 55 -3.74 3.23 40.96
CA MSE C 55 -4.95 3.10 40.16
C MSE C 55 -5.87 1.99 40.67
O MSE C 55 -5.42 0.93 41.11
CB MSE C 55 -4.56 2.87 38.70
CG MSE C 55 -5.73 2.57 37.79
SE MSE C 55 -5.17 1.54 36.21
CE MSE C 55 -4.21 2.93 35.22
N THR C 63 -14.61 0.09 43.53
CA THR C 63 -15.46 -0.95 42.95
C THR C 63 -16.70 -1.37 43.76
N GLY C 64 -16.82 -0.97 45.03
CA GLY C 64 -15.76 -0.38 45.82
C GLY C 64 -15.24 -1.39 46.83
N MSE C 65 -14.16 -2.08 46.47
CA MSE C 65 -13.53 -3.08 47.34
C MSE C 65 -12.03 -2.84 47.51
O MSE C 65 -11.27 -2.86 46.55
CB MSE C 65 -13.70 -4.49 46.78
CG MSE C 65 -14.55 -4.61 45.54
SE MSE C 65 -13.94 -6.19 44.57
CE MSE C 65 -15.29 -6.17 43.13
N SER C 66 -11.59 -2.66 48.75
CA SER C 66 -10.19 -2.55 49.03
C SER C 66 -9.48 -3.67 48.31
N ILE C 67 -8.42 -3.31 47.58
CA ILE C 67 -7.51 -4.27 47.00
C ILE C 67 -6.37 -4.22 47.98
N THR C 68 -5.82 -5.37 48.35
CA THR C 68 -4.58 -5.36 49.14
C THR C 68 -3.41 -4.91 48.25
N ASP C 69 -2.33 -4.52 48.91
CA ASP C 69 -1.11 -4.08 48.25
C ASP C 69 -0.51 -5.18 47.37
N GLU C 70 -0.61 -6.42 47.84
CA GLU C 70 -0.09 -7.57 47.10
C GLU C 70 -0.99 -7.98 45.94
N GLN C 71 -2.31 -7.90 46.13
CA GLN C 71 -3.24 -8.18 45.04
C GLN C 71 -2.99 -7.22 43.87
N ALA C 72 -2.70 -5.97 44.19
CA ALA C 72 -2.43 -4.96 43.17
C ALA C 72 -1.16 -5.27 42.37
N GLU C 73 -0.14 -5.78 43.05
CA GLU C 73 1.07 -6.17 42.36
C GLU C 73 0.81 -7.35 41.41
N ARG C 74 -0.05 -8.26 41.82
CA ARG C 74 -0.35 -9.42 41.00
C ARG C 74 -1.11 -8.94 39.77
N LEU C 75 -2.09 -8.07 40.00
CA LEU C 75 -2.89 -7.48 38.92
C LEU C 75 -2.01 -6.77 37.89
N SER C 76 -1.00 -6.07 38.39
CA SER C 76 -0.06 -5.36 37.53
C SER C 76 0.71 -6.31 36.61
N GLU C 77 1.07 -7.48 37.14
CA GLU C 77 1.80 -8.47 36.35
C GLU C 77 0.93 -9.12 35.30
N LYS C 78 -0.29 -9.49 35.66
CA LYS C 78 -1.23 -9.95 34.65
C LYS C 78 -1.46 -8.85 33.58
N HIS C 79 -1.63 -7.62 34.05
CA HIS C 79 -1.78 -6.49 33.14
C HIS C 79 -0.67 -6.41 32.11
N ALA C 80 0.58 -6.42 32.58
CA ALA C 80 1.74 -6.41 31.68
C ALA C 80 1.73 -7.56 30.67
N GLN C 81 1.40 -8.77 31.12
CA GLN C 81 1.35 -9.93 30.23
C GLN C 81 0.26 -9.86 29.16
N ALA C 82 -0.95 -9.45 29.55
CA ALA C 82 -2.06 -9.30 28.62
C ALA C 82 -1.73 -8.21 27.60
N TYR C 83 -0.89 -7.29 28.01
CA TYR C 83 -0.46 -6.17 27.17
C TYR C 83 0.56 -6.59 26.13
N GLU C 84 1.61 -7.29 26.58
CA GLU C 84 2.62 -7.82 25.65
C GLU C 84 1.98 -8.66 24.56
N ARG C 85 0.98 -9.42 24.94
CA ARG C 85 0.21 -10.21 23.97
C ARG C 85 -0.44 -9.37 22.87
N LEU C 86 -0.67 -8.08 23.13
CA LEU C 86 -1.29 -7.17 22.15
C LEU C 86 -0.29 -6.32 21.37
N GLN C 87 1.00 -6.54 21.62
CA GLN C 87 2.06 -5.62 21.24
C GLN C 87 2.20 -5.32 19.75
N HIS C 88 1.63 -6.15 18.90
CA HIS C 88 1.83 -5.94 17.47
C HIS C 88 0.79 -4.98 16.91
N GLN C 89 -0.26 -4.73 17.70
CA GLN C 89 -1.22 -3.71 17.34
C GLN C 89 -0.65 -2.32 17.63
N ILE C 90 0.47 -2.26 18.34
CA ILE C 90 0.96 -0.97 18.81
C ILE C 90 1.82 -0.23 17.80
N ILE C 91 1.35 0.96 17.45
CA ILE C 91 1.99 1.77 16.41
C ILE C 91 2.18 3.23 16.87
N ALA C 92 3.22 3.87 16.37
CA ALA C 92 3.49 5.26 16.68
C ALA C 92 2.32 6.17 16.33
N LEU C 93 2.12 7.21 17.13
CA LEU C 93 1.15 8.24 16.76
C LEU C 93 1.75 9.11 15.67
N PRO C 94 0.90 9.72 14.83
CA PRO C 94 1.37 10.64 13.81
C PRO C 94 2.18 11.78 14.43
N GLY C 95 3.32 12.10 13.82
CA GLY C 95 4.17 13.17 14.29
C GLY C 95 5.12 12.77 15.40
N ALA C 96 4.89 11.61 16.04
CA ALA C 96 5.70 11.24 17.20
C ALA C 96 7.18 11.22 16.87
N VAL C 97 7.55 10.44 15.87
CA VAL C 97 8.95 10.29 15.47
C VAL C 97 9.51 11.61 14.96
N GLU C 98 8.74 12.31 14.13
CA GLU C 98 9.25 13.54 13.55
C GLU C 98 9.44 14.65 14.61
N LEU C 99 8.59 14.67 15.62
CA LEU C 99 8.82 15.53 16.79
C LEU C 99 10.15 15.23 17.51
N LEU C 100 10.44 13.96 17.77
CA LEU C 100 11.64 13.64 18.53
C LEU C 100 12.90 13.98 17.71
N GLU C 101 12.85 13.72 16.41
CA GLU C 101 13.95 14.06 15.50
C GLU C 101 14.15 15.56 15.46
N THR C 102 13.04 16.29 15.36
CA THR C 102 13.06 17.75 15.32
C THR C 102 13.68 18.32 16.57
N LEU C 103 13.27 17.81 17.74
CA LEU C 103 13.91 18.18 18.99
C LEU C 103 15.41 17.90 18.97
N ASP C 104 15.79 16.69 18.55
CA ASP C 104 17.20 16.32 18.51
C ASP C 104 18.00 17.21 17.57
N LYS C 105 17.36 17.62 16.48
CA LYS C 105 17.96 18.47 15.45
C LYS C 105 18.21 19.85 16.03
N GLU C 106 17.27 20.30 16.84
CA GLU C 106 17.35 21.62 17.47
C GLU C 106 18.09 21.57 18.79
N ASN C 107 18.65 20.41 19.09
CA ASN C 107 19.44 20.26 20.31
C ASN C 107 18.61 20.44 21.58
N LEU C 108 17.29 20.25 21.46
CA LEU C 108 16.36 20.37 22.60
C LEU C 108 16.28 19.07 23.39
N LYS C 109 16.62 19.13 24.67
CA LYS C 109 16.73 17.92 25.48
C LYS C 109 15.38 17.32 25.87
N TRP C 110 15.27 15.99 25.82
CA TRP C 110 14.03 15.32 26.19
C TRP C 110 14.25 14.01 26.98
N CYS C 111 13.22 13.59 27.70
CA CYS C 111 13.25 12.35 28.44
C CYS C 111 11.83 11.80 28.45
N ILE C 112 11.72 10.49 28.22
CA ILE C 112 10.44 9.82 28.33
C ILE C 112 10.19 9.43 29.79
N ALA C 113 8.92 9.49 30.19
CA ALA C 113 8.53 9.27 31.58
C ALA C 113 7.22 8.52 31.61
N THR C 114 7.30 7.22 31.91
CA THR C 114 6.16 6.32 31.88
C THR C 114 5.88 5.67 33.25
N SER C 115 4.59 5.59 33.60
CA SER C 115 4.17 4.83 34.79
C SER C 115 4.30 3.34 34.53
N GLY C 116 4.55 2.96 33.29
CA GLY C 116 4.75 1.55 32.98
C GLY C 116 6.05 1.06 33.59
N GLY C 117 6.32 -0.23 33.45
CA GLY C 117 7.59 -0.79 33.85
C GLY C 117 8.41 -1.10 32.60
N ILE C 118 9.64 -1.58 32.82
CA ILE C 118 10.55 -1.89 31.73
C ILE C 118 9.87 -2.64 30.59
N ASP C 119 8.96 -3.55 30.94
CA ASP C 119 8.40 -4.50 29.98
C ASP C 119 7.41 -3.86 28.98
N THR C 120 6.50 -3.04 29.48
CA THR C 120 5.57 -2.36 28.57
C THR C 120 6.28 -1.23 27.81
N ALA C 121 7.08 -0.44 28.52
CA ALA C 121 7.87 0.61 27.89
C ALA C 121 8.64 0.06 26.70
N THR C 122 9.26 -1.11 26.89
CA THR C 122 10.04 -1.72 25.82
C THR C 122 9.22 -1.90 24.54
N ILE C 123 8.06 -2.52 24.63
CA ILE C 123 7.19 -2.66 23.47
C ILE C 123 6.84 -1.31 22.82
N ASN C 124 6.46 -0.32 23.63
CA ASN C 124 6.07 0.97 23.05
C ASN C 124 7.23 1.65 22.35
N LEU C 125 8.41 1.57 22.96
CA LEU C 125 9.61 2.15 22.37
C LEU C 125 10.00 1.51 21.03
N LYS C 126 9.65 0.25 20.83
CA LYS C 126 10.00 -0.40 19.56
C LYS C 126 9.14 0.18 18.45
N ALA C 127 7.93 0.61 18.81
CA ALA C 127 7.03 1.24 17.85
C ALA C 127 7.65 2.54 17.33
N LEU C 128 8.51 3.13 18.16
CA LEU C 128 9.19 4.37 17.80
C LEU C 128 10.58 4.10 17.21
N LYS C 129 10.94 2.83 17.10
CA LYS C 129 12.26 2.44 16.63
C LYS C 129 13.32 3.05 17.51
N LEU C 130 13.10 2.97 18.82
CA LEU C 130 14.02 3.55 19.77
C LEU C 130 14.56 2.45 20.66
N ASP C 131 15.86 2.53 20.94
CA ASP C 131 16.50 1.57 21.84
C ASP C 131 16.42 2.14 23.25
N ILE C 132 15.70 1.43 24.11
CA ILE C 132 15.50 1.82 25.50
C ILE C 132 16.81 2.07 26.24
N ASN C 133 17.87 1.37 25.83
CA ASN C 133 19.18 1.50 26.46
C ASN C 133 19.92 2.70 25.87
N LYS C 134 19.38 3.29 24.80
CA LYS C 134 19.99 4.41 24.11
C LYS C 134 19.17 5.71 24.12
N ILE C 135 18.32 5.89 25.13
CA ILE C 135 17.57 7.13 25.28
C ILE C 135 17.41 7.49 26.73
N ASN C 136 17.03 8.74 26.98
CA ASN C 136 16.63 9.15 28.31
C ASN C 136 15.21 8.66 28.57
N ILE C 137 15.06 7.78 29.54
CA ILE C 137 13.74 7.29 29.94
C ILE C 137 13.71 6.97 31.43
N VAL C 138 12.55 7.19 32.05
CA VAL C 138 12.31 6.79 33.43
C VAL C 138 11.02 5.99 33.52
N THR C 139 11.09 4.81 34.13
CA THR C 139 9.94 3.93 34.24
C THR C 139 9.50 3.88 35.69
N ARG C 140 8.37 3.22 35.96
CA ARG C 140 7.88 3.11 37.33
C ARG C 140 8.90 2.39 38.20
N ASP C 141 9.76 1.61 37.56
CA ASP C 141 10.79 0.87 38.27
C ASP C 141 11.84 1.80 38.91
N ASP C 142 11.83 3.09 38.54
CA ASP C 142 12.84 4.03 39.03
C ASP C 142 12.34 4.98 40.12
N VAL C 143 11.08 4.85 40.52
CA VAL C 143 10.54 5.77 41.52
C VAL C 143 9.73 5.09 42.62
N SER C 144 9.38 5.87 43.63
CA SER C 144 8.62 5.38 44.77
C SER C 144 7.12 5.35 44.50
N TYR C 145 6.64 6.29 43.68
CA TYR C 145 5.22 6.40 43.37
C TYR C 145 5.01 6.89 41.94
N GLY C 146 3.92 6.48 41.30
CA GLY C 146 3.63 6.91 39.95
C GLY C 146 2.73 8.14 39.88
N LYS C 147 2.37 8.52 38.66
CA LYS C 147 1.40 9.59 38.41
C LYS C 147 0.12 9.35 39.22
N PRO C 148 -0.52 10.43 39.70
CA PRO C 148 -0.26 11.87 39.53
C PRO C 148 0.82 12.42 40.48
N ASP C 149 1.35 11.57 41.35
CA ASP C 149 2.54 11.94 42.08
C ASP C 149 3.54 12.42 41.04
N PRO C 150 4.29 13.48 41.35
CA PRO C 150 5.27 14.06 40.41
C PRO C 150 6.61 13.31 40.41
N ASP C 151 6.66 12.14 41.04
CA ASP C 151 7.89 11.37 41.17
C ASP C 151 8.58 11.10 39.81
N LEU C 152 7.87 10.46 38.89
CA LEU C 152 8.40 10.23 37.54
C LEU C 152 8.93 11.51 36.90
N PHE C 153 8.12 12.56 36.87
CA PHE C 153 8.52 13.75 36.15
C PHE C 153 9.74 14.36 36.80
N LEU C 154 9.83 14.25 38.12
CA LEU C 154 10.95 14.80 38.85
C LEU C 154 12.22 14.06 38.48
N ALA C 155 12.14 12.72 38.44
CA ALA C 155 13.24 11.87 37.96
C ALA C 155 13.57 12.19 36.51
N ALA C 156 12.55 12.25 35.65
CA ALA C 156 12.78 12.61 34.27
C ALA C 156 13.48 13.95 34.11
N ALA C 157 13.06 14.97 34.84
CA ALA C 157 13.77 16.25 34.75
C ALA C 157 15.24 16.09 35.14
N LYS C 158 15.46 15.36 36.23
CA LYS C 158 16.79 15.21 36.78
C LYS C 158 17.66 14.43 35.82
N LYS C 159 17.07 13.44 35.17
CA LYS C 159 17.78 12.65 34.18
C LYS C 159 18.42 13.53 33.09
N ILE C 160 17.81 14.67 32.78
CA ILE C 160 18.39 15.54 31.75
C ILE C 160 18.92 16.85 32.31
N GLY C 161 19.18 16.87 33.61
CA GLY C 161 19.78 18.04 34.24
C GLY C 161 18.90 19.27 34.21
N ALA C 162 17.59 19.08 34.10
CA ALA C 162 16.65 20.21 34.00
C ALA C 162 15.89 20.48 35.29
N PRO C 163 15.84 21.76 35.67
CA PRO C 163 14.95 22.21 36.74
C PRO C 163 13.51 21.88 36.32
N ILE C 164 12.75 21.19 37.16
CA ILE C 164 11.42 20.71 36.77
C ILE C 164 10.54 21.86 36.32
N ASP C 165 10.82 23.04 36.85
CA ASP C 165 10.03 24.23 36.61
C ASP C 165 10.39 24.88 35.28
N GLU C 166 11.39 24.33 34.60
CA GLU C 166 11.71 24.79 33.24
C GLU C 166 11.36 23.72 32.22
N CYS C 167 10.51 22.77 32.60
CA CYS C 167 10.17 21.65 31.74
C CYS C 167 8.76 21.76 31.17
N LEU C 168 8.60 21.25 29.96
CA LEU C 168 7.30 21.09 29.36
C LEU C 168 6.95 19.62 29.54
N VAL C 169 5.89 19.32 30.27
CA VAL C 169 5.40 17.94 30.37
C VAL C 169 4.34 17.69 29.30
N ILE C 170 4.57 16.67 28.46
CA ILE C 170 3.59 16.29 27.44
C ILE C 170 2.97 14.93 27.75
N GLY C 171 1.65 14.93 27.86
CA GLY C 171 0.90 13.74 28.24
C GLY C 171 -0.53 13.80 27.71
N ASP C 172 -1.27 12.73 27.91
CA ASP C 172 -2.57 12.59 27.29
C ASP C 172 -3.62 12.38 28.36
N ALA C 173 -3.20 12.40 29.63
CA ALA C 173 -4.12 12.11 30.73
C ALA C 173 -4.15 13.21 31.78
N ILE C 174 -5.31 13.33 32.42
CA ILE C 174 -5.52 14.17 33.59
C ILE C 174 -4.36 13.96 34.56
N TRP C 175 -4.04 12.70 34.80
CA TRP C 175 -2.94 12.34 35.68
C TRP C 175 -1.57 12.92 35.25
N ASP C 176 -1.33 13.08 33.96
CA ASP C 176 -0.12 13.78 33.51
C ASP C 176 -0.20 15.25 33.89
N MSE C 177 -1.33 15.88 33.56
CA MSE C 177 -1.51 17.30 33.84
C MSE C 177 -1.43 17.62 35.35
O MSE C 177 -0.80 18.58 35.75
CB MSE C 177 -2.82 17.81 33.21
CG MSE C 177 -2.88 17.61 31.67
SE MSE C 177 -1.32 18.33 30.71
CE MSE C 177 -0.93 19.77 31.92
N LEU C 178 -2.05 16.77 36.17
CA LEU C 178 -2.05 16.92 37.62
C LEU C 178 -0.63 16.81 38.18
N ALA C 179 0.13 15.80 37.75
CA ALA C 179 1.51 15.72 38.19
C ALA C 179 2.32 16.93 37.73
N ALA C 180 2.10 17.36 36.49
CA ALA C 180 2.82 18.53 35.98
C ALA C 180 2.60 19.75 36.86
N ARG C 181 1.33 20.02 37.18
CA ARG C 181 1.00 21.21 37.97
C ARG C 181 1.51 21.08 39.41
N ARG C 182 1.39 19.90 39.97
CA ARG C 182 1.84 19.66 41.34
C ARG C 182 3.32 20.00 41.53
N CYS C 183 4.14 19.74 40.51
CA CYS C 183 5.55 20.15 40.60
C CYS C 183 5.82 21.46 39.88
N LYS C 184 4.76 22.18 39.53
CA LYS C 184 4.88 23.53 38.99
C LYS C 184 5.49 23.58 37.57
N ALA C 185 5.44 22.46 36.85
CA ALA C 185 5.89 22.44 35.46
C ALA C 185 4.77 22.94 34.59
N THR C 186 5.07 23.17 33.32
CA THR C 186 4.06 23.55 32.36
C THR C 186 3.51 22.29 31.71
N GLY C 187 2.20 22.13 31.70
CA GLY C 187 1.61 20.94 31.12
C GLY C 187 0.94 21.20 29.80
N VAL C 188 1.07 20.24 28.89
CA VAL C 188 0.45 20.33 27.58
C VAL C 188 -0.19 18.99 27.32
N GLY C 189 -1.46 19.01 26.96
CA GLY C 189 -2.18 17.76 26.81
C GLY C 189 -2.42 17.37 25.37
N LEU C 190 -2.51 16.07 25.13
CA LEU C 190 -2.86 15.58 23.81
C LEU C 190 -4.14 14.76 23.90
N LEU C 191 -4.99 14.89 22.88
CA LEU C 191 -6.24 14.16 22.77
C LEU C 191 -6.02 12.68 22.42
N SER C 192 -4.79 12.32 22.12
CA SER C 192 -4.53 11.03 21.47
C SER C 192 -4.59 9.81 22.41
N GLY C 193 -4.86 10.06 23.70
CA GLY C 193 -5.16 8.99 24.64
C GLY C 193 -6.64 8.88 24.96
N GLY C 194 -7.46 9.59 24.20
CA GLY C 194 -8.90 9.51 24.37
C GLY C 194 -9.51 10.35 25.47
N TYR C 195 -8.73 11.20 26.15
CA TYR C 195 -9.30 12.20 27.04
C TYR C 195 -9.74 13.42 26.24
N ASP C 196 -10.74 14.14 26.72
CA ASP C 196 -11.28 15.29 25.99
C ASP C 196 -10.58 16.58 26.45
N ILE C 197 -10.74 17.64 25.68
CA ILE C 197 -10.08 18.91 25.99
C ILE C 197 -10.41 19.52 27.37
N GLY C 198 -11.68 19.47 27.77
CA GLY C 198 -12.12 19.99 29.05
C GLY C 198 -11.52 19.27 30.26
N GLU C 199 -11.49 17.95 30.23
CA GLU C 199 -10.83 17.14 31.26
C GLU C 199 -9.37 17.60 31.43
N LEU C 200 -8.65 17.72 30.32
CA LEU C 200 -7.23 18.06 30.32
C LEU C 200 -6.93 19.48 30.82
N GLU C 201 -7.71 20.46 30.36
CA GLU C 201 -7.61 21.85 30.79
C GLU C 201 -7.97 22.01 32.27
N ARG C 202 -9.01 21.30 32.71
CA ARG C 202 -9.38 21.35 34.11
C ARG C 202 -8.37 20.65 35.02
N ALA C 203 -7.56 19.77 34.43
CA ALA C 203 -6.49 19.13 35.18
C ALA C 203 -5.21 19.92 35.09
N GLY C 204 -5.23 21.01 34.33
CA GLY C 204 -4.07 21.89 34.35
C GLY C 204 -3.34 22.14 33.07
N ALA C 205 -3.70 21.45 31.99
CA ALA C 205 -3.10 21.70 30.68
C ALA C 205 -3.18 23.17 30.26
N LEU C 206 -2.05 23.76 29.86
CA LEU C 206 -2.04 25.14 29.40
C LEU C 206 -2.49 25.24 27.95
N ARG C 207 -2.16 24.20 27.17
CA ARG C 207 -2.62 24.04 25.80
C ARG C 207 -2.93 22.57 25.58
N VAL C 208 -3.84 22.30 24.63
CA VAL C 208 -4.22 20.94 24.30
C VAL C 208 -4.15 20.77 22.79
N TYR C 209 -3.48 19.71 22.33
CA TYR C 209 -3.33 19.46 20.90
C TYR C 209 -3.88 18.09 20.56
N GLU C 210 -4.01 17.81 19.26
CA GLU C 210 -4.61 16.56 18.82
C GLU C 210 -3.70 15.35 19.06
N ASP C 211 -2.45 15.49 18.62
CA ASP C 211 -1.48 14.41 18.61
C ASP C 211 -0.09 15.03 18.44
N PRO C 212 0.98 14.20 18.42
CA PRO C 212 2.31 14.84 18.34
C PRO C 212 2.50 15.72 17.08
N LEU C 213 1.81 15.41 15.98
CA LEU C 213 1.90 16.20 14.76
C LEU C 213 1.31 17.60 14.99
N ASP C 214 0.09 17.64 15.51
CA ASP C 214 -0.54 18.91 15.83
C ASP C 214 0.33 19.72 16.79
N LEU C 215 0.91 19.05 17.76
CA LEU C 215 1.83 19.71 18.69
C LEU C 215 3.04 20.26 17.95
N LEU C 216 3.60 19.46 17.04
CA LEU C 216 4.82 19.88 16.33
C LEU C 216 4.49 21.13 15.52
N ASN C 217 3.32 21.12 14.90
CA ASN C 217 2.86 22.22 14.06
C ASN C 217 2.62 23.49 14.84
N HIS C 218 2.63 23.38 16.17
CA HIS C 218 2.36 24.51 17.05
C HIS C 218 3.45 24.75 18.07
N LEU C 219 4.61 24.15 17.87
CA LEU C 219 5.65 24.15 18.89
C LEU C 219 6.05 25.55 19.40
N ASP C 220 5.96 26.56 18.54
CA ASP C 220 6.32 27.92 18.95
C ASP C 220 5.35 28.54 19.96
N GLU C 221 4.16 27.96 20.09
CA GLU C 221 3.20 28.45 21.08
C GLU C 221 3.60 28.09 22.50
N ILE C 222 4.44 27.09 22.67
CA ILE C 222 4.68 26.51 24.00
C ILE C 222 6.13 26.29 24.40
N ALA C 223 7.02 26.22 23.42
CA ALA C 223 8.41 25.90 23.70
C ALA C 223 9.35 26.99 23.20
N SER C 224 10.41 27.22 23.97
CA SER C 224 11.39 28.24 23.66
C SER C 224 12.51 27.59 22.88
N GLN D 6 -46.44 12.07 31.23
CA GLN D 6 -45.36 11.12 31.55
C GLN D 6 -44.30 10.97 30.46
N THR D 7 -43.05 10.82 30.90
CA THR D 7 -41.92 10.74 29.98
C THR D 7 -41.86 9.40 29.25
N SER D 8 -41.52 9.44 27.97
CA SER D 8 -41.13 8.23 27.23
C SER D 8 -39.63 8.27 26.98
N PHE D 9 -39.03 7.09 26.80
CA PHE D 9 -37.58 6.98 26.81
C PHE D 9 -37.05 6.36 25.52
N ILE D 10 -35.96 6.96 25.02
CA ILE D 10 -35.28 6.49 23.83
C ILE D 10 -33.82 6.26 24.20
N PHE D 11 -33.39 5.00 24.17
CA PHE D 11 -32.06 4.64 24.63
C PHE D 11 -31.12 4.30 23.47
N ASP D 12 -29.96 4.92 23.46
CA ASP D 12 -28.89 4.39 22.66
C ASP D 12 -28.56 3.05 23.34
N LEU D 13 -27.90 2.17 22.62
CA LEU D 13 -27.64 0.84 23.17
C LEU D 13 -26.17 0.69 23.55
N ASP D 14 -25.34 0.71 22.52
CA ASP D 14 -23.90 0.41 22.58
C ASP D 14 -23.14 1.49 23.35
N GLY D 15 -22.78 1.22 24.60
CA GLY D 15 -22.06 2.22 25.40
C GLY D 15 -23.01 2.98 26.31
N THR D 16 -24.30 2.79 26.08
CA THR D 16 -25.33 3.33 26.94
C THR D 16 -25.93 2.27 27.87
N LEU D 17 -26.40 1.15 27.31
CA LEU D 17 -26.90 0.03 28.13
C LEU D 17 -25.89 -1.13 28.25
N THR D 18 -25.14 -1.35 27.18
CA THR D 18 -24.10 -2.36 27.21
C THR D 18 -22.73 -1.70 27.20
N ASP D 19 -21.75 -2.37 27.80
CA ASP D 19 -20.38 -1.86 27.79
C ASP D 19 -19.64 -2.40 26.57
N SER D 20 -19.85 -1.75 25.42
CA SER D 20 -19.42 -2.31 24.13
C SER D 20 -18.70 -1.32 23.20
N VAL D 21 -18.64 -0.07 23.59
CA VAL D 21 -18.01 0.95 22.77
C VAL D 21 -16.55 0.60 22.49
N TYR D 22 -15.83 0.15 23.50
CA TYR D 22 -14.42 -0.16 23.33
C TYR D 22 -14.22 -1.38 22.42
N GLN D 23 -15.12 -2.36 22.50
CA GLN D 23 -15.05 -3.47 21.54
C GLN D 23 -15.36 -2.93 20.14
N ASN D 24 -16.26 -1.96 20.07
CA ASN D 24 -16.62 -1.35 18.81
C ASN D 24 -15.39 -0.65 18.17
N VAL D 25 -14.68 0.15 18.95
CA VAL D 25 -13.44 0.75 18.50
C VAL D 25 -12.43 -0.33 18.08
N ALA D 26 -12.29 -1.38 18.88
CA ALA D 26 -11.37 -2.47 18.54
C ALA D 26 -11.69 -3.05 17.16
N ALA D 27 -12.98 -3.34 16.93
CA ALA D 27 -13.42 -3.96 15.68
C ALA D 27 -13.16 -3.08 14.45
N TRP D 28 -13.39 -1.77 14.58
CA TRP D 28 -13.09 -0.81 13.51
C TRP D 28 -11.59 -0.70 13.28
N LYS D 29 -10.84 -0.56 14.36
CA LYS D 29 -9.40 -0.51 14.23
C LYS D 29 -9.00 -1.73 13.42
N GLU D 30 -9.47 -2.90 13.86
CA GLU D 30 -9.12 -4.16 13.23
C GLU D 30 -9.45 -4.11 11.72
N ALA D 31 -10.67 -3.70 11.40
CA ALA D 31 -11.07 -3.56 10.01
C ALA D 31 -10.15 -2.63 9.22
N LEU D 32 -9.85 -1.45 9.76
CA LEU D 32 -9.07 -0.44 9.04
C LEU D 32 -7.61 -0.84 8.82
N ASP D 33 -7.05 -1.59 9.76
CA ASP D 33 -5.69 -2.07 9.64
C ASP D 33 -5.57 -3.12 8.53
N ALA D 34 -6.53 -4.04 8.51
CA ALA D 34 -6.60 -5.01 7.43
C ALA D 34 -6.57 -4.29 6.10
N GLU D 35 -7.35 -3.21 6.01
CA GLU D 35 -7.52 -2.46 4.77
C GLU D 35 -6.40 -1.45 4.57
N ASN D 36 -5.36 -1.58 5.41
CA ASN D 36 -4.22 -0.67 5.38
C ASN D 36 -4.60 0.81 5.42
N ILE D 37 -5.59 1.15 6.24
CA ILE D 37 -6.00 2.54 6.48
C ILE D 37 -5.69 2.93 7.92
N PRO D 38 -4.54 3.58 8.15
CA PRO D 38 -4.07 3.84 9.51
C PRO D 38 -4.81 5.03 10.12
N LEU D 39 -5.26 4.88 11.35
CA LEU D 39 -5.95 5.95 12.05
C LEU D 39 -5.83 5.67 13.53
N ALA D 40 -5.51 6.70 14.29
CA ALA D 40 -5.39 6.54 15.72
C ALA D 40 -6.76 6.13 16.27
N MSE D 41 -6.77 5.23 17.25
CA MSE D 41 -8.06 4.79 17.76
C MSE D 41 -8.88 5.89 18.47
O MSE D 41 -10.11 5.81 18.50
CB MSE D 41 -7.86 3.57 18.63
CG MSE D 41 -7.14 2.45 17.89
SE MSE D 41 -6.61 1.02 19.07
CE MSE D 41 -8.37 0.17 19.29
N TRP D 42 -8.24 6.92 19.00
CA TRP D 42 -9.02 8.03 19.62
C TRP D 42 -9.94 8.74 18.61
N ARG D 43 -9.46 8.92 17.39
CA ARG D 43 -10.31 9.42 16.31
C ARG D 43 -11.44 8.45 15.95
N ILE D 44 -11.19 7.15 16.05
CA ILE D 44 -12.24 6.16 15.81
C ILE D 44 -13.27 6.22 16.94
N HIS D 45 -12.78 6.28 18.17
CA HIS D 45 -13.63 6.40 19.35
C HIS D 45 -14.60 7.58 19.23
N ARG D 46 -14.10 8.69 18.71
CA ARG D 46 -14.88 9.93 18.62
C ARG D 46 -16.09 9.80 17.72
N LYS D 47 -16.07 8.82 16.82
CA LYS D 47 -17.09 8.70 15.79
C LYS D 47 -18.08 7.57 16.11
N ILE D 48 -17.78 6.81 17.16
CA ILE D 48 -18.67 5.71 17.55
C ILE D 48 -20.04 6.26 17.90
N GLY D 49 -21.06 5.83 17.16
CA GLY D 49 -22.42 6.33 17.33
C GLY D 49 -22.99 6.85 16.02
N MSE D 50 -22.12 7.28 15.11
CA MSE D 50 -22.51 7.58 13.72
C MSE D 50 -22.71 6.28 12.93
O MSE D 50 -22.15 5.24 13.28
CB MSE D 50 -21.40 8.32 13.00
CG MSE D 50 -21.13 9.72 13.40
SE MSE D 50 -19.49 10.38 12.48
CE MSE D 50 -20.11 10.73 10.71
N SER D 51 -23.47 6.36 11.85
CA SER D 51 -23.56 5.20 10.97
C SER D 51 -22.17 5.04 10.39
N GLY D 52 -21.79 3.80 10.12
CA GLY D 52 -20.48 3.54 9.58
C GLY D 52 -20.21 4.32 8.31
N GLY D 53 -21.24 4.44 7.47
CA GLY D 53 -21.11 5.20 6.25
C GLY D 53 -20.66 6.61 6.55
N LEU D 54 -21.30 7.23 7.52
CA LEU D 54 -20.97 8.60 7.87
C LEU D 54 -19.60 8.66 8.55
N MSE D 55 -19.31 7.74 9.46
CA MSE D 55 -18.06 7.88 10.17
C MSE D 55 -16.84 7.65 9.26
O MSE D 55 -15.81 8.34 9.39
CB MSE D 55 -18.01 7.06 11.46
CG MSE D 55 -18.04 5.59 11.26
SE MSE D 55 -17.14 4.79 12.78
CE MSE D 55 -16.00 3.63 11.68
N LEU D 56 -16.94 6.70 8.33
CA LEU D 56 -15.89 6.49 7.36
C LEU D 56 -15.66 7.77 6.53
N LYS D 57 -16.73 8.31 5.95
CA LYS D 57 -16.64 9.58 5.24
C LYS D 57 -15.98 10.64 6.12
N SER D 58 -16.47 10.72 7.35
CA SER D 58 -15.98 11.71 8.30
C SER D 58 -14.49 11.58 8.58
N LEU D 59 -14.03 10.38 8.93
CA LEU D 59 -12.61 10.23 9.24
C LEU D 59 -11.75 10.24 7.97
N SER D 60 -12.35 9.89 6.85
CA SER D 60 -11.70 10.07 5.56
C SER D 60 -11.35 11.55 5.36
N ARG D 61 -12.32 12.41 5.58
CA ARG D 61 -12.08 13.83 5.41
C ARG D 61 -11.12 14.40 6.46
N GLU D 62 -11.34 14.02 7.72
CA GLU D 62 -10.56 14.62 8.79
C GLU D 62 -9.07 14.38 8.61
N THR D 63 -8.71 13.26 8.00
CA THR D 63 -7.31 12.89 7.84
C THR D 63 -6.76 13.22 6.43
N ILE D 67 -13.01 7.24 1.89
CA ILE D 67 -12.37 6.07 1.30
C ILE D 67 -13.26 5.47 0.21
N THR D 68 -12.69 4.59 -0.59
CA THR D 68 -13.43 4.05 -1.73
C THR D 68 -14.74 3.42 -1.29
N ASP D 69 -15.78 3.63 -2.11
CA ASP D 69 -17.11 3.17 -1.79
C ASP D 69 -17.14 1.65 -1.61
N GLU D 70 -16.25 0.96 -2.31
CA GLU D 70 -16.13 -0.49 -2.22
C GLU D 70 -15.34 -0.89 -0.96
N GLN D 71 -14.24 -0.19 -0.73
CA GLN D 71 -13.42 -0.37 0.45
C GLN D 71 -14.29 -0.21 1.68
N ALA D 72 -15.24 0.72 1.59
CA ALA D 72 -16.13 1.04 2.69
C ALA D 72 -17.06 -0.12 3.02
N GLU D 73 -17.55 -0.81 1.99
CA GLU D 73 -18.43 -1.94 2.23
C GLU D 73 -17.63 -3.09 2.84
N ARG D 74 -16.39 -3.27 2.36
CA ARG D 74 -15.53 -4.31 2.87
C ARG D 74 -15.25 -4.06 4.36
N LEU D 75 -14.80 -2.86 4.68
CA LEU D 75 -14.57 -2.44 6.06
C LEU D 75 -15.79 -2.78 6.92
N SER D 76 -16.97 -2.46 6.40
CA SER D 76 -18.21 -2.76 7.11
C SER D 76 -18.32 -4.25 7.47
N GLU D 77 -17.98 -5.13 6.53
CA GLU D 77 -18.01 -6.56 6.81
C GLU D 77 -16.89 -6.99 7.73
N LYS D 78 -15.72 -6.37 7.63
CA LYS D 78 -14.64 -6.69 8.55
C LYS D 78 -15.00 -6.25 9.98
N HIS D 79 -15.54 -5.04 10.12
CA HIS D 79 -15.99 -4.56 11.42
C HIS D 79 -16.91 -5.59 12.07
N ALA D 80 -17.95 -6.00 11.35
CA ALA D 80 -18.93 -6.97 11.84
C ALA D 80 -18.27 -8.25 12.33
N GLN D 81 -17.43 -8.83 11.48
CA GLN D 81 -16.78 -10.08 11.82
C GLN D 81 -15.91 -9.91 13.07
N ALA D 82 -15.15 -8.81 13.13
CA ALA D 82 -14.29 -8.54 14.28
C ALA D 82 -15.15 -8.36 15.51
N TYR D 83 -16.31 -7.73 15.35
CA TYR D 83 -17.16 -7.41 16.48
C TYR D 83 -17.80 -8.68 17.06
N GLU D 84 -18.24 -9.57 16.18
CA GLU D 84 -18.77 -10.88 16.59
C GLU D 84 -17.76 -11.70 17.37
N ARG D 85 -16.50 -11.62 16.92
CA ARG D 85 -15.43 -12.32 17.60
C ARG D 85 -15.28 -11.81 19.02
N LEU D 86 -15.71 -10.58 19.26
CA LEU D 86 -15.52 -9.94 20.55
C LEU D 86 -16.77 -10.05 21.40
N GLN D 87 -17.81 -10.64 20.82
CA GLN D 87 -19.14 -10.63 21.43
C GLN D 87 -19.17 -11.07 22.89
N HIS D 88 -18.25 -11.94 23.30
CA HIS D 88 -18.35 -12.48 24.66
C HIS D 88 -17.78 -11.55 25.70
N GLN D 89 -17.09 -10.53 25.21
CA GLN D 89 -16.52 -9.52 26.08
C GLN D 89 -17.58 -8.50 26.47
N ILE D 90 -18.72 -8.50 25.78
CA ILE D 90 -19.75 -7.49 26.01
C ILE D 90 -20.69 -7.83 27.15
N ILE D 91 -20.82 -6.89 28.07
CA ILE D 91 -21.57 -7.04 29.30
C ILE D 91 -22.46 -5.82 29.48
N ALA D 92 -23.60 -5.99 30.14
CA ALA D 92 -24.45 -4.88 30.52
C ALA D 92 -23.69 -3.88 31.41
N LEU D 93 -23.99 -2.58 31.23
CA LEU D 93 -23.47 -1.57 32.16
C LEU D 93 -24.21 -1.66 33.52
N PRO D 94 -23.59 -1.12 34.58
CA PRO D 94 -24.29 -1.09 35.87
C PRO D 94 -25.65 -0.39 35.82
N GLY D 95 -26.66 -1.03 36.41
CA GLY D 95 -28.01 -0.51 36.49
C GLY D 95 -28.82 -0.52 35.21
N ALA D 96 -28.20 -1.00 34.13
CA ALA D 96 -28.87 -1.07 32.83
C ALA D 96 -30.18 -1.88 32.90
N VAL D 97 -30.08 -3.13 33.34
CA VAL D 97 -31.23 -4.01 33.39
C VAL D 97 -32.23 -3.54 34.45
N GLU D 98 -31.71 -3.09 35.59
CA GLU D 98 -32.59 -2.61 36.64
C GLU D 98 -33.36 -1.36 36.21
N LEU D 99 -32.72 -0.52 35.41
CA LEU D 99 -33.39 0.69 34.88
C LEU D 99 -34.58 0.33 33.98
N LEU D 100 -34.34 -0.53 33.00
CA LEU D 100 -35.34 -0.98 32.06
C LEU D 100 -36.49 -1.71 32.75
N GLU D 101 -36.19 -2.39 33.85
CA GLU D 101 -37.19 -3.09 34.63
C GLU D 101 -38.04 -2.10 35.40
N THR D 102 -37.38 -1.14 36.02
CA THR D 102 -38.06 -0.05 36.70
C THR D 102 -39.06 0.61 35.75
N LEU D 103 -38.59 0.96 34.56
CA LEU D 103 -39.44 1.55 33.53
C LEU D 103 -40.66 0.70 33.21
N ASP D 104 -40.44 -0.59 33.00
CA ASP D 104 -41.54 -1.53 32.71
C ASP D 104 -42.53 -1.62 33.86
N LYS D 105 -42.01 -1.65 35.10
CA LYS D 105 -42.87 -1.73 36.28
C LYS D 105 -43.77 -0.52 36.43
N GLU D 106 -43.31 0.64 35.99
CA GLU D 106 -44.09 1.85 36.13
C GLU D 106 -44.83 2.19 34.85
N ASN D 107 -44.81 1.26 33.90
CA ASN D 107 -45.55 1.45 32.66
C ASN D 107 -45.11 2.72 31.94
N LEU D 108 -43.79 2.86 31.78
CA LEU D 108 -43.22 3.97 31.04
C LEU D 108 -42.65 3.42 29.75
N LYS D 109 -43.03 4.02 28.63
CA LYS D 109 -42.64 3.49 27.32
C LYS D 109 -41.17 3.75 27.03
N TRP D 110 -40.51 2.78 26.41
CA TRP D 110 -39.15 2.99 25.93
C TRP D 110 -38.91 2.27 24.62
N CYS D 111 -37.86 2.70 23.93
CA CYS D 111 -37.44 2.12 22.66
C CYS D 111 -35.94 2.31 22.55
N ILE D 112 -35.26 1.31 22.01
CA ILE D 112 -33.85 1.46 21.72
C ILE D 112 -33.70 1.98 20.30
N ALA D 113 -32.63 2.73 20.07
CA ALA D 113 -32.38 3.38 18.78
C ALA D 113 -30.87 3.48 18.57
N THR D 114 -30.36 2.72 17.61
CA THR D 114 -28.93 2.53 17.42
C THR D 114 -28.58 2.75 15.94
N SER D 115 -27.40 3.30 15.68
CA SER D 115 -26.94 3.53 14.30
C SER D 115 -26.37 2.24 13.76
N GLY D 116 -26.14 1.26 14.63
CA GLY D 116 -25.58 -0.02 14.23
C GLY D 116 -26.59 -0.94 13.57
N GLY D 117 -26.10 -2.01 12.97
CA GLY D 117 -26.96 -2.91 12.23
C GLY D 117 -27.63 -3.92 13.13
N ILE D 118 -28.58 -4.66 12.59
CA ILE D 118 -29.28 -5.72 13.31
C ILE D 118 -28.29 -6.69 13.93
N ASP D 119 -27.17 -6.89 13.23
CA ASP D 119 -26.14 -7.82 13.69
C ASP D 119 -25.62 -7.43 15.05
N THR D 120 -24.83 -6.36 15.10
CA THR D 120 -24.24 -5.91 16.34
C THR D 120 -25.31 -5.59 17.37
N ALA D 121 -26.45 -5.11 16.88
CA ALA D 121 -27.56 -4.80 17.76
C ALA D 121 -28.10 -6.06 18.41
N THR D 122 -28.02 -7.18 17.70
CA THR D 122 -28.49 -8.45 18.25
C THR D 122 -27.54 -8.93 19.33
N ILE D 123 -26.26 -8.86 19.03
CA ILE D 123 -25.21 -9.19 19.97
C ILE D 123 -25.33 -8.37 21.25
N ASN D 124 -25.41 -7.04 21.13
CA ASN D 124 -25.51 -6.21 22.33
C ASN D 124 -26.71 -6.60 23.16
N LEU D 125 -27.80 -6.97 22.50
CA LEU D 125 -29.03 -7.25 23.21
C LEU D 125 -28.97 -8.57 24.00
N LYS D 126 -28.02 -9.44 23.67
CA LYS D 126 -27.85 -10.69 24.43
C LYS D 126 -27.28 -10.42 25.82
N ALA D 127 -26.45 -9.38 25.93
CA ALA D 127 -25.87 -9.01 27.22
C ALA D 127 -26.92 -8.41 28.18
N LEU D 128 -28.04 -7.97 27.63
CA LEU D 128 -29.15 -7.51 28.44
C LEU D 128 -30.19 -8.63 28.67
N LYS D 129 -29.96 -9.80 28.08
CA LYS D 129 -30.96 -10.86 28.04
C LYS D 129 -32.26 -10.37 27.41
N LEU D 130 -32.17 -9.70 26.27
CA LEU D 130 -33.37 -9.18 25.62
C LEU D 130 -33.57 -9.76 24.22
N ASP D 131 -34.83 -9.87 23.82
CA ASP D 131 -35.18 -10.42 22.51
C ASP D 131 -35.49 -9.30 21.53
N ILE D 132 -34.75 -9.23 20.44
CA ILE D 132 -34.88 -8.13 19.49
C ILE D 132 -36.28 -8.02 18.89
N ASN D 133 -37.00 -9.14 18.86
CA ASN D 133 -38.37 -9.14 18.34
C ASN D 133 -39.41 -9.03 19.45
N LYS D 134 -38.95 -8.93 20.70
CA LYS D 134 -39.87 -8.79 21.82
C LYS D 134 -39.69 -7.48 22.59
N ILE D 135 -39.01 -6.53 21.96
CA ILE D 135 -38.85 -5.19 22.53
C ILE D 135 -39.06 -4.12 21.47
N ASN D 136 -39.06 -2.87 21.88
CA ASN D 136 -39.14 -1.76 20.93
C ASN D 136 -37.75 -1.31 20.56
N ILE D 137 -37.39 -1.52 19.29
CA ILE D 137 -36.07 -1.08 18.83
C ILE D 137 -36.07 -0.63 17.38
N VAL D 138 -35.19 0.32 17.10
CA VAL D 138 -34.97 0.83 15.77
C VAL D 138 -33.49 0.72 15.47
N THR D 139 -33.14 0.19 14.30
CA THR D 139 -31.74 0.06 13.91
C THR D 139 -31.47 0.81 12.61
N ARG D 140 -30.19 0.88 12.25
CA ARG D 140 -29.75 1.53 11.02
C ARG D 140 -30.59 1.13 9.82
N ASP D 141 -30.93 -0.16 9.79
CA ASP D 141 -31.70 -0.75 8.70
C ASP D 141 -33.11 -0.19 8.57
N ASP D 142 -33.61 0.45 9.64
CA ASP D 142 -34.98 0.93 9.68
C ASP D 142 -35.13 2.38 9.20
N VAL D 143 -34.04 3.01 8.80
CA VAL D 143 -34.08 4.44 8.42
C VAL D 143 -33.08 4.74 7.32
N SER D 144 -33.15 5.94 6.76
CA SER D 144 -32.21 6.35 5.70
C SER D 144 -30.86 6.89 6.20
N TYR D 145 -30.82 7.42 7.40
CA TYR D 145 -29.59 8.03 7.93
C TYR D 145 -29.42 7.75 9.42
N GLY D 146 -28.20 7.47 9.84
CA GLY D 146 -27.89 7.30 11.24
C GLY D 146 -27.64 8.62 11.97
N LYS D 147 -27.25 8.54 13.25
CA LYS D 147 -26.90 9.72 14.02
C LYS D 147 -25.70 10.40 13.35
N PRO D 148 -25.63 11.74 13.42
CA PRO D 148 -26.47 12.63 14.22
C PRO D 148 -27.80 13.06 13.58
N ASP D 149 -28.22 12.40 12.50
CA ASP D 149 -29.55 12.68 11.93
C ASP D 149 -30.63 12.23 12.93
N PRO D 150 -31.73 12.99 13.04
CA PRO D 150 -32.78 12.69 14.03
C PRO D 150 -33.65 11.48 13.64
N ASP D 151 -33.44 10.94 12.44
CA ASP D 151 -34.22 9.81 11.91
C ASP D 151 -34.58 8.72 12.92
N LEU D 152 -33.54 8.08 13.46
CA LEU D 152 -33.67 7.03 14.45
C LEU D 152 -34.58 7.40 15.63
N PHE D 153 -34.38 8.60 16.17
CA PHE D 153 -35.15 9.00 17.34
C PHE D 153 -36.60 9.30 16.97
N LEU D 154 -36.81 9.93 15.81
CA LEU D 154 -38.15 10.20 15.33
C LEU D 154 -38.89 8.88 15.06
N ALA D 155 -38.17 7.91 14.53
CA ALA D 155 -38.74 6.57 14.30
C ALA D 155 -39.00 5.88 15.63
N ALA D 156 -38.07 6.01 16.57
CA ALA D 156 -38.24 5.46 17.91
C ALA D 156 -39.49 5.97 18.61
N ALA D 157 -39.76 7.28 18.51
CA ALA D 157 -40.92 7.87 19.12
C ALA D 157 -42.21 7.39 18.45
N LYS D 158 -42.20 7.36 17.13
CA LYS D 158 -43.31 6.83 16.35
C LYS D 158 -43.63 5.43 16.86
N LYS D 159 -42.63 4.57 16.88
CA LYS D 159 -42.81 3.20 17.33
C LYS D 159 -43.44 3.06 18.71
N ILE D 160 -43.31 4.07 19.56
CA ILE D 160 -43.92 3.95 20.89
C ILE D 160 -45.09 4.92 21.09
N GLY D 161 -45.53 5.53 19.99
CA GLY D 161 -46.67 6.44 20.00
C GLY D 161 -46.49 7.56 21.00
N ALA D 162 -45.36 8.25 20.90
CA ALA D 162 -45.09 9.34 21.83
C ALA D 162 -44.62 10.56 21.08
N PRO D 163 -45.14 11.74 21.45
CA PRO D 163 -44.62 12.96 20.83
C PRO D 163 -43.14 13.07 21.17
N ILE D 164 -42.33 13.53 20.23
CA ILE D 164 -40.89 13.61 20.46
C ILE D 164 -40.59 14.57 21.60
N ASP D 165 -41.48 15.53 21.84
CA ASP D 165 -41.25 16.48 22.93
C ASP D 165 -41.69 15.92 24.27
N GLU D 166 -42.21 14.71 24.26
CA GLU D 166 -42.48 13.99 25.50
C GLU D 166 -41.37 12.96 25.71
N CYS D 167 -40.32 13.08 24.91
CA CYS D 167 -39.26 12.09 24.90
C CYS D 167 -37.96 12.52 25.56
N LEU D 168 -37.41 11.60 26.30
CA LEU D 168 -36.11 11.75 26.92
C LEU D 168 -35.15 10.87 26.14
N VAL D 169 -34.15 11.46 25.51
CA VAL D 169 -33.15 10.69 24.79
C VAL D 169 -31.96 10.46 25.70
N ILE D 170 -31.60 9.19 25.91
CA ILE D 170 -30.44 8.85 26.72
C ILE D 170 -29.35 8.21 25.87
N GLY D 171 -28.17 8.81 25.87
CA GLY D 171 -27.07 8.30 25.07
C GLY D 171 -25.70 8.61 25.65
N ASP D 172 -24.65 8.17 24.97
CA ASP D 172 -23.33 8.26 25.54
C ASP D 172 -22.45 9.05 24.60
N ALA D 173 -23.01 9.42 23.45
CA ALA D 173 -22.19 10.01 22.39
C ALA D 173 -22.67 11.40 21.99
N ILE D 174 -21.71 12.25 21.64
CA ILE D 174 -22.01 13.54 21.06
C ILE D 174 -23.05 13.38 19.97
N TRP D 175 -22.97 12.28 19.23
CA TRP D 175 -23.90 12.08 18.13
C TRP D 175 -25.37 11.89 18.59
N ASP D 176 -25.54 11.30 19.78
CA ASP D 176 -26.85 11.11 20.41
C ASP D 176 -27.46 12.46 20.82
N MSE D 177 -26.61 13.30 21.43
CA MSE D 177 -27.03 14.60 21.94
C MSE D 177 -27.35 15.55 20.79
O MSE D 177 -28.33 16.26 20.83
CB MSE D 177 -25.96 15.22 22.84
CG MSE D 177 -25.53 14.33 24.01
SE MSE D 177 -26.95 13.93 25.32
CE MSE D 177 -27.84 12.42 24.43
N LEU D 178 -26.55 15.50 19.72
CA LEU D 178 -26.83 16.31 18.54
C LEU D 178 -28.14 15.88 17.90
N ALA D 179 -28.28 14.59 17.65
CA ALA D 179 -29.53 14.00 17.15
C ALA D 179 -30.69 14.47 18.00
N ALA D 180 -30.52 14.45 19.32
CA ALA D 180 -31.61 14.83 20.24
C ALA D 180 -31.98 16.28 20.01
N ARG D 181 -30.98 17.15 19.96
CA ARG D 181 -31.25 18.56 19.82
C ARG D 181 -31.82 18.88 18.43
N ARG D 182 -31.47 18.09 17.40
CA ARG D 182 -31.98 18.37 16.06
C ARG D 182 -33.48 18.05 15.85
N CYS D 183 -34.05 17.21 16.69
CA CYS D 183 -35.48 16.98 16.62
C CYS D 183 -36.18 17.54 17.86
N LYS D 184 -35.49 18.47 18.54
CA LYS D 184 -36.04 19.21 19.66
C LYS D 184 -36.34 18.34 20.90
N ALA D 185 -35.68 17.21 21.05
CA ALA D 185 -35.89 16.37 22.25
C ALA D 185 -34.91 16.71 23.37
N THR D 186 -35.29 16.40 24.60
CA THR D 186 -34.41 16.59 25.74
C THR D 186 -33.32 15.52 25.73
N GLY D 187 -32.07 15.93 25.83
CA GLY D 187 -30.96 15.01 25.86
C GLY D 187 -30.30 14.83 27.23
N VAL D 188 -30.10 13.57 27.59
CA VAL D 188 -29.29 13.22 28.74
C VAL D 188 -28.11 12.33 28.34
N GLY D 189 -26.92 12.70 28.80
CA GLY D 189 -25.74 11.94 28.44
C GLY D 189 -25.17 11.08 29.55
N LEU D 190 -24.50 10.01 29.15
CA LEU D 190 -23.83 9.09 30.07
C LEU D 190 -22.33 9.00 29.71
N LEU D 191 -21.48 8.80 30.73
CA LEU D 191 -20.02 8.75 30.56
C LEU D 191 -19.50 7.37 30.15
N SER D 192 -20.42 6.41 30.09
CA SER D 192 -20.06 5.02 29.87
C SER D 192 -19.65 4.69 28.44
N GLY D 193 -19.71 5.68 27.55
CA GLY D 193 -19.27 5.48 26.19
C GLY D 193 -17.88 6.04 26.05
N GLY D 194 -17.36 6.53 27.16
CA GLY D 194 -16.05 7.15 27.17
C GLY D 194 -16.01 8.59 26.71
N TYR D 195 -17.17 9.24 26.46
CA TYR D 195 -17.20 10.69 26.21
C TYR D 195 -17.25 11.48 27.52
N ASP D 196 -16.74 12.72 27.54
CA ASP D 196 -16.67 13.46 28.78
C ASP D 196 -17.86 14.40 28.94
N ILE D 197 -18.05 14.89 30.17
CA ILE D 197 -19.19 15.74 30.46
C ILE D 197 -19.19 17.02 29.61
N GLY D 198 -18.03 17.67 29.51
CA GLY D 198 -17.87 18.80 28.61
C GLY D 198 -18.31 18.55 27.18
N GLU D 199 -17.81 17.49 26.54
CA GLU D 199 -18.23 17.21 25.17
C GLU D 199 -19.74 16.95 25.10
N LEU D 200 -20.27 16.18 26.06
CA LEU D 200 -21.70 15.86 26.00
C LEU D 200 -22.58 17.09 26.17
N GLU D 201 -22.21 17.98 27.10
CA GLU D 201 -22.94 19.21 27.32
C GLU D 201 -22.87 20.15 26.13
N ARG D 202 -21.67 20.37 25.60
CA ARG D 202 -21.52 21.16 24.39
C ARG D 202 -22.27 20.59 23.18
N ALA D 203 -22.67 19.33 23.23
CA ALA D 203 -23.46 18.73 22.15
C ALA D 203 -24.97 18.70 22.47
N GLY D 204 -25.31 19.20 23.65
CA GLY D 204 -26.70 19.47 23.99
C GLY D 204 -27.27 18.73 25.19
N ALA D 205 -26.45 17.97 25.89
CA ALA D 205 -26.89 17.21 27.05
C ALA D 205 -27.35 18.20 28.13
N LEU D 206 -28.58 18.03 28.61
CA LEU D 206 -29.13 18.83 29.70
C LEU D 206 -28.61 18.35 31.05
N ARG D 207 -28.44 17.04 31.18
CA ARG D 207 -27.80 16.43 32.35
C ARG D 207 -26.84 15.35 31.86
N VAL D 208 -25.81 15.07 32.65
CA VAL D 208 -24.90 13.99 32.38
C VAL D 208 -24.70 13.14 33.65
N TYR D 209 -24.86 11.82 33.50
CA TYR D 209 -24.67 10.86 34.58
C TYR D 209 -23.57 9.86 34.21
N GLU D 210 -23.12 9.08 35.18
CA GLU D 210 -22.02 8.12 34.96
C GLU D 210 -22.38 6.95 34.05
N ASP D 211 -23.52 6.34 34.36
CA ASP D 211 -23.95 5.09 33.76
C ASP D 211 -25.42 4.91 34.11
N PRO D 212 -26.07 3.84 33.61
CA PRO D 212 -27.52 3.78 33.85
C PRO D 212 -27.88 3.77 35.33
N LEU D 213 -27.03 3.19 36.16
CA LEU D 213 -27.32 3.11 37.59
C LEU D 213 -27.41 4.51 38.16
N ASP D 214 -26.46 5.35 37.79
CA ASP D 214 -26.42 6.72 38.23
C ASP D 214 -27.65 7.48 37.73
N LEU D 215 -28.05 7.23 36.50
CA LEU D 215 -29.23 7.90 35.97
C LEU D 215 -30.46 7.43 36.75
N LEU D 216 -30.47 6.14 37.05
CA LEU D 216 -31.60 5.56 37.79
C LEU D 216 -31.73 6.27 39.13
N ASN D 217 -30.60 6.49 39.80
CA ASN D 217 -30.59 7.15 41.08
C ASN D 217 -31.00 8.61 41.02
N HIS D 218 -31.06 9.20 39.81
CA HIS D 218 -31.44 10.61 39.69
C HIS D 218 -32.63 10.81 38.78
N LEU D 219 -33.36 9.74 38.50
CA LEU D 219 -34.44 9.77 37.54
C LEU D 219 -35.42 10.95 37.74
N ASP D 220 -35.75 11.26 38.98
CA ASP D 220 -36.72 12.32 39.26
C ASP D 220 -36.21 13.67 38.79
N GLU D 221 -34.90 13.84 38.77
CA GLU D 221 -34.30 15.08 38.29
C GLU D 221 -34.69 15.37 36.85
N ILE D 222 -35.00 14.32 36.10
CA ILE D 222 -34.99 14.48 34.67
C ILE D 222 -36.18 13.88 33.94
N ALA D 223 -37.06 13.24 34.69
CA ALA D 223 -38.13 12.48 34.08
C ALA D 223 -39.40 12.61 34.87
N SER D 224 -40.53 12.62 34.18
CA SER D 224 -41.83 12.67 34.83
C SER D 224 -42.40 11.28 35.05
N PRO E 5 31.01 -25.35 29.06
CA PRO E 5 31.60 -25.32 27.72
C PRO E 5 30.67 -24.64 26.72
N GLN E 6 30.83 -23.34 26.55
CA GLN E 6 29.94 -22.57 25.67
C GLN E 6 30.00 -23.07 24.21
N THR E 7 28.84 -23.11 23.56
CA THR E 7 28.74 -23.57 22.20
C THR E 7 29.40 -22.60 21.22
N SER E 8 30.11 -23.17 20.24
CA SER E 8 30.65 -22.42 19.11
C SER E 8 29.87 -22.76 17.84
N PHE E 9 29.75 -21.81 16.92
CA PHE E 9 28.78 -21.92 15.84
C PHE E 9 29.40 -21.90 14.45
N ILE E 10 29.05 -22.93 13.66
CA ILE E 10 29.47 -22.96 12.26
C ILE E 10 28.25 -22.81 11.35
N PHE E 11 28.16 -21.68 10.67
CA PHE E 11 27.00 -21.36 9.85
C PHE E 11 27.28 -21.62 8.38
N ASP E 12 26.36 -22.30 7.72
CA ASP E 12 26.35 -22.28 6.26
C ASP E 12 25.88 -20.86 5.84
N LEU E 13 26.02 -20.50 4.56
CA LEU E 13 25.70 -19.14 4.15
C LEU E 13 24.48 -19.07 3.23
N ASP E 14 24.67 -19.48 1.99
CA ASP E 14 23.64 -19.50 0.97
C ASP E 14 22.46 -20.40 1.40
N GLY E 15 21.32 -19.81 1.74
CA GLY E 15 20.13 -20.57 2.10
C GLY E 15 19.92 -20.65 3.59
N THR E 16 20.92 -20.18 4.33
CA THR E 16 20.94 -20.35 5.78
C THR E 16 20.92 -18.97 6.44
N LEU E 17 21.82 -18.08 5.99
CA LEU E 17 21.80 -16.69 6.44
C LEU E 17 21.28 -15.71 5.35
N THR E 18 21.50 -16.05 4.08
CA THR E 18 20.97 -15.24 2.99
C THR E 18 20.02 -16.06 2.13
N ASP E 19 18.97 -15.40 1.63
CA ASP E 19 17.99 -16.06 0.77
C ASP E 19 18.51 -16.16 -0.67
N SER E 20 19.44 -17.08 -0.91
CA SER E 20 20.15 -17.12 -2.18
C SER E 20 20.18 -18.47 -2.91
N VAL E 21 19.60 -19.52 -2.32
CA VAL E 21 19.57 -20.82 -2.96
C VAL E 21 18.88 -20.78 -4.33
N TYR E 22 17.77 -20.06 -4.42
CA TYR E 22 16.98 -20.03 -5.64
C TYR E 22 17.72 -19.29 -6.75
N GLN E 23 18.55 -18.31 -6.37
CA GLN E 23 19.40 -17.65 -7.35
C GLN E 23 20.49 -18.62 -7.82
N ASN E 24 21.04 -19.39 -6.88
CA ASN E 24 22.06 -20.38 -7.19
C ASN E 24 21.46 -21.40 -8.17
N VAL E 25 20.30 -21.96 -7.84
CA VAL E 25 19.61 -22.86 -8.76
C VAL E 25 19.48 -22.29 -10.18
N ALA E 26 18.98 -21.06 -10.29
CA ALA E 26 18.75 -20.44 -11.59
C ALA E 26 20.05 -20.28 -12.37
N ALA E 27 21.11 -19.89 -11.65
CA ALA E 27 22.45 -19.76 -12.22
C ALA E 27 22.98 -21.10 -12.76
N TRP E 28 22.83 -22.18 -11.98
CA TRP E 28 23.23 -23.48 -12.49
C TRP E 28 22.41 -23.90 -13.70
N LYS E 29 21.10 -23.62 -13.66
CA LYS E 29 20.19 -24.03 -14.72
C LYS E 29 20.59 -23.40 -16.06
N GLU E 30 20.92 -22.11 -16.00
CA GLU E 30 21.34 -21.34 -17.16
C GLU E 30 22.68 -21.83 -17.69
N ALA E 31 23.61 -22.10 -16.79
CA ALA E 31 24.90 -22.69 -17.19
C ALA E 31 24.76 -24.07 -17.82
N LEU E 32 23.92 -24.92 -17.23
CA LEU E 32 23.75 -26.28 -17.72
C LEU E 32 23.00 -26.33 -19.06
N ASP E 33 22.00 -25.47 -19.21
CA ASP E 33 21.27 -25.35 -20.46
C ASP E 33 22.20 -24.89 -21.58
N ALA E 34 23.08 -23.93 -21.26
CA ALA E 34 24.06 -23.40 -22.24
C ALA E 34 24.98 -24.48 -22.77
N GLU E 35 25.10 -25.54 -22.00
CA GLU E 35 26.05 -26.60 -22.27
C GLU E 35 25.33 -27.90 -22.62
N ASN E 36 24.07 -27.77 -23.06
CA ASN E 36 23.27 -28.94 -23.48
C ASN E 36 23.28 -30.06 -22.46
N ILE E 37 23.17 -29.69 -21.20
CA ILE E 37 22.96 -30.66 -20.12
C ILE E 37 21.65 -30.28 -19.43
N PRO E 38 20.53 -30.67 -20.03
CA PRO E 38 19.20 -30.25 -19.61
C PRO E 38 18.79 -31.08 -18.41
N LEU E 39 18.61 -30.41 -17.27
CA LEU E 39 18.33 -31.08 -16.01
C LEU E 39 17.19 -30.32 -15.39
N ALA E 40 16.16 -31.02 -14.93
CA ALA E 40 15.03 -30.35 -14.28
C ALA E 40 15.55 -29.58 -13.08
N MSE E 41 14.94 -28.44 -12.78
CA MSE E 41 15.46 -27.66 -11.67
C MSE E 41 15.38 -28.27 -10.27
O MSE E 41 16.19 -27.93 -9.42
CB MSE E 41 14.91 -26.24 -11.70
CG MSE E 41 15.89 -25.34 -12.47
SE MSE E 41 15.02 -23.82 -12.98
CE MSE E 41 15.78 -22.57 -11.66
N TRP E 42 14.45 -29.18 -10.01
CA TRP E 42 14.42 -29.85 -8.70
C TRP E 42 15.71 -30.68 -8.44
N ARG E 43 16.25 -31.31 -9.50
CA ARG E 43 17.49 -32.09 -9.42
C ARG E 43 18.68 -31.18 -9.11
N ILE E 44 18.69 -29.98 -9.68
CA ILE E 44 19.76 -29.01 -9.36
C ILE E 44 19.63 -28.52 -7.91
N HIS E 45 18.39 -28.29 -7.48
CA HIS E 45 18.11 -27.78 -6.12
C HIS E 45 18.56 -28.80 -5.08
N ARG E 46 18.42 -30.07 -5.42
CA ARG E 46 18.83 -31.16 -4.51
C ARG E 46 20.31 -31.11 -4.16
N LYS E 47 21.14 -30.61 -5.07
CA LYS E 47 22.59 -30.64 -4.89
C LYS E 47 23.18 -29.33 -4.35
N ILE E 48 22.37 -28.29 -4.28
CA ILE E 48 22.86 -27.00 -3.80
C ILE E 48 23.40 -27.16 -2.36
N GLY E 49 24.67 -26.78 -2.18
CA GLY E 49 25.36 -26.98 -0.93
C GLY E 49 26.60 -27.85 -1.11
N MSE E 50 26.61 -28.69 -2.15
CA MSE E 50 27.84 -29.37 -2.58
C MSE E 50 28.73 -28.36 -3.28
O MSE E 50 28.23 -27.38 -3.83
CB MSE E 50 27.56 -30.49 -3.57
CG MSE E 50 26.68 -31.60 -3.07
SE MSE E 50 26.84 -33.13 -4.29
CE MSE E 50 26.66 -34.59 -3.01
N SER E 51 30.04 -28.59 -3.30
CA SER E 51 30.87 -27.70 -4.11
C SER E 51 30.60 -28.08 -5.56
N GLY E 52 30.71 -27.09 -6.46
CA GLY E 52 30.41 -27.31 -7.86
C GLY E 52 30.96 -28.59 -8.46
N GLY E 53 32.20 -28.96 -8.11
CA GLY E 53 32.85 -30.11 -8.70
C GLY E 53 32.11 -31.40 -8.40
N LEU E 54 31.75 -31.59 -7.14
CA LEU E 54 31.06 -32.78 -6.69
C LEU E 54 29.63 -32.76 -7.21
N MSE E 55 29.04 -31.59 -7.23
CA MSE E 55 27.70 -31.49 -7.74
C MSE E 55 27.68 -31.96 -9.20
O MSE E 55 26.84 -32.77 -9.60
CB MSE E 55 27.22 -30.06 -7.62
CG MSE E 55 25.77 -29.88 -7.95
SE MSE E 55 25.42 -28.00 -8.26
CE MSE E 55 26.23 -27.28 -6.63
N LEU E 56 28.62 -31.45 -9.99
CA LEU E 56 28.70 -31.81 -11.40
C LEU E 56 28.88 -33.30 -11.61
N LYS E 57 29.85 -33.90 -10.92
CA LYS E 57 29.99 -35.36 -10.91
C LYS E 57 28.69 -36.04 -10.52
N SER E 58 28.04 -35.52 -9.49
CA SER E 58 26.84 -36.16 -8.97
C SER E 58 25.71 -36.20 -9.99
N LEU E 59 25.36 -35.03 -10.54
CA LEU E 59 24.33 -34.91 -11.59
C LEU E 59 24.72 -35.77 -12.77
N SER E 60 26.02 -35.72 -13.07
CA SER E 60 26.66 -36.47 -14.13
C SER E 60 26.29 -37.95 -14.05
N ARG E 61 26.78 -38.60 -13.01
CA ARG E 61 26.48 -39.99 -12.73
C ARG E 61 24.98 -40.29 -12.70
N GLU E 62 24.16 -39.39 -12.15
CA GLU E 62 22.73 -39.69 -12.06
C GLU E 62 22.03 -39.60 -13.41
N THR E 63 22.69 -38.97 -14.40
CA THR E 63 22.15 -38.91 -15.76
C THR E 63 22.82 -39.91 -16.69
N GLY E 64 23.90 -40.56 -16.22
CA GLY E 64 24.47 -41.71 -16.89
C GLY E 64 25.60 -41.42 -17.88
N MSE E 65 26.33 -40.34 -17.65
CA MSE E 65 27.20 -39.89 -18.71
C MSE E 65 28.64 -39.45 -18.35
O MSE E 65 29.59 -40.12 -18.76
CB MSE E 65 26.46 -38.86 -19.55
CG MSE E 65 27.25 -37.64 -19.80
SE MSE E 65 26.83 -36.34 -18.44
CE MSE E 65 25.05 -35.86 -19.10
N SER E 66 28.78 -38.36 -17.60
CA SER E 66 30.08 -37.84 -17.15
C SER E 66 30.50 -36.56 -17.86
N ILE E 67 31.16 -35.69 -17.12
CA ILE E 67 31.55 -34.39 -17.64
C ILE E 67 33.06 -34.20 -17.48
N THR E 68 33.73 -33.87 -18.57
CA THR E 68 35.15 -33.56 -18.55
C THR E 68 35.50 -32.39 -17.65
N ASP E 69 36.77 -32.33 -17.28
CA ASP E 69 37.35 -31.22 -16.52
C ASP E 69 37.08 -29.89 -17.21
N GLU E 70 37.40 -29.85 -18.50
CA GLU E 70 37.26 -28.64 -19.32
C GLU E 70 35.83 -28.06 -19.35
N GLN E 71 34.83 -28.91 -19.54
CA GLN E 71 33.45 -28.42 -19.53
C GLN E 71 32.99 -28.05 -18.11
N ALA E 72 33.49 -28.78 -17.12
CA ALA E 72 33.22 -28.49 -15.73
C ALA E 72 33.66 -27.08 -15.42
N GLU E 73 34.85 -26.75 -15.90
CA GLU E 73 35.45 -25.43 -15.75
C GLU E 73 34.58 -24.36 -16.41
N ARG E 74 34.17 -24.62 -17.65
CA ARG E 74 33.29 -23.67 -18.35
C ARG E 74 31.94 -23.53 -17.65
N LEU E 75 31.36 -24.65 -17.20
CA LEU E 75 30.08 -24.59 -16.49
C LEU E 75 30.22 -23.72 -15.25
N SER E 76 31.31 -23.94 -14.52
CA SER E 76 31.64 -23.12 -13.36
C SER E 76 31.68 -21.63 -13.73
N GLU E 77 32.46 -21.27 -14.74
CA GLU E 77 32.48 -19.87 -15.20
C GLU E 77 31.10 -19.34 -15.55
N LYS E 78 30.34 -20.11 -16.31
CA LYS E 78 28.98 -19.71 -16.69
C LYS E 78 28.13 -19.47 -15.47
N HIS E 79 28.29 -20.34 -14.48
CA HIS E 79 27.55 -20.21 -13.22
C HIS E 79 27.92 -18.93 -12.47
N ALA E 80 29.21 -18.66 -12.29
CA ALA E 80 29.62 -17.42 -11.61
C ALA E 80 29.04 -16.20 -12.30
N GLN E 81 29.11 -16.20 -13.63
CA GLN E 81 28.61 -15.07 -14.40
C GLN E 81 27.10 -14.90 -14.21
N ALA E 82 26.34 -15.98 -14.34
CA ALA E 82 24.90 -15.89 -14.16
C ALA E 82 24.56 -15.45 -12.74
N TYR E 83 25.32 -15.93 -11.77
CA TYR E 83 25.07 -15.55 -10.38
C TYR E 83 25.28 -14.04 -10.22
N GLU E 84 26.43 -13.53 -10.66
CA GLU E 84 26.71 -12.11 -10.58
C GLU E 84 25.51 -11.33 -11.08
N ARG E 85 24.94 -11.75 -12.21
CA ARG E 85 23.82 -11.02 -12.78
C ARG E 85 22.60 -11.03 -11.87
N LEU E 86 22.58 -11.95 -10.91
CA LEU E 86 21.45 -12.03 -10.00
C LEU E 86 21.75 -11.45 -8.62
N GLN E 87 22.91 -10.83 -8.47
CA GLN E 87 23.39 -10.43 -7.15
C GLN E 87 22.45 -9.53 -6.34
N HIS E 88 21.72 -8.64 -7.01
CA HIS E 88 20.88 -7.66 -6.30
C HIS E 88 19.55 -8.24 -5.82
N GLN E 89 19.29 -9.50 -6.17
CA GLN E 89 18.05 -10.15 -5.76
C GLN E 89 18.20 -10.72 -4.35
N ILE E 90 19.46 -10.85 -3.92
CA ILE E 90 19.79 -11.55 -2.69
C ILE E 90 19.55 -10.72 -1.44
N ILE E 91 18.67 -11.23 -0.59
CA ILE E 91 18.25 -10.55 0.62
C ILE E 91 18.71 -11.39 1.81
N ALA E 92 18.92 -10.76 2.96
CA ALA E 92 19.27 -11.49 4.16
C ALA E 92 17.98 -12.19 4.61
N LEU E 93 18.10 -13.41 5.11
CA LEU E 93 16.94 -14.11 5.68
C LEU E 93 16.55 -13.53 7.06
N PRO E 94 15.26 -13.61 7.45
CA PRO E 94 14.79 -13.11 8.75
C PRO E 94 15.59 -13.62 9.94
N GLY E 95 16.04 -12.71 10.81
CA GLY E 95 16.71 -13.10 12.03
C GLY E 95 18.19 -13.31 11.86
N ALA E 96 18.63 -13.35 10.60
CA ALA E 96 20.02 -13.69 10.26
C ALA E 96 21.03 -12.75 10.89
N VAL E 97 20.84 -11.45 10.65
CA VAL E 97 21.72 -10.46 11.23
C VAL E 97 21.54 -10.43 12.74
N GLU E 98 20.29 -10.38 13.19
CA GLU E 98 20.01 -10.35 14.63
C GLU E 98 20.63 -11.53 15.37
N LEU E 99 20.63 -12.71 14.73
CA LEU E 99 21.24 -13.90 15.35
C LEU E 99 22.73 -13.66 15.50
N LEU E 100 23.36 -13.14 14.44
CA LEU E 100 24.81 -12.94 14.48
C LEU E 100 25.17 -11.89 15.53
N GLU E 101 24.40 -10.81 15.56
CA GLU E 101 24.54 -9.77 16.57
C GLU E 101 24.35 -10.33 17.99
N THR E 102 23.38 -11.22 18.16
CA THR E 102 23.15 -11.84 19.47
C THR E 102 24.39 -12.62 19.93
N LEU E 103 25.00 -13.37 19.01
CA LEU E 103 26.16 -14.18 19.35
C LEU E 103 27.37 -13.32 19.76
N ASP E 104 27.62 -12.24 19.04
CA ASP E 104 28.75 -11.37 19.37
C ASP E 104 28.55 -10.79 20.76
N LYS E 105 27.37 -10.24 20.99
CA LYS E 105 27.04 -9.57 22.24
C LYS E 105 27.18 -10.56 23.39
N GLU E 106 27.18 -11.84 23.06
CA GLU E 106 27.13 -12.91 24.05
C GLU E 106 28.46 -13.63 24.12
N ASN E 107 29.45 -13.14 23.37
CA ASN E 107 30.78 -13.77 23.33
C ASN E 107 30.85 -15.19 22.75
N LEU E 108 29.76 -15.64 22.13
CA LEU E 108 29.77 -16.96 21.47
C LEU E 108 30.49 -16.84 20.13
N LYS E 109 31.42 -17.77 19.87
CA LYS E 109 32.22 -17.74 18.65
C LYS E 109 31.48 -18.40 17.49
N TRP E 110 31.58 -17.79 16.30
CA TRP E 110 30.99 -18.39 15.10
C TRP E 110 31.85 -18.18 13.87
N CYS E 111 31.72 -19.11 12.94
CA CYS E 111 32.44 -19.05 11.68
C CYS E 111 31.47 -19.39 10.56
N ILE E 112 31.68 -18.79 9.39
CA ILE E 112 30.87 -19.14 8.24
C ILE E 112 31.64 -20.17 7.44
N ALA E 113 30.92 -21.17 6.91
CA ALA E 113 31.54 -22.26 6.15
C ALA E 113 30.68 -22.60 4.95
N THR E 114 31.19 -22.29 3.75
CA THR E 114 30.44 -22.41 2.50
C THR E 114 31.20 -23.22 1.44
N SER E 115 30.47 -24.00 0.64
CA SER E 115 31.06 -24.72 -0.51
C SER E 115 31.30 -23.78 -1.67
N GLY E 116 30.72 -22.58 -1.59
CA GLY E 116 31.01 -21.53 -2.55
C GLY E 116 32.47 -21.08 -2.48
N GLY E 117 32.97 -20.54 -3.59
CA GLY E 117 34.28 -19.93 -3.62
C GLY E 117 34.15 -18.46 -3.24
N ILE E 118 35.28 -17.77 -3.18
CA ILE E 118 35.33 -16.36 -2.78
C ILE E 118 34.29 -15.46 -3.47
N ASP E 119 34.01 -15.73 -4.75
CA ASP E 119 33.09 -14.89 -5.53
C ASP E 119 31.67 -14.90 -4.99
N THR E 120 31.04 -16.07 -5.01
CA THR E 120 29.69 -16.19 -4.49
C THR E 120 29.65 -15.71 -3.04
N ALA E 121 30.60 -16.16 -2.24
CA ALA E 121 30.60 -15.81 -0.83
C ALA E 121 30.65 -14.30 -0.56
N THR E 122 31.37 -13.56 -1.41
CA THR E 122 31.44 -12.10 -1.25
C THR E 122 30.08 -11.45 -1.55
N ILE E 123 29.39 -11.98 -2.55
CA ILE E 123 28.06 -11.49 -2.91
C ILE E 123 27.05 -11.66 -1.77
N ASN E 124 26.97 -12.85 -1.20
CA ASN E 124 25.95 -13.08 -0.18
C ASN E 124 26.21 -12.25 1.07
N LEU E 125 27.48 -12.09 1.40
CA LEU E 125 27.90 -11.34 2.59
C LEU E 125 27.45 -9.88 2.55
N LYS E 126 27.43 -9.29 1.36
CA LYS E 126 26.89 -7.94 1.17
C LYS E 126 25.48 -7.83 1.75
N ALA E 127 24.65 -8.84 1.47
CA ALA E 127 23.26 -8.81 1.92
C ALA E 127 23.18 -8.78 3.43
N LEU E 128 24.23 -9.23 4.10
CA LEU E 128 24.29 -9.17 5.55
C LEU E 128 25.13 -8.01 5.97
N LYS E 129 25.40 -7.10 5.04
CA LYS E 129 26.33 -5.99 5.25
C LYS E 129 27.52 -6.44 6.07
N LEU E 130 28.19 -7.50 5.62
CA LEU E 130 29.43 -7.97 6.24
C LEU E 130 30.58 -7.95 5.24
N ASP E 131 31.77 -7.60 5.71
CA ASP E 131 32.96 -7.59 4.87
C ASP E 131 33.71 -8.90 5.07
N ILE E 132 33.84 -9.67 3.98
CA ILE E 132 34.45 -10.98 4.04
C ILE E 132 35.72 -10.97 4.91
N ASN E 133 36.73 -10.21 4.49
CA ASN E 133 38.01 -10.20 5.22
C ASN E 133 37.94 -9.60 6.63
N LYS E 134 36.72 -9.34 7.11
CA LYS E 134 36.53 -8.80 8.45
C LYS E 134 35.83 -9.79 9.40
N ILE E 135 35.54 -11.00 8.92
CA ILE E 135 34.86 -12.01 9.73
C ILE E 135 35.57 -13.36 9.71
N ASN E 136 35.01 -14.32 10.46
CA ASN E 136 35.48 -15.70 10.41
C ASN E 136 34.72 -16.47 9.35
N ILE E 137 35.41 -16.81 8.27
CA ILE E 137 34.78 -17.54 7.17
C ILE E 137 35.77 -18.46 6.46
N VAL E 138 35.28 -19.62 6.07
CA VAL E 138 36.03 -20.56 5.25
C VAL E 138 35.27 -20.80 3.96
N THR E 139 35.99 -20.82 2.84
CA THR E 139 35.37 -21.07 1.55
C THR E 139 35.99 -22.31 0.88
N ARG E 140 35.40 -22.71 -0.24
CA ARG E 140 35.86 -23.85 -1.01
C ARG E 140 37.31 -23.68 -1.42
N ASP E 141 37.71 -22.42 -1.63
CA ASP E 141 39.10 -22.12 -1.95
C ASP E 141 40.03 -22.36 -0.77
N ASP E 142 39.47 -22.67 0.39
CA ASP E 142 40.29 -22.86 1.58
C ASP E 142 40.59 -24.31 1.87
N VAL E 143 39.94 -25.21 1.13
CA VAL E 143 40.06 -26.63 1.42
C VAL E 143 40.15 -27.44 0.12
N SER E 144 40.42 -28.73 0.24
CA SER E 144 40.47 -29.61 -0.92
C SER E 144 39.07 -30.01 -1.35
N TYR E 145 38.19 -30.23 -0.38
CA TYR E 145 36.90 -30.84 -0.66
C TYR E 145 35.77 -30.03 -0.05
N GLY E 146 34.67 -29.94 -0.78
CA GLY E 146 33.51 -29.23 -0.30
C GLY E 146 32.56 -30.20 0.37
N LYS E 147 31.43 -29.67 0.81
CA LYS E 147 30.42 -30.51 1.41
C LYS E 147 29.97 -31.59 0.43
N PRO E 148 29.61 -32.78 0.94
CA PRO E 148 29.48 -33.14 2.36
C PRO E 148 30.77 -33.62 3.05
N ASP E 149 31.93 -33.47 2.40
CA ASP E 149 33.18 -33.71 3.09
C ASP E 149 33.28 -32.75 4.29
N PRO E 150 33.80 -33.26 5.42
CA PRO E 150 33.87 -32.51 6.67
C PRO E 150 34.92 -31.40 6.64
N ASP E 151 35.69 -31.33 5.56
CA ASP E 151 36.79 -30.37 5.45
C ASP E 151 36.45 -28.98 5.93
N LEU E 152 35.42 -28.39 5.32
CA LEU E 152 35.04 -27.02 5.62
C LEU E 152 34.76 -26.78 7.12
N PHE E 153 34.07 -27.72 7.76
CA PHE E 153 33.65 -27.51 9.14
C PHE E 153 34.83 -27.63 10.08
N LEU E 154 35.73 -28.55 9.75
CA LEU E 154 36.95 -28.75 10.50
C LEU E 154 37.84 -27.51 10.43
N ALA E 155 37.97 -26.94 9.24
CA ALA E 155 38.74 -25.72 9.06
C ALA E 155 38.10 -24.57 9.82
N ALA E 156 36.77 -24.58 9.88
CA ALA E 156 36.02 -23.56 10.60
C ALA E 156 36.19 -23.70 12.11
N ALA E 157 36.07 -24.93 12.62
CA ALA E 157 36.26 -25.16 14.05
C ALA E 157 37.66 -24.69 14.42
N LYS E 158 38.60 -24.98 13.53
CA LYS E 158 39.98 -24.59 13.73
C LYS E 158 40.16 -23.08 13.71
N LYS E 159 39.48 -22.40 12.80
CA LYS E 159 39.65 -20.96 12.71
C LYS E 159 39.15 -20.22 13.95
N ILE E 160 38.19 -20.79 14.66
CA ILE E 160 37.62 -20.12 15.81
C ILE E 160 38.11 -20.68 17.14
N GLY E 161 38.99 -21.68 17.06
CA GLY E 161 39.65 -22.23 18.22
C GLY E 161 38.79 -23.18 19.03
N ALA E 162 37.75 -23.70 18.40
CA ALA E 162 36.85 -24.63 19.08
C ALA E 162 37.04 -26.05 18.58
N PRO E 163 37.01 -27.01 19.51
CA PRO E 163 37.04 -28.41 19.09
C PRO E 163 35.76 -28.69 18.31
N ILE E 164 35.82 -29.54 17.29
CA ILE E 164 34.66 -29.75 16.42
C ILE E 164 33.48 -30.33 17.19
N ASP E 165 33.77 -30.93 18.34
CA ASP E 165 32.71 -31.55 19.15
C ASP E 165 32.06 -30.56 20.11
N GLU E 166 32.62 -29.36 20.20
CA GLU E 166 31.97 -28.28 20.95
C GLU E 166 31.21 -27.37 19.99
N CYS E 167 31.02 -27.85 18.78
CA CYS E 167 30.44 -27.01 17.72
C CYS E 167 29.01 -27.39 17.33
N LEU E 168 28.24 -26.38 16.98
CA LEU E 168 26.94 -26.57 16.39
C LEU E 168 26.98 -26.16 14.93
N VAL E 169 26.71 -27.10 14.04
CA VAL E 169 26.62 -26.78 12.62
C VAL E 169 25.20 -26.34 12.28
N ILE E 170 25.09 -25.20 11.62
CA ILE E 170 23.79 -24.71 11.18
C ILE E 170 23.75 -24.62 9.66
N GLY E 171 22.79 -25.30 9.05
CA GLY E 171 22.78 -25.45 7.60
C GLY E 171 21.38 -25.65 7.06
N ASP E 172 21.22 -25.56 5.75
CA ASP E 172 19.89 -25.69 5.17
C ASP E 172 19.83 -26.88 4.24
N ALA E 173 20.95 -27.59 4.09
CA ALA E 173 21.00 -28.67 3.12
C ALA E 173 21.40 -30.02 3.72
N ILE E 174 20.88 -31.08 3.12
CA ILE E 174 21.29 -32.44 3.39
C ILE E 174 22.82 -32.46 3.55
N TRP E 175 23.49 -31.76 2.65
CA TRP E 175 24.94 -31.74 2.60
C TRP E 175 25.64 -31.16 3.82
N ASP E 176 25.04 -30.13 4.44
CA ASP E 176 25.54 -29.58 5.71
C ASP E 176 25.40 -30.58 6.84
N MSE E 177 24.25 -31.26 6.88
CA MSE E 177 23.96 -32.21 7.93
C MSE E 177 24.86 -33.44 7.82
O MSE E 177 25.42 -33.90 8.82
CB MSE E 177 22.48 -32.63 7.91
CG MSE E 177 21.49 -31.49 8.18
SE MSE E 177 21.93 -30.55 9.87
CE MSE E 177 22.84 -29.00 9.12
N LEU E 178 24.97 -33.96 6.61
CA LEU E 178 25.88 -35.04 6.28
C LEU E 178 27.32 -34.70 6.74
N ALA E 179 27.84 -33.55 6.30
CA ALA E 179 29.18 -33.16 6.73
C ALA E 179 29.27 -33.01 8.25
N ALA E 180 28.20 -32.53 8.87
CA ALA E 180 28.23 -32.30 10.32
C ALA E 180 28.41 -33.65 11.00
N ARG E 181 27.58 -34.62 10.60
CA ARG E 181 27.61 -35.95 11.19
C ARG E 181 28.94 -36.68 10.91
N ARG E 182 29.52 -36.44 9.74
CA ARG E 182 30.79 -37.06 9.38
C ARG E 182 31.96 -36.66 10.26
N CYS E 183 31.91 -35.45 10.82
CA CYS E 183 32.91 -35.05 11.82
C CYS E 183 32.34 -35.08 13.21
N LYS E 184 31.19 -35.73 13.36
CA LYS E 184 30.56 -35.93 14.65
C LYS E 184 30.16 -34.64 15.37
N ALA E 185 29.81 -33.60 14.62
CA ALA E 185 29.29 -32.37 15.22
C ALA E 185 27.77 -32.47 15.36
N THR E 186 27.16 -31.50 16.01
CA THR E 186 25.71 -31.52 16.14
C THR E 186 25.13 -30.66 15.04
N GLY E 187 24.25 -31.25 14.25
CA GLY E 187 23.70 -30.58 13.10
C GLY E 187 22.28 -30.11 13.35
N VAL E 188 22.01 -28.89 12.91
CA VAL E 188 20.70 -28.27 13.03
C VAL E 188 20.33 -27.72 11.66
N GLY E 189 19.11 -28.05 11.20
CA GLY E 189 18.72 -27.73 9.84
C GLY E 189 17.68 -26.61 9.76
N LEU E 190 17.77 -25.80 8.70
CA LEU E 190 16.84 -24.71 8.43
C LEU E 190 16.06 -24.98 7.14
N LEU E 191 14.78 -24.64 7.15
CA LEU E 191 13.92 -24.84 5.98
C LEU E 191 14.12 -23.77 4.90
N SER E 192 14.95 -22.76 5.19
CA SER E 192 15.04 -21.57 4.34
C SER E 192 15.78 -21.80 3.00
N GLY E 193 16.39 -22.97 2.85
CA GLY E 193 17.03 -23.36 1.60
C GLY E 193 16.14 -24.24 0.74
N GLY E 194 14.89 -24.39 1.14
CA GLY E 194 13.97 -25.25 0.43
C GLY E 194 14.00 -26.76 0.67
N TYR E 195 14.92 -27.29 1.48
CA TYR E 195 14.86 -28.72 1.86
C TYR E 195 13.80 -28.92 2.96
N ASP E 196 13.16 -30.10 3.01
CA ASP E 196 12.08 -30.34 4.00
C ASP E 196 12.61 -30.99 5.27
N ILE E 197 11.77 -31.02 6.28
CA ILE E 197 12.18 -31.48 7.59
C ILE E 197 12.58 -32.94 7.54
N GLY E 198 11.83 -33.73 6.78
CA GLY E 198 12.20 -35.13 6.50
C GLY E 198 13.61 -35.33 5.97
N GLU E 199 13.95 -34.67 4.87
CA GLU E 199 15.29 -34.79 4.29
C GLU E 199 16.39 -34.44 5.27
N LEU E 200 16.22 -33.31 5.95
CA LEU E 200 17.21 -32.80 6.89
C LEU E 200 17.40 -33.71 8.11
N GLU E 201 16.30 -34.26 8.62
CA GLU E 201 16.36 -35.24 9.71
C GLU E 201 17.07 -36.52 9.26
N ARG E 202 16.76 -36.99 8.06
CA ARG E 202 17.42 -38.20 7.56
C ARG E 202 18.91 -37.99 7.25
N ALA E 203 19.32 -36.75 6.99
CA ALA E 203 20.72 -36.47 6.71
C ALA E 203 21.42 -36.14 8.01
N GLY E 204 20.67 -36.20 9.11
CA GLY E 204 21.24 -36.12 10.45
C GLY E 204 20.90 -34.92 11.31
N ALA E 205 20.00 -34.05 10.87
CA ALA E 205 19.62 -32.90 11.70
C ALA E 205 19.01 -33.35 13.04
N LEU E 206 19.48 -32.75 14.14
CA LEU E 206 18.96 -33.05 15.47
C LEU E 206 17.69 -32.25 15.75
N ARG E 207 17.66 -31.00 15.26
CA ARG E 207 16.48 -30.15 15.30
C ARG E 207 16.38 -29.48 13.94
N VAL E 208 15.17 -29.10 13.57
CA VAL E 208 14.99 -28.33 12.36
C VAL E 208 14.12 -27.08 12.65
N TYR E 209 14.58 -25.92 12.19
CA TYR E 209 13.84 -24.67 12.36
C TYR E 209 13.54 -24.04 11.00
N GLU E 210 12.58 -23.12 10.99
CA GLU E 210 12.22 -22.47 9.73
C GLU E 210 13.37 -21.67 9.13
N ASP E 211 13.95 -20.82 9.95
CA ASP E 211 14.90 -19.82 9.49
C ASP E 211 15.69 -19.31 10.70
N PRO E 212 16.62 -18.36 10.49
CA PRO E 212 17.46 -17.96 11.63
C PRO E 212 16.65 -17.41 12.79
N LEU E 213 15.54 -16.72 12.51
CA LEU E 213 14.72 -16.14 13.56
C LEU E 213 14.10 -17.26 14.37
N ASP E 214 13.62 -18.29 13.68
CA ASP E 214 12.98 -19.40 14.38
C ASP E 214 14.01 -20.08 15.26
N LEU E 215 15.21 -20.25 14.71
CA LEU E 215 16.31 -20.85 15.45
C LEU E 215 16.68 -19.98 16.65
N LEU E 216 16.77 -18.69 16.42
CA LEU E 216 17.13 -17.74 17.48
C LEU E 216 16.17 -17.86 18.66
N ASN E 217 14.88 -17.98 18.35
CA ASN E 217 13.82 -18.10 19.35
C ASN E 217 13.86 -19.40 20.12
N HIS E 218 14.61 -20.37 19.62
CA HIS E 218 14.73 -21.67 20.28
C HIS E 218 16.16 -21.99 20.63
N LEU E 219 17.02 -20.96 20.65
CA LEU E 219 18.44 -21.15 20.86
C LEU E 219 18.77 -22.03 22.08
N ASP E 220 17.94 -21.97 23.11
CA ASP E 220 18.15 -22.74 24.34
C ASP E 220 17.99 -24.24 24.16
N GLU E 221 17.10 -24.66 23.27
CA GLU E 221 16.86 -26.08 22.99
C GLU E 221 18.13 -26.76 22.51
N ILE E 222 19.06 -25.97 21.98
CA ILE E 222 20.04 -26.55 21.11
C ILE E 222 21.46 -26.04 21.32
N ALA E 223 21.61 -24.95 22.08
CA ALA E 223 22.93 -24.35 22.33
C ALA E 223 23.12 -23.94 23.80
N SER E 224 24.36 -23.95 24.26
CA SER E 224 24.70 -23.53 25.63
C SER E 224 25.32 -22.14 25.59
N GLN F 6 30.92 4.98 -19.34
CA GLN F 6 29.53 4.89 -18.91
C GLN F 6 28.73 6.20 -18.99
N THR F 7 27.44 6.08 -19.32
CA THR F 7 26.55 7.24 -19.37
C THR F 7 26.24 7.78 -17.97
N SER F 8 26.30 9.09 -17.85
CA SER F 8 25.80 9.81 -16.68
C SER F 8 24.47 10.47 -17.03
N PHE F 9 23.64 10.74 -16.02
CA PHE F 9 22.25 11.10 -16.23
C PHE F 9 21.88 12.40 -15.50
N ILE F 10 21.36 13.37 -16.25
CA ILE F 10 20.89 14.63 -15.65
C ILE F 10 19.39 14.69 -15.84
N PHE F 11 18.66 14.62 -14.72
CA PHE F 11 17.22 14.48 -14.74
C PHE F 11 16.53 15.78 -14.42
N ASP F 12 15.52 16.13 -15.22
CA ASP F 12 14.56 17.15 -14.84
C ASP F 12 13.73 16.52 -13.72
N LEU F 13 13.12 17.33 -12.87
CA LEU F 13 12.37 16.79 -11.74
C LEU F 13 10.85 16.86 -12.01
N ASP F 14 10.34 18.07 -12.10
CA ASP F 14 8.90 18.34 -12.21
C ASP F 14 8.35 17.96 -13.59
N GLY F 15 7.63 16.84 -13.68
CA GLY F 15 7.11 16.33 -14.94
C GLY F 15 7.95 15.22 -15.57
N THR F 16 9.15 15.05 -15.00
CA THR F 16 10.05 14.01 -15.47
C THR F 16 10.10 12.84 -14.48
N LEU F 17 10.39 13.13 -13.22
CA LEU F 17 10.28 12.12 -12.14
C LEU F 17 8.99 12.22 -11.34
N THR F 18 8.50 13.44 -11.08
CA THR F 18 7.21 13.56 -10.39
C THR F 18 6.10 14.03 -11.33
N ASP F 19 4.89 13.53 -11.10
CA ASP F 19 3.74 14.01 -11.85
C ASP F 19 3.30 15.35 -11.28
N SER F 20 4.01 16.42 -11.64
CA SER F 20 3.81 17.70 -10.96
C SER F 20 3.52 18.89 -11.88
N VAL F 21 3.58 18.67 -13.19
CA VAL F 21 3.43 19.79 -14.12
C VAL F 21 2.05 20.45 -14.06
N TYR F 22 1.01 19.63 -13.92
CA TYR F 22 -0.36 20.13 -13.89
C TYR F 22 -0.63 20.98 -12.65
N GLN F 23 -0.02 20.60 -11.53
CA GLN F 23 -0.08 21.40 -10.30
C GLN F 23 0.73 22.69 -10.51
N ASN F 24 1.85 22.57 -11.20
CA ASN F 24 2.69 23.72 -11.48
C ASN F 24 1.90 24.73 -12.33
N VAL F 25 1.12 24.22 -13.29
CA VAL F 25 0.24 25.03 -14.11
C VAL F 25 -0.90 25.68 -13.29
N ALA F 26 -1.59 24.90 -12.46
CA ALA F 26 -2.63 25.46 -11.59
C ALA F 26 -2.08 26.57 -10.70
N ALA F 27 -0.87 26.38 -10.19
CA ALA F 27 -0.25 27.33 -9.27
C ALA F 27 0.08 28.67 -9.93
N TRP F 28 0.55 28.61 -11.17
CA TRP F 28 0.83 29.83 -11.93
C TRP F 28 -0.46 30.53 -12.28
N LYS F 29 -1.45 29.74 -12.69
CA LYS F 29 -2.80 30.28 -12.94
C LYS F 29 -3.23 31.11 -11.72
N GLU F 30 -3.12 30.50 -10.54
CA GLU F 30 -3.48 31.15 -9.30
C GLU F 30 -2.65 32.40 -9.06
N ALA F 31 -1.36 32.36 -9.33
CA ALA F 31 -0.55 33.56 -9.15
C ALA F 31 -0.95 34.68 -10.12
N LEU F 32 -1.18 34.32 -11.38
CA LEU F 32 -1.52 35.28 -12.43
C LEU F 32 -2.91 35.91 -12.24
N ASP F 33 -3.88 35.09 -11.88
CA ASP F 33 -5.19 35.59 -11.48
C ASP F 33 -5.08 36.67 -10.39
N ALA F 34 -4.36 36.35 -9.31
CA ALA F 34 -4.20 37.28 -8.17
C ALA F 34 -3.64 38.64 -8.61
N GLU F 35 -2.95 38.69 -9.75
CA GLU F 35 -2.34 39.92 -10.20
C GLU F 35 -3.02 40.44 -11.47
N ASN F 36 -4.19 39.89 -11.79
CA ASN F 36 -5.01 40.39 -12.88
C ASN F 36 -4.32 40.27 -14.23
N ILE F 37 -3.57 39.19 -14.38
CA ILE F 37 -2.91 38.88 -15.63
C ILE F 37 -3.56 37.66 -16.25
N PRO F 38 -4.39 37.90 -17.28
CA PRO F 38 -5.16 36.89 -17.99
C PRO F 38 -4.22 36.08 -18.84
N LEU F 39 -4.32 34.76 -18.80
CA LEU F 39 -3.49 33.90 -19.65
C LEU F 39 -4.17 32.55 -19.72
N ALA F 40 -4.47 32.07 -20.91
CA ALA F 40 -5.05 30.74 -21.04
C ALA F 40 -4.10 29.69 -20.50
N MSE F 41 -4.65 28.58 -20.05
CA MSE F 41 -3.82 27.55 -19.43
C MSE F 41 -2.74 26.95 -20.37
O MSE F 41 -1.58 26.76 -19.97
CB MSE F 41 -4.72 26.45 -18.91
CG MSE F 41 -4.27 25.89 -17.60
SE MSE F 41 -4.87 26.99 -16.08
CE MSE F 41 -4.89 25.52 -14.80
N TRP F 42 -3.13 26.61 -21.60
CA TRP F 42 -2.17 25.94 -22.48
C TRP F 42 -0.92 26.80 -22.64
N ARG F 43 -1.10 28.12 -22.58
CA ARG F 43 0.00 29.09 -22.63
C ARG F 43 0.94 29.01 -21.41
N ILE F 44 0.37 28.79 -20.22
CA ILE F 44 1.20 28.57 -19.05
C ILE F 44 1.90 27.24 -19.14
N HIS F 45 1.16 26.21 -19.50
CA HIS F 45 1.70 24.87 -19.66
C HIS F 45 2.93 24.89 -20.57
N ARG F 46 2.82 25.57 -21.71
CA ARG F 46 3.92 25.66 -22.69
C ARG F 46 5.20 26.21 -22.08
N LYS F 47 5.09 26.87 -20.93
CA LYS F 47 6.25 27.53 -20.35
C LYS F 47 6.88 26.76 -19.18
N ILE F 48 6.16 25.79 -18.63
CA ILE F 48 6.72 25.05 -17.50
C ILE F 48 8.05 24.37 -17.88
N GLY F 49 9.08 24.58 -17.07
CA GLY F 49 10.39 24.04 -17.32
C GLY F 49 11.33 25.21 -17.40
N MSE F 50 10.77 26.34 -17.81
CA MSE F 50 11.47 27.60 -17.84
C MSE F 50 11.69 28.20 -16.45
O MSE F 50 10.79 28.14 -15.61
CB MSE F 50 10.66 28.63 -18.61
CG MSE F 50 11.10 28.80 -20.02
SE MSE F 50 10.08 30.26 -20.81
CE MSE F 50 11.42 30.95 -22.03
N SER F 51 12.86 28.79 -16.25
CA SER F 51 13.13 29.59 -15.06
C SER F 51 12.07 30.67 -14.92
N GLY F 52 11.56 30.87 -13.71
CA GLY F 52 10.48 31.83 -13.46
C GLY F 52 10.63 33.15 -14.18
N GLY F 53 11.84 33.70 -14.16
CA GLY F 53 12.11 34.98 -14.78
C GLY F 53 11.95 34.97 -16.27
N LEU F 54 12.66 34.07 -16.96
CA LEU F 54 12.44 33.87 -18.38
C LEU F 54 10.96 33.73 -18.67
N MSE F 55 10.27 32.94 -17.85
CA MSE F 55 8.87 32.64 -18.12
C MSE F 55 8.02 33.90 -18.12
O MSE F 55 7.15 34.07 -18.99
CB MSE F 55 8.33 31.66 -17.07
CG MSE F 55 7.01 31.04 -17.47
SE MSE F 55 6.14 30.12 -16.00
CE MSE F 55 7.66 29.08 -15.37
N LEU F 56 8.26 34.79 -17.17
CA LEU F 56 7.48 36.02 -17.07
C LEU F 56 7.94 37.01 -18.14
N LYS F 57 9.24 37.06 -18.39
CA LYS F 57 9.75 37.91 -19.45
C LYS F 57 9.12 37.55 -20.81
N SER F 58 8.89 36.26 -21.04
CA SER F 58 8.36 35.83 -22.33
C SER F 58 6.82 35.90 -22.35
N LEU F 59 6.21 35.74 -21.19
CA LEU F 59 4.77 35.92 -21.08
C LEU F 59 4.42 37.39 -21.29
N SER F 60 5.35 38.27 -20.98
CA SER F 60 5.13 39.70 -21.16
C SER F 60 5.18 40.05 -22.66
N ARG F 61 6.23 39.60 -23.36
CA ARG F 61 6.26 39.77 -24.81
C ARG F 61 5.05 39.14 -25.48
N GLU F 62 4.79 37.88 -25.15
CA GLU F 62 3.62 37.18 -25.67
C GLU F 62 2.33 38.01 -25.51
N THR F 63 2.31 38.86 -24.48
CA THR F 63 1.12 39.65 -24.13
C THR F 63 1.31 41.15 -24.32
N GLY F 64 2.29 41.52 -25.14
CA GLY F 64 2.55 42.92 -25.46
C GLY F 64 2.50 43.86 -24.27
N MSE F 65 2.92 43.39 -23.10
CA MSE F 65 2.91 44.25 -21.93
C MSE F 65 4.13 43.98 -21.05
O MSE F 65 4.87 43.02 -21.30
CB MSE F 65 1.61 44.08 -21.14
CG MSE F 65 1.20 42.65 -20.90
SE MSE F 65 1.80 41.99 -19.16
CE MSE F 65 0.09 42.16 -18.25
N SER F 66 4.36 44.80 -20.04
CA SER F 66 5.53 44.56 -19.21
C SER F 66 5.23 44.41 -17.71
N ILE F 67 6.10 43.64 -17.06
CA ILE F 67 5.91 43.23 -15.68
C ILE F 67 7.03 43.78 -14.81
N THR F 68 6.68 44.62 -13.85
CA THR F 68 7.68 45.20 -12.96
C THR F 68 8.37 44.15 -12.08
N ASP F 69 9.51 44.52 -11.51
CA ASP F 69 10.28 43.60 -10.70
C ASP F 69 9.49 43.21 -9.45
N GLU F 70 8.84 44.20 -8.85
CA GLU F 70 8.02 43.96 -7.66
C GLU F 70 6.92 42.96 -7.98
N GLN F 71 6.18 43.20 -9.04
CA GLN F 71 5.08 42.31 -9.38
C GLN F 71 5.57 40.90 -9.72
N ALA F 72 6.70 40.82 -10.41
CA ALA F 72 7.27 39.54 -10.82
C ALA F 72 7.62 38.71 -9.61
N GLU F 73 8.26 39.36 -8.65
CA GLU F 73 8.60 38.73 -7.39
C GLU F 73 7.35 38.22 -6.63
N ARG F 74 6.30 39.03 -6.61
CA ARG F 74 5.04 38.61 -5.98
C ARG F 74 4.46 37.39 -6.70
N LEU F 75 4.52 37.42 -8.02
CA LEU F 75 4.06 36.29 -8.83
C LEU F 75 4.85 35.03 -8.43
N SER F 76 6.16 35.18 -8.33
CA SER F 76 7.04 34.09 -7.94
C SER F 76 6.65 33.51 -6.59
N GLU F 77 6.42 34.39 -5.61
CA GLU F 77 6.07 33.97 -4.24
C GLU F 77 4.68 33.35 -4.15
N LYS F 78 3.73 33.93 -4.90
CA LYS F 78 2.38 33.41 -4.92
C LYS F 78 2.36 32.03 -5.61
N HIS F 79 3.12 31.91 -6.68
CA HIS F 79 3.21 30.62 -7.37
C HIS F 79 3.72 29.53 -6.42
N ALA F 80 4.76 29.85 -5.65
CA ALA F 80 5.35 28.88 -4.73
C ALA F 80 4.37 28.47 -3.61
N GLN F 81 3.64 29.44 -3.07
CA GLN F 81 2.63 29.16 -2.06
C GLN F 81 1.47 28.35 -2.60
N ALA F 82 0.99 28.68 -3.79
CA ALA F 82 -0.12 27.92 -4.35
C ALA F 82 0.33 26.49 -4.65
N TYR F 83 1.57 26.35 -5.09
CA TYR F 83 2.12 25.02 -5.33
C TYR F 83 2.14 24.22 -4.03
N GLU F 84 2.64 24.86 -2.98
CA GLU F 84 2.72 24.25 -1.66
C GLU F 84 1.41 23.65 -1.20
N ARG F 85 0.33 24.37 -1.45
CA ARG F 85 -0.99 23.93 -1.04
C ARG F 85 -1.52 22.77 -1.89
N LEU F 86 -0.85 22.49 -3.01
CA LEU F 86 -1.26 21.37 -3.85
C LEU F 86 -0.35 20.18 -3.65
N GLN F 87 0.63 20.33 -2.75
CA GLN F 87 1.70 19.37 -2.65
C GLN F 87 1.26 17.94 -2.36
N HIS F 88 0.15 17.78 -1.68
CA HIS F 88 -0.25 16.42 -1.29
C HIS F 88 -0.79 15.66 -2.50
N GLN F 89 -1.08 16.40 -3.57
CA GLN F 89 -1.52 15.82 -4.82
C GLN F 89 -0.35 15.26 -5.64
N ILE F 90 0.87 15.52 -5.20
CA ILE F 90 2.03 15.21 -6.02
C ILE F 90 2.57 13.80 -5.80
N ILE F 91 2.58 13.03 -6.88
CA ILE F 91 2.96 11.62 -6.82
C ILE F 91 4.07 11.30 -7.84
N ALA F 92 4.97 10.38 -7.49
CA ALA F 92 6.03 9.94 -8.40
C ALA F 92 5.45 9.42 -9.70
N LEU F 93 6.13 9.68 -10.82
CA LEU F 93 5.69 9.06 -12.08
C LEU F 93 6.03 7.58 -12.07
N PRO F 94 5.32 6.77 -12.87
CA PRO F 94 5.64 5.34 -12.98
C PRO F 94 7.07 5.10 -13.41
N GLY F 95 7.78 4.22 -12.69
CA GLY F 95 9.13 3.86 -13.05
C GLY F 95 10.17 4.82 -12.49
N ALA F 96 9.74 6.00 -12.05
CA ALA F 96 10.67 7.03 -11.57
C ALA F 96 11.61 6.48 -10.48
N VAL F 97 11.01 5.90 -9.44
CA VAL F 97 11.78 5.37 -8.32
C VAL F 97 12.61 4.14 -8.72
N GLU F 98 11.97 3.20 -9.42
CA GLU F 98 12.68 2.03 -9.93
C GLU F 98 13.88 2.42 -10.80
N LEU F 99 13.72 3.46 -11.64
CA LEU F 99 14.80 3.94 -12.50
C LEU F 99 16.00 4.46 -11.71
N LEU F 100 15.72 5.29 -10.71
CA LEU F 100 16.80 5.82 -9.87
C LEU F 100 17.53 4.68 -9.13
N GLU F 101 16.77 3.67 -8.66
CA GLU F 101 17.35 2.57 -7.89
C GLU F 101 18.16 1.66 -8.79
N THR F 102 17.59 1.40 -9.97
CA THR F 102 18.30 0.69 -11.03
C THR F 102 19.64 1.34 -11.31
N LEU F 103 19.68 2.64 -11.59
CA LEU F 103 20.99 3.18 -11.92
C LEU F 103 21.95 3.28 -10.70
N ASP F 104 21.40 3.25 -9.49
CA ASP F 104 22.22 3.21 -8.29
C ASP F 104 22.98 1.89 -8.15
N LYS F 105 22.26 0.78 -8.28
CA LYS F 105 22.88 -0.52 -8.10
C LYS F 105 23.89 -0.75 -9.21
N GLU F 106 23.61 -0.16 -10.35
CA GLU F 106 24.50 -0.29 -11.48
C GLU F 106 25.61 0.77 -11.45
N ASN F 107 25.70 1.47 -10.31
CA ASN F 107 26.69 2.53 -10.13
C ASN F 107 26.76 3.56 -11.27
N LEU F 108 25.62 3.86 -11.88
CA LEU F 108 25.55 4.94 -12.86
C LEU F 108 25.26 6.25 -12.14
N LYS F 109 26.00 7.30 -12.48
CA LYS F 109 25.87 8.58 -11.78
C LYS F 109 24.66 9.34 -12.27
N TRP F 110 24.01 10.07 -11.36
CA TRP F 110 22.94 10.96 -11.77
C TRP F 110 22.85 12.23 -10.93
N CYS F 111 22.25 13.25 -11.52
CA CYS F 111 21.98 14.51 -10.85
C CYS F 111 20.60 15.01 -11.31
N ILE F 112 19.89 15.66 -10.40
CA ILE F 112 18.63 16.30 -10.73
C ILE F 112 18.97 17.75 -11.02
N ALA F 113 18.23 18.35 -11.94
CA ALA F 113 18.49 19.71 -12.36
C ALA F 113 17.16 20.37 -12.70
N THR F 114 16.70 21.25 -11.81
CA THR F 114 15.41 21.90 -11.99
C THR F 114 15.55 23.43 -12.03
N SER F 115 14.66 24.07 -12.79
CA SER F 115 14.52 25.52 -12.81
C SER F 115 13.79 25.95 -11.56
N GLY F 116 13.21 24.98 -10.86
CA GLY F 116 12.53 25.25 -9.60
C GLY F 116 13.49 25.74 -8.52
N GLY F 117 12.91 26.33 -7.47
CA GLY F 117 13.68 26.74 -6.32
C GLY F 117 13.68 25.63 -5.30
N ILE F 118 14.49 25.81 -4.25
CA ILE F 118 14.62 24.83 -3.17
C ILE F 118 13.27 24.37 -2.62
N ASP F 119 12.31 25.27 -2.54
CA ASP F 119 11.05 24.93 -1.90
C ASP F 119 10.17 24.01 -2.72
N THR F 120 10.03 24.25 -4.02
CA THR F 120 9.25 23.34 -4.84
C THR F 120 10.02 22.05 -5.09
N ALA F 121 11.34 22.12 -5.15
CA ALA F 121 12.15 20.94 -5.35
C ALA F 121 12.04 20.02 -4.12
N THR F 122 11.92 20.63 -2.94
CA THR F 122 11.80 19.84 -1.71
C THR F 122 10.48 19.07 -1.71
N ILE F 123 9.41 19.74 -2.11
CA ILE F 123 8.13 19.08 -2.26
C ILE F 123 8.16 17.93 -3.26
N ASN F 124 8.80 18.13 -4.40
CA ASN F 124 8.81 17.10 -5.42
C ASN F 124 9.64 15.89 -5.01
N LEU F 125 10.80 16.16 -4.39
CA LEU F 125 11.66 15.10 -3.87
C LEU F 125 10.98 14.21 -2.81
N LYS F 126 10.17 14.81 -1.94
CA LYS F 126 9.46 14.02 -0.93
C LYS F 126 8.62 12.93 -1.59
N ALA F 127 8.04 13.25 -2.76
CA ALA F 127 7.19 12.30 -3.48
C ALA F 127 8.00 11.10 -3.98
N LEU F 128 9.30 11.30 -4.12
CA LEU F 128 10.20 10.21 -4.46
C LEU F 128 10.81 9.59 -3.20
N LYS F 129 10.49 10.16 -2.04
CA LYS F 129 11.12 9.81 -0.77
C LYS F 129 12.62 10.07 -0.83
N LEU F 130 13.02 11.27 -1.27
CA LEU F 130 14.44 11.60 -1.31
C LEU F 130 14.67 12.86 -0.51
N ASP F 131 15.85 12.97 0.07
CA ASP F 131 16.21 14.18 0.82
C ASP F 131 17.22 15.04 0.03
N ILE F 132 16.87 16.30 -0.22
CA ILE F 132 17.71 17.18 -1.02
C ILE F 132 19.15 17.11 -0.59
N ASN F 133 19.36 16.96 0.71
CA ASN F 133 20.69 17.09 1.29
C ASN F 133 21.53 15.82 1.17
N LYS F 134 20.95 14.78 0.58
CA LYS F 134 21.62 13.49 0.42
C LYS F 134 21.70 13.08 -1.04
N ILE F 135 21.26 13.95 -1.94
CA ILE F 135 21.38 13.63 -3.35
C ILE F 135 22.14 14.69 -4.12
N ASN F 136 22.45 14.38 -5.38
CA ASN F 136 23.01 15.37 -6.25
C ASN F 136 21.86 16.12 -6.90
N ILE F 137 21.81 17.43 -6.70
CA ILE F 137 20.76 18.22 -7.28
C ILE F 137 21.22 19.63 -7.37
N VAL F 138 20.82 20.29 -8.45
CA VAL F 138 21.12 21.70 -8.63
C VAL F 138 19.79 22.38 -8.85
N THR F 139 19.61 23.56 -8.28
CA THR F 139 18.35 24.28 -8.41
C THR F 139 18.64 25.70 -8.85
N ARG F 140 17.57 26.42 -9.16
CA ARG F 140 17.61 27.80 -9.59
C ARG F 140 18.55 28.69 -8.78
N ASP F 141 18.67 28.41 -7.50
CA ASP F 141 19.55 29.14 -6.60
C ASP F 141 21.03 28.80 -6.80
N ASP F 142 21.31 27.84 -7.68
CA ASP F 142 22.68 27.36 -7.89
C ASP F 142 23.28 27.99 -9.13
N VAL F 143 22.45 28.69 -9.89
CA VAL F 143 22.90 29.23 -11.16
C VAL F 143 22.29 30.60 -11.40
N SER F 144 22.79 31.26 -12.43
CA SER F 144 22.35 32.60 -12.77
C SER F 144 21.13 32.59 -13.70
N TYR F 145 21.01 31.55 -14.51
CA TYR F 145 19.91 31.47 -15.46
C TYR F 145 19.36 30.04 -15.56
N GLY F 146 18.04 29.92 -15.62
CA GLY F 146 17.39 28.63 -15.76
C GLY F 146 17.25 28.21 -17.22
N LYS F 147 16.55 27.11 -17.46
CA LYS F 147 16.35 26.65 -18.83
C LYS F 147 15.53 27.71 -19.57
N PRO F 148 15.78 27.87 -20.88
CA PRO F 148 16.61 27.01 -21.73
C PRO F 148 18.14 27.26 -21.70
N ASP F 149 18.66 28.12 -20.84
CA ASP F 149 20.11 28.26 -20.67
C ASP F 149 20.68 26.94 -20.17
N PRO F 150 21.88 26.56 -20.65
CA PRO F 150 22.53 25.29 -20.27
C PRO F 150 23.15 25.30 -18.86
N ASP F 151 23.12 26.43 -18.16
CA ASP F 151 23.70 26.56 -16.82
C ASP F 151 23.40 25.39 -15.85
N LEU F 152 22.13 25.06 -15.68
CA LEU F 152 21.74 23.98 -14.76
C LEU F 152 22.40 22.65 -15.12
N PHE F 153 22.38 22.33 -16.40
CA PHE F 153 22.87 21.02 -16.84
C PHE F 153 24.38 21.01 -16.73
N LEU F 154 24.98 22.15 -17.02
CA LEU F 154 26.42 22.29 -16.85
C LEU F 154 26.80 22.14 -15.39
N ALA F 155 26.10 22.82 -14.49
CA ALA F 155 26.43 22.70 -13.08
C ALA F 155 26.18 21.27 -12.62
N ALA F 156 25.11 20.67 -13.13
CA ALA F 156 24.75 19.29 -12.77
C ALA F 156 25.82 18.26 -13.19
N ALA F 157 26.36 18.41 -14.39
CA ALA F 157 27.41 17.52 -14.86
C ALA F 157 28.67 17.73 -14.03
N LYS F 158 28.95 18.98 -13.71
CA LYS F 158 30.15 19.34 -12.97
C LYS F 158 30.07 18.68 -11.59
N LYS F 159 28.91 18.80 -10.94
CA LYS F 159 28.70 18.24 -9.62
C LYS F 159 28.95 16.74 -9.54
N ILE F 160 28.62 16.01 -10.59
CA ILE F 160 28.82 14.57 -10.59
C ILE F 160 30.09 14.15 -11.32
N GLY F 161 30.95 15.13 -11.58
CA GLY F 161 32.16 14.88 -12.35
C GLY F 161 31.87 14.09 -13.60
N ALA F 162 31.05 14.65 -14.48
CA ALA F 162 30.73 13.98 -15.73
C ALA F 162 30.87 14.94 -16.91
N PRO F 163 31.87 14.71 -17.78
CA PRO F 163 31.94 15.53 -18.99
C PRO F 163 30.58 15.59 -19.66
N ILE F 164 30.17 16.79 -20.07
CA ILE F 164 28.81 16.96 -20.56
C ILE F 164 28.57 16.05 -21.77
N ASP F 165 29.62 15.77 -22.53
CA ASP F 165 29.48 14.89 -23.69
C ASP F 165 29.24 13.42 -23.31
N GLU F 166 29.38 13.11 -22.03
CA GLU F 166 29.03 11.78 -21.54
C GLU F 166 27.65 11.80 -20.88
N CYS F 167 26.99 12.95 -20.97
CA CYS F 167 25.70 13.11 -20.29
C CYS F 167 24.49 12.83 -21.18
N LEU F 168 23.51 12.22 -20.55
CA LEU F 168 22.18 12.09 -21.12
C LEU F 168 21.25 12.98 -20.28
N VAL F 169 20.59 13.92 -20.95
CA VAL F 169 19.65 14.82 -20.29
C VAL F 169 18.24 14.28 -20.46
N ILE F 170 17.54 14.06 -19.35
CA ILE F 170 16.16 13.60 -19.43
C ILE F 170 15.22 14.65 -18.90
N GLY F 171 14.34 15.13 -19.78
CA GLY F 171 13.34 16.13 -19.42
C GLY F 171 12.02 15.91 -20.15
N ASP F 172 11.02 16.71 -19.83
CA ASP F 172 9.67 16.55 -20.39
C ASP F 172 9.26 17.76 -21.22
N ALA F 173 10.11 18.78 -21.26
CA ALA F 173 9.75 20.02 -21.95
C ALA F 173 10.78 20.47 -22.97
N ILE F 174 10.25 21.17 -23.98
CA ILE F 174 11.01 21.93 -24.95
C ILE F 174 12.25 22.54 -24.33
N TRP F 175 12.09 23.13 -23.16
CA TRP F 175 13.16 23.89 -22.50
C TRP F 175 14.30 23.02 -22.02
N ASP F 176 13.99 21.78 -21.65
CA ASP F 176 15.00 20.79 -21.33
C ASP F 176 15.85 20.42 -22.56
N MSE F 177 15.16 20.12 -23.67
CA MSE F 177 15.81 19.69 -24.92
C MSE F 177 16.66 20.81 -25.56
O MSE F 177 17.77 20.58 -26.03
CB MSE F 177 14.75 19.20 -25.90
CG MSE F 177 14.03 17.94 -25.46
SE MSE F 177 15.19 16.49 -24.75
CE MSE F 177 14.17 15.06 -25.41
N LEU F 178 16.13 22.03 -25.54
CA LEU F 178 16.88 23.20 -25.99
C LEU F 178 18.15 23.39 -25.16
N ALA F 179 18.03 23.27 -23.85
CA ALA F 179 19.16 23.48 -22.96
C ALA F 179 20.20 22.41 -23.20
N ALA F 180 19.74 21.17 -23.31
CA ALA F 180 20.61 20.05 -23.62
C ALA F 180 21.39 20.31 -24.91
N ARG F 181 20.67 20.53 -26.00
CA ARG F 181 21.35 20.78 -27.27
C ARG F 181 22.29 21.97 -27.16
N ARG F 182 21.94 22.97 -26.36
CA ARG F 182 22.76 24.17 -26.35
C ARG F 182 24.12 23.92 -25.72
N CYS F 183 24.21 22.94 -24.82
CA CYS F 183 25.52 22.53 -24.30
C CYS F 183 25.99 21.21 -24.92
N LYS F 184 25.38 20.86 -26.04
CA LYS F 184 25.80 19.72 -26.85
C LYS F 184 25.68 18.38 -26.14
N ALA F 185 24.79 18.27 -25.17
CA ALA F 185 24.53 16.95 -24.57
C ALA F 185 23.46 16.22 -25.40
N THR F 186 23.27 14.94 -25.11
CA THR F 186 22.22 14.18 -25.77
C THR F 186 20.95 14.36 -24.95
N GLY F 187 19.86 14.73 -25.64
CA GLY F 187 18.60 14.95 -24.98
C GLY F 187 17.62 13.82 -25.22
N VAL F 188 16.94 13.41 -24.15
CA VAL F 188 15.85 12.44 -24.26
C VAL F 188 14.60 13.03 -23.64
N GLY F 189 13.49 12.87 -24.36
CA GLY F 189 12.25 13.50 -24.01
C GLY F 189 11.23 12.53 -23.47
N LEU F 190 10.46 13.00 -22.50
CA LEU F 190 9.39 12.22 -21.89
C LEU F 190 8.04 12.92 -22.15
N LEU F 191 7.00 12.13 -22.41
CA LEU F 191 5.64 12.65 -22.60
C LEU F 191 4.95 13.10 -21.31
N SER F 192 5.51 12.72 -20.17
CA SER F 192 4.76 12.83 -18.91
C SER F 192 4.60 14.25 -18.36
N GLY F 193 5.15 15.25 -19.05
CA GLY F 193 4.96 16.65 -18.70
C GLY F 193 3.92 17.29 -19.62
N GLY F 194 3.41 16.49 -20.54
CA GLY F 194 2.34 16.93 -21.43
C GLY F 194 2.78 17.53 -22.76
N TYR F 195 4.08 17.57 -23.07
CA TYR F 195 4.50 17.94 -24.42
C TYR F 195 4.39 16.74 -25.37
N ASP F 196 4.24 16.98 -26.66
CA ASP F 196 4.08 15.87 -27.61
C ASP F 196 5.42 15.48 -28.24
N ILE F 197 5.47 14.30 -28.86
CA ILE F 197 6.73 13.81 -29.40
C ILE F 197 7.33 14.79 -30.42
N GLY F 198 6.50 15.31 -31.32
CA GLY F 198 6.93 16.27 -32.33
C GLY F 198 7.58 17.52 -31.76
N GLU F 199 6.93 18.14 -30.77
CA GLU F 199 7.48 19.30 -30.06
C GLU F 199 8.86 18.96 -29.50
N LEU F 200 8.93 17.82 -28.82
CA LEU F 200 10.17 17.37 -28.19
C LEU F 200 11.29 17.10 -29.23
N GLU F 201 10.92 16.50 -30.36
CA GLU F 201 11.94 16.20 -31.36
C GLU F 201 12.44 17.48 -31.99
N ARG F 202 11.52 18.35 -32.35
CA ARG F 202 11.90 19.61 -32.96
C ARG F 202 12.72 20.48 -32.01
N ALA F 203 12.64 20.21 -30.70
CA ALA F 203 13.43 20.94 -29.73
C ALA F 203 14.79 20.27 -29.44
N GLY F 204 15.06 19.11 -30.04
CA GLY F 204 16.34 18.47 -29.84
C GLY F 204 16.37 17.03 -29.36
N ALA F 205 15.22 16.48 -29.01
CA ALA F 205 15.17 15.12 -28.47
C ALA F 205 15.63 14.08 -29.48
N LEU F 206 16.56 13.21 -29.06
CA LEU F 206 17.05 12.15 -29.91
C LEU F 206 16.09 10.97 -29.88
N ARG F 207 15.45 10.78 -28.72
CA ARG F 207 14.44 9.75 -28.50
C ARG F 207 13.37 10.33 -27.57
N VAL F 208 12.14 9.88 -27.71
CA VAL F 208 11.07 10.23 -26.76
C VAL F 208 10.41 8.96 -26.23
N TYR F 209 10.20 8.93 -24.92
CA TYR F 209 9.49 7.85 -24.26
C TYR F 209 8.32 8.41 -23.46
N GLU F 210 7.41 7.52 -23.05
CA GLU F 210 6.20 7.93 -22.35
C GLU F 210 6.49 8.52 -20.98
N ASP F 211 7.25 7.77 -20.18
CA ASP F 211 7.48 8.11 -18.79
C ASP F 211 8.74 7.39 -18.33
N PRO F 212 9.11 7.54 -17.05
CA PRO F 212 10.37 6.91 -16.62
C PRO F 212 10.34 5.38 -16.72
N LEU F 213 9.17 4.76 -16.59
CA LEU F 213 9.05 3.31 -16.80
C LEU F 213 9.41 2.93 -18.23
N ASP F 214 8.89 3.71 -19.18
CA ASP F 214 9.10 3.42 -20.58
C ASP F 214 10.56 3.70 -20.93
N LEU F 215 11.10 4.80 -20.42
CA LEU F 215 12.53 5.03 -20.54
C LEU F 215 13.33 3.82 -19.99
N LEU F 216 12.98 3.37 -18.78
CA LEU F 216 13.72 2.29 -18.13
C LEU F 216 13.73 1.06 -19.02
N ASN F 217 12.58 0.75 -19.62
CA ASN F 217 12.47 -0.42 -20.47
C ASN F 217 13.27 -0.28 -21.77
N HIS F 218 13.80 0.90 -22.04
CA HIS F 218 14.62 1.09 -23.25
C HIS F 218 15.98 1.69 -22.95
N LEU F 219 16.42 1.55 -21.72
CA LEU F 219 17.67 2.15 -21.31
C LEU F 219 18.83 1.89 -22.30
N ASP F 220 18.86 0.68 -22.88
CA ASP F 220 19.94 0.27 -23.77
C ASP F 220 19.97 0.98 -25.11
N GLU F 221 18.84 1.55 -25.51
CA GLU F 221 18.77 2.34 -26.75
C GLU F 221 19.60 3.62 -26.65
N ILE F 222 19.66 4.21 -25.45
CA ILE F 222 20.24 5.56 -25.32
C ILE F 222 21.39 5.69 -24.34
N ALA F 223 21.66 4.65 -23.56
CA ALA F 223 22.73 4.77 -22.57
C ALA F 223 23.65 3.56 -22.56
N SER F 224 24.92 3.82 -22.23
CA SER F 224 25.89 2.75 -22.04
C SER F 224 26.03 2.50 -20.53
CA CA G . 2.03 -27.87 -9.29
CA CA H . -12.16 19.46 -26.24
CA CA I . 0.45 18.85 -25.11
CA CA J . -0.33 8.00 28.98
CA CA K . -13.00 10.28 26.24
CA CA L . -23.31 4.67 21.73
CA CA M . 23.37 -23.90 1.67
CA CA N . 11.78 -28.85 -1.03
CA CA O . 9.76 19.80 -16.24
#